data_7EMT
# 
_entry.id   7EMT 
# 
_audit_conform.dict_name       mmcif_pdbx.dic 
_audit_conform.dict_version    5.380 
_audit_conform.dict_location   http://mmcif.pdb.org/dictionaries/ascii/mmcif_pdbx.dic 
# 
loop_
_database_2.database_id 
_database_2.database_code 
_database_2.pdbx_database_accession 
_database_2.pdbx_DOI 
PDB   7EMT         pdb_00007emt 10.2210/pdb7emt/pdb 
WWPDB D_1300021673 ?            ?                   
# 
_pdbx_database_status.status_code                     REL 
_pdbx_database_status.status_code_sf                  REL 
_pdbx_database_status.status_code_mr                  ? 
_pdbx_database_status.entry_id                        7EMT 
_pdbx_database_status.recvd_initial_deposition_date   2021-04-14 
_pdbx_database_status.SG_entry                        N 
_pdbx_database_status.deposit_site                    PDBJ 
_pdbx_database_status.process_site                    PDBJ 
_pdbx_database_status.status_code_cs                  ? 
_pdbx_database_status.status_code_nmr_data            ? 
_pdbx_database_status.methods_development_category    ? 
_pdbx_database_status.pdb_format_compatible           Y 
# 
loop_
_audit_author.name 
_audit_author.pdbx_ordinal 
_audit_author.identifier_ORCID 
'Shisaka, Y.'    1 0000-0003-4270-886X 
'Sakakibara, E.' 2 0000-0002-5424-2588 
'Sugimoto, H.'   3 0000-0002-3140-8362 
'Shoji, O.'      4 0000-0003-3522-0065 
# 
_citation.abstract                  ? 
_citation.abstract_id_CAS           ? 
_citation.book_id_ISBN              ? 
_citation.book_publisher            ? 
_citation.book_publisher_city       ? 
_citation.book_title                ? 
_citation.coordinate_linkage        ? 
_citation.country                   GE 
_citation.database_id_Medline       ? 
_citation.details                   ? 
_citation.id                        primary 
_citation.journal_abbrev            Chembiochem 
_citation.journal_id_ASTM           ? 
_citation.journal_id_CSD            ? 
_citation.journal_id_ISSN           1439-7633 
_citation.journal_full              ? 
_citation.journal_issue             ? 
_citation.journal_volume            23 
_citation.language                  ? 
_citation.page_first                e202200095 
_citation.page_last                 e202200095 
_citation.title                     
'Tetraphenylporphyrin Enters the Ring: First Example of a Complex between Highly Bulky Porphyrins and a Protein.' 
_citation.year                      2022 
_citation.database_id_CSD           ? 
_citation.pdbx_database_id_DOI      10.1002/cbic.202200095 
_citation.pdbx_database_id_PubMed   35352458 
_citation.pdbx_database_id_patent   ? 
_citation.unpublished_flag          ? 
# 
loop_
_citation_author.citation_id 
_citation_author.name 
_citation_author.ordinal 
_citation_author.identifier_ORCID 
primary 'Shisaka, Y.'     1 0000-0003-4270-886X 
primary 'Sakakibara, E.'  2 0000-0002-5424-2588 
primary 'Suzuki, K.'      3 0000-0002-7351-3531 
primary 'Stanfield, J.K.' 4 0000-0002-2428-2036 
primary 'Onoda, H.'       5 0000-0002-5031-4919 
primary 'Ueda, G.'        6 ?                   
primary 'Hatano, M.'      7 ?                   
primary 'Sugimoto, H.'    8 0000-0002-3140-8362 
primary 'Shoji, O.'       9 0000-0003-3522-0065 
# 
_cell.angle_alpha                  90.000 
_cell.angle_alpha_esd              ? 
_cell.angle_beta                   90.000 
_cell.angle_beta_esd               ? 
_cell.angle_gamma                  90.000 
_cell.angle_gamma_esd              ? 
_cell.entry_id                     7EMT 
_cell.details                      ? 
_cell.formula_units_Z              ? 
_cell.length_a                     50.978 
_cell.length_a_esd                 ? 
_cell.length_b                     60.757 
_cell.length_b_esd                 ? 
_cell.length_c                     64.229 
_cell.length_c_esd                 ? 
_cell.volume                       ? 
_cell.volume_esd                   ? 
_cell.Z_PDB                        4 
_cell.reciprocal_angle_alpha       ? 
_cell.reciprocal_angle_beta        ? 
_cell.reciprocal_angle_gamma       ? 
_cell.reciprocal_angle_alpha_esd   ? 
_cell.reciprocal_angle_beta_esd    ? 
_cell.reciprocal_angle_gamma_esd   ? 
_cell.reciprocal_length_a          ? 
_cell.reciprocal_length_b          ? 
_cell.reciprocal_length_c          ? 
_cell.reciprocal_length_a_esd      ? 
_cell.reciprocal_length_b_esd      ? 
_cell.reciprocal_length_c_esd      ? 
_cell.pdbx_unique_axis             ? 
# 
_symmetry.entry_id                         7EMT 
_symmetry.cell_setting                     ? 
_symmetry.Int_Tables_number                19 
_symmetry.space_group_name_Hall            ? 
_symmetry.space_group_name_H-M             'P 21 21 21' 
_symmetry.pdbx_full_space_group_name_H-M   ? 
# 
loop_
_entity.id 
_entity.type 
_entity.src_method 
_entity.pdbx_description 
_entity.formula_weight 
_entity.pdbx_number_of_molecules 
_entity.pdbx_ec 
_entity.pdbx_mutation 
_entity.pdbx_fragment 
_entity.details 
1 polymer     man 'Heme acquisition protein HasAp'                                               18788.377 1  ? V37G ? ? 
2 non-polymer syn '[5,10,15,20-tetraphenylporphyrinato(2-)-kappa~4~N~21~,N~22~,N~23~,N~24~]iron' 668.565   1  ? ?    ? ? 
3 water       nat water                                                                          18.015    32 ? ?    ? ? 
# 
_entity_poly.entity_id                      1 
_entity_poly.type                           'polypeptide(L)' 
_entity_poly.nstd_linkage                   no 
_entity_poly.nstd_monomer                   no 
_entity_poly.pdbx_seq_one_letter_code       
;MSISISYSTTYSGWTVADYLADWSAYFGDVNHRPGQGVDGSNTGGFNPGPFDGSQYALKSTASDAAFIAGGDLHYTLFSN
PSHTLWGKLDSIALGDTLTGGASSGGYALDSQEVSFSNLGLDSPIAQGRDGTVHKVVYGLMSGDSSALQGQIDALLKAVD
PSLSINSTFDQLAAAGVAHATPA
;
_entity_poly.pdbx_seq_one_letter_code_can   
;MSISISYSTTYSGWTVADYLADWSAYFGDVNHRPGQGVDGSNTGGFNPGPFDGSQYALKSTASDAAFIAGGDLHYTLFSN
PSHTLWGKLDSIALGDTLTGGASSGGYALDSQEVSFSNLGLDSPIAQGRDGTVHKVVYGLMSGDSSALQGQIDALLKAVD
PSLSINSTFDQLAAAGVAHATPA
;
_entity_poly.pdbx_strand_id                 A 
_entity_poly.pdbx_target_identifier         ? 
# 
loop_
_entity_poly_seq.entity_id 
_entity_poly_seq.num 
_entity_poly_seq.mon_id 
_entity_poly_seq.hetero 
1 1   MET n 
1 2   SER n 
1 3   ILE n 
1 4   SER n 
1 5   ILE n 
1 6   SER n 
1 7   TYR n 
1 8   SER n 
1 9   THR n 
1 10  THR n 
1 11  TYR n 
1 12  SER n 
1 13  GLY n 
1 14  TRP n 
1 15  THR n 
1 16  VAL n 
1 17  ALA n 
1 18  ASP n 
1 19  TYR n 
1 20  LEU n 
1 21  ALA n 
1 22  ASP n 
1 23  TRP n 
1 24  SER n 
1 25  ALA n 
1 26  TYR n 
1 27  PHE n 
1 28  GLY n 
1 29  ASP n 
1 30  VAL n 
1 31  ASN n 
1 32  HIS n 
1 33  ARG n 
1 34  PRO n 
1 35  GLY n 
1 36  GLN n 
1 37  GLY n 
1 38  VAL n 
1 39  ASP n 
1 40  GLY n 
1 41  SER n 
1 42  ASN n 
1 43  THR n 
1 44  GLY n 
1 45  GLY n 
1 46  PHE n 
1 47  ASN n 
1 48  PRO n 
1 49  GLY n 
1 50  PRO n 
1 51  PHE n 
1 52  ASP n 
1 53  GLY n 
1 54  SER n 
1 55  GLN n 
1 56  TYR n 
1 57  ALA n 
1 58  LEU n 
1 59  LYS n 
1 60  SER n 
1 61  THR n 
1 62  ALA n 
1 63  SER n 
1 64  ASP n 
1 65  ALA n 
1 66  ALA n 
1 67  PHE n 
1 68  ILE n 
1 69  ALA n 
1 70  GLY n 
1 71  GLY n 
1 72  ASP n 
1 73  LEU n 
1 74  HIS n 
1 75  TYR n 
1 76  THR n 
1 77  LEU n 
1 78  PHE n 
1 79  SER n 
1 80  ASN n 
1 81  PRO n 
1 82  SER n 
1 83  HIS n 
1 84  THR n 
1 85  LEU n 
1 86  TRP n 
1 87  GLY n 
1 88  LYS n 
1 89  LEU n 
1 90  ASP n 
1 91  SER n 
1 92  ILE n 
1 93  ALA n 
1 94  LEU n 
1 95  GLY n 
1 96  ASP n 
1 97  THR n 
1 98  LEU n 
1 99  THR n 
1 100 GLY n 
1 101 GLY n 
1 102 ALA n 
1 103 SER n 
1 104 SER n 
1 105 GLY n 
1 106 GLY n 
1 107 TYR n 
1 108 ALA n 
1 109 LEU n 
1 110 ASP n 
1 111 SER n 
1 112 GLN n 
1 113 GLU n 
1 114 VAL n 
1 115 SER n 
1 116 PHE n 
1 117 SER n 
1 118 ASN n 
1 119 LEU n 
1 120 GLY n 
1 121 LEU n 
1 122 ASP n 
1 123 SER n 
1 124 PRO n 
1 125 ILE n 
1 126 ALA n 
1 127 GLN n 
1 128 GLY n 
1 129 ARG n 
1 130 ASP n 
1 131 GLY n 
1 132 THR n 
1 133 VAL n 
1 134 HIS n 
1 135 LYS n 
1 136 VAL n 
1 137 VAL n 
1 138 TYR n 
1 139 GLY n 
1 140 LEU n 
1 141 MET n 
1 142 SER n 
1 143 GLY n 
1 144 ASP n 
1 145 SER n 
1 146 SER n 
1 147 ALA n 
1 148 LEU n 
1 149 GLN n 
1 150 GLY n 
1 151 GLN n 
1 152 ILE n 
1 153 ASP n 
1 154 ALA n 
1 155 LEU n 
1 156 LEU n 
1 157 LYS n 
1 158 ALA n 
1 159 VAL n 
1 160 ASP n 
1 161 PRO n 
1 162 SER n 
1 163 LEU n 
1 164 SER n 
1 165 ILE n 
1 166 ASN n 
1 167 SER n 
1 168 THR n 
1 169 PHE n 
1 170 ASP n 
1 171 GLN n 
1 172 LEU n 
1 173 ALA n 
1 174 ALA n 
1 175 ALA n 
1 176 GLY n 
1 177 VAL n 
1 178 ALA n 
1 179 HIS n 
1 180 ALA n 
1 181 THR n 
1 182 PRO n 
1 183 ALA n 
# 
_entity_src_gen.entity_id                          1 
_entity_src_gen.pdbx_src_id                        1 
_entity_src_gen.pdbx_alt_source_flag               sample 
_entity_src_gen.pdbx_seq_type                      'Biological sequence' 
_entity_src_gen.pdbx_beg_seq_num                   1 
_entity_src_gen.pdbx_end_seq_num                   183 
_entity_src_gen.gene_src_common_name               ? 
_entity_src_gen.gene_src_genus                     ? 
_entity_src_gen.pdbx_gene_src_gene                 'hasAp, PA3407' 
_entity_src_gen.gene_src_species                   ? 
_entity_src_gen.gene_src_strain                    ? 
_entity_src_gen.gene_src_tissue                    ? 
_entity_src_gen.gene_src_tissue_fraction           ? 
_entity_src_gen.gene_src_details                   ? 
_entity_src_gen.pdbx_gene_src_fragment             ? 
_entity_src_gen.pdbx_gene_src_scientific_name      'Pseudomonas aeruginosa str. PAO1' 
_entity_src_gen.pdbx_gene_src_ncbi_taxonomy_id     208964 
_entity_src_gen.pdbx_gene_src_variant              ? 
_entity_src_gen.pdbx_gene_src_cell_line            ? 
_entity_src_gen.pdbx_gene_src_atcc                 ? 
_entity_src_gen.pdbx_gene_src_organ                ? 
_entity_src_gen.pdbx_gene_src_organelle            ? 
_entity_src_gen.pdbx_gene_src_cell                 ? 
_entity_src_gen.pdbx_gene_src_cellular_location    ? 
_entity_src_gen.host_org_common_name               ? 
_entity_src_gen.pdbx_host_org_scientific_name      'Escherichia coli M15' 
_entity_src_gen.pdbx_host_org_ncbi_taxonomy_id     1007065 
_entity_src_gen.host_org_genus                     ? 
_entity_src_gen.pdbx_host_org_gene                 ? 
_entity_src_gen.pdbx_host_org_organ                ? 
_entity_src_gen.host_org_species                   ? 
_entity_src_gen.pdbx_host_org_tissue               ? 
_entity_src_gen.pdbx_host_org_tissue_fraction      ? 
_entity_src_gen.pdbx_host_org_strain               ? 
_entity_src_gen.pdbx_host_org_variant              ? 
_entity_src_gen.pdbx_host_org_cell_line            ? 
_entity_src_gen.pdbx_host_org_atcc                 ? 
_entity_src_gen.pdbx_host_org_culture_collection   ? 
_entity_src_gen.pdbx_host_org_cell                 ? 
_entity_src_gen.pdbx_host_org_organelle            ? 
_entity_src_gen.pdbx_host_org_cellular_location    ? 
_entity_src_gen.pdbx_host_org_vector_type          plasmid 
_entity_src_gen.pdbx_host_org_vector               ? 
_entity_src_gen.host_org_details                   ? 
_entity_src_gen.expression_system_id               ? 
_entity_src_gen.plasmid_name                       pQE30 
_entity_src_gen.plasmid_details                    ? 
_entity_src_gen.pdbx_description                   ? 
# 
_struct_ref.id                         1 
_struct_ref.db_name                    UNP 
_struct_ref.db_code                    G3XD33_PSEAE 
_struct_ref.pdbx_db_accession          G3XD33 
_struct_ref.pdbx_db_isoform            ? 
_struct_ref.entity_id                  1 
_struct_ref.pdbx_seq_one_letter_code   
;MSISISYSTTYSGWTVADYLADWSAYFGDVNHRPGQVVDGSNTGGFNPGPFDGSQYALKSTASDAAFIAGGDLHYTLFSN
PSHTLWGKLDSIALGDTLTGGASSGGYALDSQEVSFSNLGLDSPIAQGRDGTVHKVVYGLMSGDSSALQGQIDALLKAVD
PSLSINSTFDQLAAAGVAHATPA
;
_struct_ref.pdbx_align_begin           1 
# 
_struct_ref_seq.align_id                      1 
_struct_ref_seq.ref_id                        1 
_struct_ref_seq.pdbx_PDB_id_code              7EMT 
_struct_ref_seq.pdbx_strand_id                A 
_struct_ref_seq.seq_align_beg                 1 
_struct_ref_seq.pdbx_seq_align_beg_ins_code   ? 
_struct_ref_seq.seq_align_end                 183 
_struct_ref_seq.pdbx_seq_align_end_ins_code   ? 
_struct_ref_seq.pdbx_db_accession             G3XD33 
_struct_ref_seq.db_align_beg                  1 
_struct_ref_seq.pdbx_db_align_beg_ins_code    ? 
_struct_ref_seq.db_align_end                  183 
_struct_ref_seq.pdbx_db_align_end_ins_code    ? 
_struct_ref_seq.pdbx_auth_seq_align_beg       1 
_struct_ref_seq.pdbx_auth_seq_align_end       183 
# 
_struct_ref_seq_dif.align_id                     1 
_struct_ref_seq_dif.pdbx_pdb_id_code             7EMT 
_struct_ref_seq_dif.mon_id                       GLY 
_struct_ref_seq_dif.pdbx_pdb_strand_id           A 
_struct_ref_seq_dif.seq_num                      37 
_struct_ref_seq_dif.pdbx_pdb_ins_code            ? 
_struct_ref_seq_dif.pdbx_seq_db_name             UNP 
_struct_ref_seq_dif.pdbx_seq_db_accession_code   G3XD33 
_struct_ref_seq_dif.db_mon_id                    VAL 
_struct_ref_seq_dif.pdbx_seq_db_seq_num          37 
_struct_ref_seq_dif.details                      'engineered mutation' 
_struct_ref_seq_dif.pdbx_auth_seq_num            37 
_struct_ref_seq_dif.pdbx_ordinal                 1 
# 
loop_
_chem_comp.id 
_chem_comp.type 
_chem_comp.mon_nstd_flag 
_chem_comp.name 
_chem_comp.pdbx_synonyms 
_chem_comp.formula 
_chem_comp.formula_weight 
ALA 'L-peptide linking' y ALANINE                                                                        ? 'C3 H7 N O2'     89.093 
ARG 'L-peptide linking' y ARGININE                                                                       ? 'C6 H15 N4 O2 1' 
175.209 
ASN 'L-peptide linking' y ASPARAGINE                                                                     ? 'C4 H8 N2 O3'    
132.118 
ASP 'L-peptide linking' y 'ASPARTIC ACID'                                                                ? 'C4 H7 N O4'     
133.103 
GLN 'L-peptide linking' y GLUTAMINE                                                                      ? 'C5 H10 N2 O3'   
146.144 
GLU 'L-peptide linking' y 'GLUTAMIC ACID'                                                                ? 'C5 H9 N O4'     
147.129 
GLY 'peptide linking'   y GLYCINE                                                                        ? 'C2 H5 N O2'     75.067 
HIS 'L-peptide linking' y HISTIDINE                                                                      ? 'C6 H10 N3 O2 1' 
156.162 
HOH non-polymer         . WATER                                                                          ? 'H2 O'           18.015 
ILE 'L-peptide linking' y ISOLEUCINE                                                                     ? 'C6 H13 N O2'    
131.173 
LEU 'L-peptide linking' y LEUCINE                                                                        ? 'C6 H13 N O2'    
131.173 
LYS 'L-peptide linking' y LYSINE                                                                         ? 'C6 H15 N2 O2 1' 
147.195 
MET 'L-peptide linking' y METHIONINE                                                                     ? 'C5 H11 N O2 S'  
149.211 
MQP non-polymer         . '[5,10,15,20-tetraphenylporphyrinato(2-)-kappa~4~N~21~,N~22~,N~23~,N~24~]iron' 
Fe-5,10,15,20-Tetraphenylporphyrin 'C44 H28 Fe N4'  668.565 
PHE 'L-peptide linking' y PHENYLALANINE                                                                  ? 'C9 H11 N O2'    
165.189 
PRO 'L-peptide linking' y PROLINE                                                                        ? 'C5 H9 N O2'     
115.130 
SER 'L-peptide linking' y SERINE                                                                         ? 'C3 H7 N O3'     
105.093 
THR 'L-peptide linking' y THREONINE                                                                      ? 'C4 H9 N O3'     
119.119 
TRP 'L-peptide linking' y TRYPTOPHAN                                                                     ? 'C11 H12 N2 O2'  
204.225 
TYR 'L-peptide linking' y TYROSINE                                                                       ? 'C9 H11 N O3'    
181.189 
VAL 'L-peptide linking' y VALINE                                                                         ? 'C5 H11 N O2'    
117.146 
# 
_exptl.absorpt_coefficient_mu     ? 
_exptl.absorpt_correction_T_max   ? 
_exptl.absorpt_correction_T_min   ? 
_exptl.absorpt_correction_type    ? 
_exptl.absorpt_process_details    ? 
_exptl.entry_id                   7EMT 
_exptl.crystals_number            1 
_exptl.details                    ? 
_exptl.method                     'X-RAY DIFFRACTION' 
_exptl.method_details             ? 
# 
_exptl_crystal.colour                      ? 
_exptl_crystal.density_diffrn              ? 
_exptl_crystal.density_Matthews            2.79 
_exptl_crystal.density_method              ? 
_exptl_crystal.density_percent_sol         55.88 
_exptl_crystal.description                 ? 
_exptl_crystal.F_000                       ? 
_exptl_crystal.id                          1 
_exptl_crystal.preparation                 ? 
_exptl_crystal.size_max                    ? 
_exptl_crystal.size_mid                    ? 
_exptl_crystal.size_min                    ? 
_exptl_crystal.size_rad                    ? 
_exptl_crystal.colour_lustre               ? 
_exptl_crystal.colour_modifier             ? 
_exptl_crystal.colour_primary              ? 
_exptl_crystal.density_meas                ? 
_exptl_crystal.density_meas_esd            ? 
_exptl_crystal.density_meas_gt             ? 
_exptl_crystal.density_meas_lt             ? 
_exptl_crystal.density_meas_temp           ? 
_exptl_crystal.density_meas_temp_esd       ? 
_exptl_crystal.density_meas_temp_gt        ? 
_exptl_crystal.density_meas_temp_lt        ? 
_exptl_crystal.pdbx_crystal_image_url      ? 
_exptl_crystal.pdbx_crystal_image_format   ? 
_exptl_crystal.pdbx_mosaicity              0.160 
_exptl_crystal.pdbx_mosaicity_esd          ? 
# 
_exptl_crystal_grow.apparatus       ? 
_exptl_crystal_grow.atmosphere      ? 
_exptl_crystal_grow.crystal_id      1 
_exptl_crystal_grow.details         ? 
_exptl_crystal_grow.method          'VAPOR DIFFUSION, SITTING DROP' 
_exptl_crystal_grow.method_ref      ? 
_exptl_crystal_grow.pH              3.6 
_exptl_crystal_grow.pressure        ? 
_exptl_crystal_grow.pressure_esd    ? 
_exptl_crystal_grow.seeding         ? 
_exptl_crystal_grow.seeding_ref     ? 
_exptl_crystal_grow.temp            293 
_exptl_crystal_grow.temp_details    ? 
_exptl_crystal_grow.temp_esd        ? 
_exptl_crystal_grow.time            ? 
_exptl_crystal_grow.pdbx_details    '50mM Citric acid/NaOH (pH 3.6), 10% PEG 1000' 
_exptl_crystal_grow.pdbx_pH_range   ? 
# 
_diffrn.ambient_environment              ? 
_diffrn.ambient_temp                     100 
_diffrn.ambient_temp_details             ? 
_diffrn.ambient_temp_esd                 ? 
_diffrn.crystal_id                       1 
_diffrn.crystal_support                  ? 
_diffrn.crystal_treatment                ? 
_diffrn.details                          ? 
_diffrn.id                               1 
_diffrn.ambient_pressure                 ? 
_diffrn.ambient_pressure_esd             ? 
_diffrn.ambient_pressure_gt              ? 
_diffrn.ambient_pressure_lt              ? 
_diffrn.ambient_temp_gt                  ? 
_diffrn.ambient_temp_lt                  ? 
_diffrn.pdbx_serial_crystal_experiment   N 
# 
_diffrn_detector.details                      ? 
_diffrn_detector.detector                     PIXEL 
_diffrn_detector.diffrn_id                    1 
_diffrn_detector.type                         'DECTRIS EIGER X 4M' 
_diffrn_detector.area_resol_mean              ? 
_diffrn_detector.dtime                        ? 
_diffrn_detector.pdbx_frames_total            ? 
_diffrn_detector.pdbx_collection_time_total   ? 
_diffrn_detector.pdbx_collection_date         2019-07-26 
_diffrn_detector.pdbx_frequency               ? 
# 
_diffrn_radiation.collimation                      ? 
_diffrn_radiation.diffrn_id                        1 
_diffrn_radiation.filter_edge                      ? 
_diffrn_radiation.inhomogeneity                    ? 
_diffrn_radiation.monochromator                    'Si 111 CHANNEL' 
_diffrn_radiation.polarisn_norm                    ? 
_diffrn_radiation.polarisn_ratio                   ? 
_diffrn_radiation.probe                            ? 
_diffrn_radiation.type                             ? 
_diffrn_radiation.xray_symbol                      ? 
_diffrn_radiation.wavelength_id                    1 
_diffrn_radiation.pdbx_monochromatic_or_laue_m_l   M 
_diffrn_radiation.pdbx_wavelength_list             ? 
_diffrn_radiation.pdbx_wavelength                  ? 
_diffrn_radiation.pdbx_diffrn_protocol             'SINGLE WAVELENGTH' 
_diffrn_radiation.pdbx_analyzer                    ? 
_diffrn_radiation.pdbx_scattering_type             x-ray 
# 
_diffrn_radiation_wavelength.id           1 
_diffrn_radiation_wavelength.wavelength   1.000 
_diffrn_radiation_wavelength.wt           1.0 
# 
_diffrn_source.current                     ? 
_diffrn_source.details                     ? 
_diffrn_source.diffrn_id                   1 
_diffrn_source.power                       ? 
_diffrn_source.size                        ? 
_diffrn_source.source                      SYNCHROTRON 
_diffrn_source.target                      ? 
_diffrn_source.type                        'SPRING-8 BEAMLINE BL26B1' 
_diffrn_source.voltage                     ? 
_diffrn_source.take-off_angle              ? 
_diffrn_source.pdbx_wavelength_list        1.000 
_diffrn_source.pdbx_wavelength             ? 
_diffrn_source.pdbx_synchrotron_beamline   BL26B1 
_diffrn_source.pdbx_synchrotron_site       SPring-8 
# 
_reflns.B_iso_Wilson_estimate                          ? 
_reflns.entry_id                                       7EMT 
_reflns.data_reduction_details                         ? 
_reflns.data_reduction_method                          ? 
_reflns.d_resolution_high                              1.800 
_reflns.d_resolution_low                               44.140 
_reflns.details                                        ? 
_reflns.limit_h_max                                    ? 
_reflns.limit_h_min                                    ? 
_reflns.limit_k_max                                    ? 
_reflns.limit_k_min                                    ? 
_reflns.limit_l_max                                    ? 
_reflns.limit_l_min                                    ? 
_reflns.number_all                                     ? 
_reflns.number_obs                                     19112 
_reflns.observed_criterion                             ? 
_reflns.observed_criterion_F_max                       ? 
_reflns.observed_criterion_F_min                       ? 
_reflns.observed_criterion_I_max                       ? 
_reflns.observed_criterion_I_min                       ? 
_reflns.observed_criterion_sigma_F                     ? 
_reflns.observed_criterion_sigma_I                     ? 
_reflns.percent_possible_obs                           100.000 
_reflns.R_free_details                                 ? 
_reflns.Rmerge_F_all                                   ? 
_reflns.Rmerge_F_obs                                   ? 
_reflns.Friedel_coverage                               ? 
_reflns.number_gt                                      ? 
_reflns.threshold_expression                           ? 
_reflns.pdbx_redundancy                                13.200 
_reflns.pdbx_Rmerge_I_obs                              0.040 
_reflns.pdbx_Rmerge_I_all                              ? 
_reflns.pdbx_Rsym_value                                ? 
_reflns.pdbx_netI_over_av_sigmaI                       ? 
_reflns.pdbx_netI_over_sigmaI                          29.800 
_reflns.pdbx_res_netI_over_av_sigmaI_2                 ? 
_reflns.pdbx_res_netI_over_sigmaI_2                    ? 
_reflns.pdbx_chi_squared                               ? 
_reflns.pdbx_scaling_rejects                           ? 
_reflns.pdbx_d_res_high_opt                            ? 
_reflns.pdbx_d_res_low_opt                             ? 
_reflns.pdbx_d_res_opt_method                          ? 
_reflns.phase_calculation_details                      ? 
_reflns.pdbx_Rrim_I_all                                0.041 
_reflns.pdbx_Rpim_I_all                                0.011 
_reflns.pdbx_d_opt                                     ? 
_reflns.pdbx_number_measured_all                       252813 
_reflns.pdbx_diffrn_id                                 1 
_reflns.pdbx_ordinal                                   1 
_reflns.pdbx_CC_half                                   1.000 
_reflns.pdbx_CC_star                                   ? 
_reflns.pdbx_R_split                                   ? 
_reflns.pdbx_aniso_diffraction_limit_axis_1_ortho[1]   ? 
_reflns.pdbx_aniso_diffraction_limit_axis_1_ortho[2]   ? 
_reflns.pdbx_aniso_diffraction_limit_axis_1_ortho[3]   ? 
_reflns.pdbx_aniso_diffraction_limit_axis_2_ortho[1]   ? 
_reflns.pdbx_aniso_diffraction_limit_axis_2_ortho[2]   ? 
_reflns.pdbx_aniso_diffraction_limit_axis_2_ortho[3]   ? 
_reflns.pdbx_aniso_diffraction_limit_axis_3_ortho[1]   ? 
_reflns.pdbx_aniso_diffraction_limit_axis_3_ortho[2]   ? 
_reflns.pdbx_aniso_diffraction_limit_axis_3_ortho[3]   ? 
_reflns.pdbx_aniso_diffraction_limit_1                 ? 
_reflns.pdbx_aniso_diffraction_limit_2                 ? 
_reflns.pdbx_aniso_diffraction_limit_3                 ? 
_reflns.pdbx_aniso_B_tensor_eigenvector_1_ortho[1]     ? 
_reflns.pdbx_aniso_B_tensor_eigenvector_1_ortho[2]     ? 
_reflns.pdbx_aniso_B_tensor_eigenvector_1_ortho[3]     ? 
_reflns.pdbx_aniso_B_tensor_eigenvector_2_ortho[1]     ? 
_reflns.pdbx_aniso_B_tensor_eigenvector_2_ortho[2]     ? 
_reflns.pdbx_aniso_B_tensor_eigenvector_2_ortho[3]     ? 
_reflns.pdbx_aniso_B_tensor_eigenvector_3_ortho[1]     ? 
_reflns.pdbx_aniso_B_tensor_eigenvector_3_ortho[2]     ? 
_reflns.pdbx_aniso_B_tensor_eigenvector_3_ortho[3]     ? 
_reflns.pdbx_aniso_B_tensor_eigenvalue_1               ? 
_reflns.pdbx_aniso_B_tensor_eigenvalue_2               ? 
_reflns.pdbx_aniso_B_tensor_eigenvalue_3               ? 
_reflns.pdbx_orthogonalization_convention              ? 
_reflns.pdbx_percent_possible_ellipsoidal              ? 
_reflns.pdbx_percent_possible_spherical                ? 
_reflns.pdbx_percent_possible_ellipsoidal_anomalous    ? 
_reflns.pdbx_percent_possible_spherical_anomalous      ? 
_reflns.pdbx_redundancy_anomalous                      ? 
_reflns.pdbx_CC_half_anomalous                         ? 
_reflns.pdbx_absDiff_over_sigma_anomalous              ? 
_reflns.pdbx_percent_possible_anomalous                ? 
_reflns.pdbx_observed_signal_threshold                 ? 
_reflns.pdbx_signal_type                               ? 
_reflns.pdbx_signal_details                            ? 
_reflns.pdbx_signal_software_id                        ? 
# 
loop_
_reflns_shell.d_res_high 
_reflns_shell.d_res_low 
_reflns_shell.meanI_over_sigI_all 
_reflns_shell.meanI_over_sigI_obs 
_reflns_shell.number_measured_all 
_reflns_shell.number_measured_obs 
_reflns_shell.number_possible 
_reflns_shell.number_unique_all 
_reflns_shell.number_unique_obs 
_reflns_shell.percent_possible_all 
_reflns_shell.percent_possible_obs 
_reflns_shell.Rmerge_F_all 
_reflns_shell.Rmerge_F_obs 
_reflns_shell.Rmerge_I_all 
_reflns_shell.Rmerge_I_obs 
_reflns_shell.meanI_over_sigI_gt 
_reflns_shell.meanI_over_uI_all 
_reflns_shell.meanI_over_uI_gt 
_reflns_shell.number_measured_gt 
_reflns_shell.number_unique_gt 
_reflns_shell.percent_possible_gt 
_reflns_shell.Rmerge_F_gt 
_reflns_shell.Rmerge_I_gt 
_reflns_shell.pdbx_redundancy 
_reflns_shell.pdbx_Rsym_value 
_reflns_shell.pdbx_chi_squared 
_reflns_shell.pdbx_netI_over_sigmaI_all 
_reflns_shell.pdbx_netI_over_sigmaI_obs 
_reflns_shell.pdbx_Rrim_I_all 
_reflns_shell.pdbx_Rpim_I_all 
_reflns_shell.pdbx_rejects 
_reflns_shell.pdbx_ordinal 
_reflns_shell.pdbx_diffrn_id 
_reflns_shell.pdbx_CC_half 
_reflns_shell.pdbx_CC_star 
_reflns_shell.pdbx_R_split 
_reflns_shell.pdbx_percent_possible_ellipsoidal 
_reflns_shell.pdbx_percent_possible_spherical 
_reflns_shell.pdbx_percent_possible_ellipsoidal_anomalous 
_reflns_shell.pdbx_percent_possible_spherical_anomalous 
_reflns_shell.pdbx_redundancy_anomalous 
_reflns_shell.pdbx_CC_half_anomalous 
_reflns_shell.pdbx_absDiff_over_sigma_anomalous 
_reflns_shell.pdbx_percent_possible_anomalous 
1.800 1.840  ? ? 13177 ? ? ? 1099 99.600 ? ? ? ? 2.417 ? ? ? ? ? ? ? ? 12.000 ? ? ? 1.100   2.524 0.718 ? 1 1 0.606 ? ? ? ? ? ? ? 
? ? ? 
9.000 44.140 ? ? 1899  ? ? ? 193  99.100 ? ? ? ? 0.017 ? ? ? ? ? ? ? ? 9.800  ? ? ? 132.100 0.018 0.005 ? 2 1 1.000 ? ? ? ? ? ? ? 
? ? ? 
# 
_refine.aniso_B[1][1]                            -2.3000 
_refine.aniso_B[1][2]                            0.0000 
_refine.aniso_B[1][3]                            0.0000 
_refine.aniso_B[2][2]                            5.3300 
_refine.aniso_B[2][3]                            -0.0000 
_refine.aniso_B[3][3]                            -3.0300 
_refine.B_iso_max                                122.900 
_refine.B_iso_mean                               46.1900 
_refine.B_iso_min                                35.240 
_refine.correlation_coeff_Fo_to_Fc               0.9670 
_refine.correlation_coeff_Fo_to_Fc_free          0.9660 
_refine.details                                  
'HYDROGENS HAVE BEEN ADDED IN THE RIDING POSITIONS U VALUES      : REFINED INDIVIDUALLY' 
_refine.diff_density_max                         ? 
_refine.diff_density_max_esd                     ? 
_refine.diff_density_min                         ? 
_refine.diff_density_min_esd                     ? 
_refine.diff_density_rms                         ? 
_refine.diff_density_rms_esd                     ? 
_refine.entry_id                                 7EMT 
_refine.pdbx_refine_id                           'X-RAY DIFFRACTION' 
_refine.ls_abs_structure_details                 ? 
_refine.ls_abs_structure_Flack                   ? 
_refine.ls_abs_structure_Flack_esd               ? 
_refine.ls_abs_structure_Rogers                  ? 
_refine.ls_abs_structure_Rogers_esd              ? 
_refine.ls_d_res_high                            1.8000 
_refine.ls_d_res_low                             20.0000 
_refine.ls_extinction_coef                       ? 
_refine.ls_extinction_coef_esd                   ? 
_refine.ls_extinction_expression                 ? 
_refine.ls_extinction_method                     ? 
_refine.ls_goodness_of_fit_all                   ? 
_refine.ls_goodness_of_fit_all_esd               ? 
_refine.ls_goodness_of_fit_obs                   ? 
_refine.ls_goodness_of_fit_obs_esd               ? 
_refine.ls_hydrogen_treatment                    ? 
_refine.ls_matrix_type                           ? 
_refine.ls_number_constraints                    ? 
_refine.ls_number_parameters                     ? 
_refine.ls_number_reflns_all                     ? 
_refine.ls_number_reflns_obs                     18028 
_refine.ls_number_reflns_R_free                  1019 
_refine.ls_number_reflns_R_work                  ? 
_refine.ls_number_restraints                     ? 
_refine.ls_percent_reflns_obs                    99.8700 
_refine.ls_percent_reflns_R_free                 5.3000 
_refine.ls_R_factor_all                          ? 
_refine.ls_R_factor_obs                          0.2120 
_refine.ls_R_factor_R_free                       0.2212 
_refine.ls_R_factor_R_free_error                 ? 
_refine.ls_R_factor_R_free_error_details         ? 
_refine.ls_R_factor_R_work                       0.2115 
_refine.ls_R_Fsqd_factor_obs                     ? 
_refine.ls_R_I_factor_obs                        ? 
_refine.ls_redundancy_reflns_all                 ? 
_refine.ls_redundancy_reflns_obs                 ? 
_refine.ls_restrained_S_all                      ? 
_refine.ls_restrained_S_obs                      ? 
_refine.ls_shift_over_esd_max                    ? 
_refine.ls_shift_over_esd_mean                   ? 
_refine.ls_structure_factor_coef                 ? 
_refine.ls_weighting_details                     ? 
_refine.ls_weighting_scheme                      ? 
_refine.ls_wR_factor_all                         ? 
_refine.ls_wR_factor_obs                         ? 
_refine.ls_wR_factor_R_free                      ? 
_refine.ls_wR_factor_R_work                      ? 
_refine.occupancy_max                            ? 
_refine.occupancy_min                            ? 
_refine.solvent_model_details                    MASK 
_refine.solvent_model_param_bsol                 ? 
_refine.solvent_model_param_ksol                 ? 
_refine.pdbx_R_complete                          ? 
_refine.ls_R_factor_gt                           ? 
_refine.ls_goodness_of_fit_gt                    ? 
_refine.ls_goodness_of_fit_ref                   ? 
_refine.ls_shift_over_su_max                     ? 
_refine.ls_shift_over_su_max_lt                  ? 
_refine.ls_shift_over_su_mean                    ? 
_refine.ls_shift_over_su_mean_lt                 ? 
_refine.pdbx_ls_sigma_I                          ? 
_refine.pdbx_ls_sigma_F                          0.000 
_refine.pdbx_ls_sigma_Fsqd                       ? 
_refine.pdbx_data_cutoff_high_absF               ? 
_refine.pdbx_data_cutoff_high_rms_absF           ? 
_refine.pdbx_data_cutoff_low_absF                ? 
_refine.pdbx_isotropic_thermal_model             ? 
_refine.pdbx_ls_cross_valid_method               THROUGHOUT 
_refine.pdbx_method_to_determine_struct          'MOLECULAR REPLACEMENT' 
_refine.pdbx_starting_model                      3ELL 
_refine.pdbx_stereochemistry_target_values       'MAXIMUM LIKELIHOOD' 
_refine.pdbx_R_Free_selection_details            RANDOM 
_refine.pdbx_stereochem_target_val_spec_case     ? 
_refine.pdbx_overall_ESU_R                       0.1280 
_refine.pdbx_overall_ESU_R_Free                  0.1110 
_refine.pdbx_solvent_vdw_probe_radii             1.2000 
_refine.pdbx_solvent_ion_probe_radii             0.8000 
_refine.pdbx_solvent_shrinkage_radii             0.8000 
_refine.pdbx_real_space_R                        ? 
_refine.pdbx_density_correlation                 ? 
_refine.pdbx_pd_number_of_powder_patterns        ? 
_refine.pdbx_pd_number_of_points                 ? 
_refine.pdbx_pd_meas_number_of_points            ? 
_refine.pdbx_pd_proc_ls_prof_R_factor            ? 
_refine.pdbx_pd_proc_ls_prof_wR_factor           ? 
_refine.pdbx_pd_Marquardt_correlation_coeff      ? 
_refine.pdbx_pd_Fsqrd_R_factor                   ? 
_refine.pdbx_pd_ls_matrix_band_width             ? 
_refine.pdbx_overall_phase_error                 ? 
_refine.pdbx_overall_SU_R_free_Cruickshank_DPI   ? 
_refine.pdbx_overall_SU_R_free_Blow_DPI          ? 
_refine.pdbx_overall_SU_R_Blow_DPI               ? 
_refine.pdbx_TLS_residual_ADP_flag               ? 
_refine.pdbx_diffrn_id                           1 
_refine.overall_SU_B                             5.0870 
_refine.overall_SU_ML                            0.1350 
_refine.overall_SU_R_Cruickshank_DPI             ? 
_refine.overall_SU_R_free                        ? 
_refine.overall_FOM_free_R_set                   ? 
_refine.overall_FOM_work_R_set                   ? 
_refine.pdbx_average_fsc_overall                 ? 
_refine.pdbx_average_fsc_work                    ? 
_refine.pdbx_average_fsc_free                    ? 
# 
_refine_hist.pdbx_refine_id                   'X-RAY DIFFRACTION' 
_refine_hist.cycle_id                         final 
_refine_hist.details                          ? 
_refine_hist.d_res_high                       1.8000 
_refine_hist.d_res_low                        20.0000 
_refine_hist.number_atoms_solvent             32 
_refine_hist.number_atoms_total               1340 
_refine_hist.number_reflns_all                ? 
_refine_hist.number_reflns_obs                ? 
_refine_hist.number_reflns_R_free             ? 
_refine_hist.number_reflns_R_work             ? 
_refine_hist.R_factor_all                     ? 
_refine_hist.R_factor_obs                     ? 
_refine_hist.R_factor_R_free                  ? 
_refine_hist.R_factor_R_work                  ? 
_refine_hist.pdbx_number_residues_total       174 
_refine_hist.pdbx_B_iso_mean_ligand           42.98 
_refine_hist.pdbx_B_iso_mean_solvent          47.23 
_refine_hist.pdbx_number_atoms_protein        1259 
_refine_hist.pdbx_number_atoms_nucleic_acid   0 
_refine_hist.pdbx_number_atoms_ligand         49 
_refine_hist.pdbx_number_atoms_lipid          ? 
_refine_hist.pdbx_number_atoms_carb           ? 
_refine_hist.pdbx_pseudo_atom_details         ? 
# 
loop_
_refine_ls_restr.pdbx_refine_id 
_refine_ls_restr.criterion 
_refine_ls_restr.dev_ideal 
_refine_ls_restr.dev_ideal_target 
_refine_ls_restr.number 
_refine_ls_restr.rejects 
_refine_ls_restr.type 
_refine_ls_restr.weight 
_refine_ls_restr.pdbx_restraint_function 
'X-RAY DIFFRACTION' ? 0.006  0.013  1370 ? r_bond_refined_d       ? ? 
'X-RAY DIFFRACTION' ? 0.001  0.018  1152 ? r_bond_other_d         ? ? 
'X-RAY DIFFRACTION' ? 1.380  1.679  1875 ? r_angle_refined_deg    ? ? 
'X-RAY DIFFRACTION' ? 1.287  1.616  2675 ? r_angle_other_deg      ? ? 
'X-RAY DIFFRACTION' ? 7.462  5.000  178  ? r_dihedral_angle_1_deg ? ? 
'X-RAY DIFFRACTION' ? 33.164 24.906 53   ? r_dihedral_angle_2_deg ? ? 
'X-RAY DIFFRACTION' ? 13.471 15.000 177  ? r_dihedral_angle_3_deg ? ? 
'X-RAY DIFFRACTION' ? 35.497 15.000 1    ? r_dihedral_angle_4_deg ? ? 
'X-RAY DIFFRACTION' ? 0.045  0.200  174  ? r_chiral_restr         ? ? 
'X-RAY DIFFRACTION' ? 0.015  0.020  1623 ? r_gen_planes_refined   ? ? 
'X-RAY DIFFRACTION' ? 0.008  0.020  312  ? r_gen_planes_other     ? ? 
# 
_refine_ls_shell.pdbx_refine_id                   'X-RAY DIFFRACTION' 
_refine_ls_shell.d_res_high                       1.8000 
_refine_ls_shell.d_res_low                        1.8460 
_refine_ls_shell.number_reflns_all                1367 
_refine_ls_shell.number_reflns_obs                ? 
_refine_ls_shell.number_reflns_R_free             73 
_refine_ls_shell.number_reflns_R_work             1294 
_refine_ls_shell.percent_reflns_obs               99.7100 
_refine_ls_shell.percent_reflns_R_free            ? 
_refine_ls_shell.R_factor_all                     ? 
_refine_ls_shell.R_factor_obs                     ? 
_refine_ls_shell.R_factor_R_free                  0.4570 
_refine_ls_shell.R_factor_R_free_error            0.0000 
_refine_ls_shell.R_factor_R_work                  0.3880 
_refine_ls_shell.redundancy_reflns_all            ? 
_refine_ls_shell.redundancy_reflns_obs            ? 
_refine_ls_shell.wR_factor_all                    ? 
_refine_ls_shell.wR_factor_obs                    ? 
_refine_ls_shell.wR_factor_R_free                 ? 
_refine_ls_shell.wR_factor_R_work                 ? 
_refine_ls_shell.pdbx_R_complete                  ? 
_refine_ls_shell.pdbx_total_number_of_bins_used   20 
_refine_ls_shell.pdbx_phase_error                 ? 
_refine_ls_shell.pdbx_fsc_work                    ? 
_refine_ls_shell.pdbx_fsc_free                    ? 
# 
_struct.entry_id                     7EMT 
_struct.title                        'Crystal Structure of the HasAp V37G Mutant Capturing Iron Tetraphenylporphyrin' 
_struct.pdbx_model_details           ? 
_struct.pdbx_formula_weight          ? 
_struct.pdbx_formula_weight_method   ? 
_struct.pdbx_model_type_details      ? 
_struct.pdbx_CASP_flag               N 
# 
_struct_keywords.entry_id        7EMT 
_struct_keywords.text            'HEME ACQUISITION PROTEIN, TRANSPORT PROTEIN' 
_struct_keywords.pdbx_keywords   'TRANSPORT PROTEIN' 
# 
loop_
_struct_asym.id 
_struct_asym.pdbx_blank_PDB_chainid_flag 
_struct_asym.pdbx_modified 
_struct_asym.entity_id 
_struct_asym.details 
A N N 1 ? 
B N N 2 ? 
C N N 3 ? 
# 
loop_
_struct_conf.conf_type_id 
_struct_conf.id 
_struct_conf.pdbx_PDB_helix_id 
_struct_conf.beg_label_comp_id 
_struct_conf.beg_label_asym_id 
_struct_conf.beg_label_seq_id 
_struct_conf.pdbx_beg_PDB_ins_code 
_struct_conf.end_label_comp_id 
_struct_conf.end_label_asym_id 
_struct_conf.end_label_seq_id 
_struct_conf.pdbx_end_PDB_ins_code 
_struct_conf.beg_auth_comp_id 
_struct_conf.beg_auth_asym_id 
_struct_conf.beg_auth_seq_id 
_struct_conf.end_auth_comp_id 
_struct_conf.end_auth_asym_id 
_struct_conf.end_auth_seq_id 
_struct_conf.pdbx_PDB_helix_class 
_struct_conf.details 
_struct_conf.pdbx_PDB_helix_length 
HELX_P HELX_P1 AA1 THR A 10  ? SER A 12  ? THR A 10  SER A 12  5 ? 3  
HELX_P HELX_P2 AA2 THR A 15  ? GLY A 28  ? THR A 15  GLY A 28  1 ? 14 
HELX_P HELX_P3 AA3 PRO A 124 ? ASP A 130 ? PRO A 124 ASP A 130 5 ? 7  
HELX_P HELX_P4 AA4 GLY A 131 ? SER A 142 ? GLY A 131 SER A 142 1 ? 12 
HELX_P HELX_P5 AA5 SER A 145 ? ASP A 160 ? SER A 145 ASP A 160 1 ? 16 
HELX_P HELX_P6 AA6 THR A 168 ? ALA A 175 ? THR A 168 ALA A 175 1 ? 8  
# 
_struct_conf_type.id          HELX_P 
_struct_conf_type.criteria    ? 
_struct_conf_type.reference   ? 
# 
loop_
_struct_mon_prot_cis.pdbx_id 
_struct_mon_prot_cis.label_comp_id 
_struct_mon_prot_cis.label_seq_id 
_struct_mon_prot_cis.label_asym_id 
_struct_mon_prot_cis.label_alt_id 
_struct_mon_prot_cis.pdbx_PDB_ins_code 
_struct_mon_prot_cis.auth_comp_id 
_struct_mon_prot_cis.auth_seq_id 
_struct_mon_prot_cis.auth_asym_id 
_struct_mon_prot_cis.pdbx_label_comp_id_2 
_struct_mon_prot_cis.pdbx_label_seq_id_2 
_struct_mon_prot_cis.pdbx_label_asym_id_2 
_struct_mon_prot_cis.pdbx_PDB_ins_code_2 
_struct_mon_prot_cis.pdbx_auth_comp_id_2 
_struct_mon_prot_cis.pdbx_auth_seq_id_2 
_struct_mon_prot_cis.pdbx_auth_asym_id_2 
_struct_mon_prot_cis.pdbx_PDB_model_num 
_struct_mon_prot_cis.pdbx_omega_angle 
1 ASN 47 A . ? ASN 47 A PRO 48 A ? PRO 48 A 1 3.53  
2 GLY 49 A . ? GLY 49 A PRO 50 A ? PRO 50 A 1 12.00 
3 ASN 80 A . ? ASN 80 A PRO 81 A ? PRO 81 A 1 -7.01 
# 
loop_
_struct_sheet.id 
_struct_sheet.type 
_struct_sheet.number_strands 
_struct_sheet.details 
AA1 ? 5 ? 
AA2 ? 7 ? 
# 
loop_
_struct_sheet_order.sheet_id 
_struct_sheet_order.range_id_1 
_struct_sheet_order.range_id_2 
_struct_sheet_order.offset 
_struct_sheet_order.sense 
AA1 1 2 ? anti-parallel 
AA1 2 3 ? anti-parallel 
AA1 3 4 ? anti-parallel 
AA1 4 5 ? anti-parallel 
AA2 1 2 ? anti-parallel 
AA2 2 3 ? anti-parallel 
AA2 3 4 ? anti-parallel 
AA2 4 5 ? anti-parallel 
AA2 5 6 ? anti-parallel 
AA2 6 7 ? parallel      
# 
loop_
_struct_sheet_range.sheet_id 
_struct_sheet_range.id 
_struct_sheet_range.beg_label_comp_id 
_struct_sheet_range.beg_label_asym_id 
_struct_sheet_range.beg_label_seq_id 
_struct_sheet_range.pdbx_beg_PDB_ins_code 
_struct_sheet_range.end_label_comp_id 
_struct_sheet_range.end_label_asym_id 
_struct_sheet_range.end_label_seq_id 
_struct_sheet_range.pdbx_end_PDB_ins_code 
_struct_sheet_range.beg_auth_comp_id 
_struct_sheet_range.beg_auth_asym_id 
_struct_sheet_range.beg_auth_seq_id 
_struct_sheet_range.end_auth_comp_id 
_struct_sheet_range.end_auth_asym_id 
_struct_sheet_range.end_auth_seq_id 
AA1 1 GLY A 45  ? PRO A 48  ? GLY A 45  PRO A 48  
AA1 2 ASP A 52  ? LYS A 59  ? ASP A 52  LYS A 59  
AA1 3 ALA A 65  ? TYR A 75  ? ALA A 65  TYR A 75  
AA1 4 LEU A 85  ? GLY A 101 ? LEU A 85  GLY A 101 
AA1 5 LEU A 121 ? SER A 123 ? LEU A 121 SER A 123 
AA2 1 GLY A 45  ? PRO A 48  ? GLY A 45  PRO A 48  
AA2 2 ASP A 52  ? LYS A 59  ? ASP A 52  LYS A 59  
AA2 3 ALA A 65  ? TYR A 75  ? ALA A 65  TYR A 75  
AA2 4 LEU A 85  ? GLY A 101 ? LEU A 85  GLY A 101 
AA2 5 GLY A 106 ? SER A 117 ? GLY A 106 SER A 117 
AA2 6 SER A 4   ? SER A 8   ? SER A 4   SER A 8   
AA2 7 ALA A 178 ? THR A 181 ? ALA A 178 THR A 181 
# 
loop_
_pdbx_struct_sheet_hbond.sheet_id 
_pdbx_struct_sheet_hbond.range_id_1 
_pdbx_struct_sheet_hbond.range_id_2 
_pdbx_struct_sheet_hbond.range_1_label_atom_id 
_pdbx_struct_sheet_hbond.range_1_label_comp_id 
_pdbx_struct_sheet_hbond.range_1_label_asym_id 
_pdbx_struct_sheet_hbond.range_1_label_seq_id 
_pdbx_struct_sheet_hbond.range_1_PDB_ins_code 
_pdbx_struct_sheet_hbond.range_1_auth_atom_id 
_pdbx_struct_sheet_hbond.range_1_auth_comp_id 
_pdbx_struct_sheet_hbond.range_1_auth_asym_id 
_pdbx_struct_sheet_hbond.range_1_auth_seq_id 
_pdbx_struct_sheet_hbond.range_2_label_atom_id 
_pdbx_struct_sheet_hbond.range_2_label_comp_id 
_pdbx_struct_sheet_hbond.range_2_label_asym_id 
_pdbx_struct_sheet_hbond.range_2_label_seq_id 
_pdbx_struct_sheet_hbond.range_2_PDB_ins_code 
_pdbx_struct_sheet_hbond.range_2_auth_atom_id 
_pdbx_struct_sheet_hbond.range_2_auth_comp_id 
_pdbx_struct_sheet_hbond.range_2_auth_asym_id 
_pdbx_struct_sheet_hbond.range_2_auth_seq_id 
AA1 1 2 N GLY A 45  ? N GLY A 45  O ALA A 57  ? O ALA A 57  
AA1 2 3 N TYR A 56  ? N TYR A 56  O ALA A 69  ? O ALA A 69  
AA1 3 4 N HIS A 74  ? N HIS A 74  O TRP A 86  ? O TRP A 86  
AA1 4 5 N GLY A 87  ? N GLY A 87  O SER A 123 ? O SER A 123 
AA2 1 2 N GLY A 45  ? N GLY A 45  O ALA A 57  ? O ALA A 57  
AA2 2 3 N TYR A 56  ? N TYR A 56  O ALA A 69  ? O ALA A 69  
AA2 3 4 N HIS A 74  ? N HIS A 74  O TRP A 86  ? O TRP A 86  
AA2 4 5 N THR A 97  ? N THR A 97  O ASP A 110 ? O ASP A 110 
AA2 5 6 O SER A 117 ? O SER A 117 N SER A 4   ? N SER A 4   
AA2 6 7 N TYR A 7   ? N TYR A 7   O THR A 181 ? O THR A 181 
# 
_atom_sites.entry_id                    7EMT 
_atom_sites.Cartn_transf_matrix[1][1]   ? 
_atom_sites.Cartn_transf_matrix[1][2]   ? 
_atom_sites.Cartn_transf_matrix[1][3]   ? 
_atom_sites.Cartn_transf_matrix[2][1]   ? 
_atom_sites.Cartn_transf_matrix[2][2]   ? 
_atom_sites.Cartn_transf_matrix[2][3]   ? 
_atom_sites.Cartn_transf_matrix[3][1]   ? 
_atom_sites.Cartn_transf_matrix[3][2]   ? 
_atom_sites.Cartn_transf_matrix[3][3]   ? 
_atom_sites.Cartn_transf_vector[1]      ? 
_atom_sites.Cartn_transf_vector[2]      ? 
_atom_sites.Cartn_transf_vector[3]      ? 
_atom_sites.fract_transf_matrix[1][1]   -0.01813443 
_atom_sites.fract_transf_matrix[1][2]   -0.00581609 
_atom_sites.fract_transf_matrix[1][3]   0.00470137 
_atom_sites.fract_transf_matrix[2][1]   0.00576815 
_atom_sites.fract_transf_matrix[2][2]   -0.00680360 
_atom_sites.fract_transf_matrix[2][3]   0.01383251 
_atom_sites.fract_transf_matrix[3][1]   -0.00233709 
_atom_sites.fract_transf_matrix[3][2]   0.01340397 
_atom_sites.fract_transf_matrix[3][3]   0.00756738 
_atom_sites.fract_transf_vector[1]      -0.331869 
_atom_sites.fract_transf_vector[2]      -0.121562 
_atom_sites.fract_transf_vector[3]      0.138379 
_atom_sites.solution_primary            ? 
_atom_sites.solution_secondary          ? 
_atom_sites.solution_hydrogens          ? 
_atom_sites.special_details             ? 
# 
loop_
_atom_type.symbol 
C  
FE 
N  
O  
S  
# 
loop_
_atom_site.group_PDB 
_atom_site.id 
_atom_site.type_symbol 
_atom_site.label_atom_id 
_atom_site.label_alt_id 
_atom_site.label_comp_id 
_atom_site.label_asym_id 
_atom_site.label_entity_id 
_atom_site.label_seq_id 
_atom_site.pdbx_PDB_ins_code 
_atom_site.Cartn_x 
_atom_site.Cartn_y 
_atom_site.Cartn_z 
_atom_site.occupancy 
_atom_site.B_iso_or_equiv 
_atom_site.pdbx_formal_charge 
_atom_site.auth_seq_id 
_atom_site.auth_comp_id 
_atom_site.auth_asym_id 
_atom_site.auth_atom_id 
_atom_site.pdbx_PDB_model_num 
ATOM   1    N  N   . MET A 1 1   ? 0.970   6.444   16.135  1.00 71.97  ? 1   MET A N   1 
ATOM   2    C  CA  . MET A 1 1   ? 1.404   5.009   16.242  1.00 76.35  ? 1   MET A CA  1 
ATOM   3    C  C   . MET A 1 1   ? 0.313   4.076   15.686  1.00 68.58  ? 1   MET A C   1 
ATOM   4    O  O   . MET A 1 1   ? 0.682   3.025   15.132  1.00 64.34  ? 1   MET A O   1 
ATOM   5    C  CB  . MET A 1 1   ? 1.704   4.625   17.698  1.00 79.97  ? 1   MET A CB  1 
ATOM   6    C  CG  . MET A 1 1   ? 2.902   5.345   18.300  1.00 84.48  ? 1   MET A CG  1 
ATOM   7    S  SD  . MET A 1 1   ? 4.503   4.506   18.042  1.00 105.28 ? 1   MET A SD  1 
ATOM   8    C  CE  . MET A 1 1   ? 4.075   2.783   18.289  1.00 92.96  ? 1   MET A CE  1 
ATOM   9    N  N   . SER A 1 2   ? -0.971  4.418   15.869  1.00 61.18  ? 2   SER A N   1 
ATOM   10   C  CA  . SER A 1 2   ? -2.159  3.639   15.407  1.00 54.91  ? 2   SER A CA  1 
ATOM   11   C  C   . SER A 1 2   ? -2.327  3.770   13.888  1.00 53.42  ? 2   SER A C   1 
ATOM   12   O  O   . SER A 1 2   ? -2.132  4.879   13.365  1.00 40.35  ? 2   SER A O   1 
ATOM   13   C  CB  . SER A 1 2   ? -3.419  4.090   16.108  1.00 51.41  ? 2   SER A CB  1 
ATOM   14   O  OG  . SER A 1 2   ? -3.554  3.464   17.370  1.00 63.65  ? 2   SER A OG  1 
ATOM   15   N  N   . ILE A 1 3   ? -2.857  2.733   13.236  1.00 46.94  ? 3   ILE A N   1 
ATOM   16   C  CA  . ILE A 1 3   ? -3.217  2.780   11.790  1.00 46.08  ? 3   ILE A CA  1 
ATOM   17   C  C   . ILE A 1 3   ? -4.110  4.002   11.557  1.00 49.89  ? 3   ILE A C   1 
ATOM   18   O  O   . ILE A 1 3   ? -5.089  4.189   12.308  1.00 50.18  ? 3   ILE A O   1 
ATOM   19   C  CB  . ILE A 1 3   ? -3.898  1.481   11.312  1.00 44.34  ? 3   ILE A CB  1 
ATOM   20   C  CG1 . ILE A 1 3   ? -4.061  1.479   9.788   1.00 43.12  ? 3   ILE A CG1 1 
ATOM   21   C  CG2 . ILE A 1 3   ? -5.226  1.270   12.028  1.00 48.82  ? 3   ILE A CG2 1 
ATOM   22   C  CD1 . ILE A 1 3   ? -4.742  0.251   9.228   1.00 43.03  ? 3   ILE A CD1 1 
ATOM   23   N  N   . SER A 1 4   ? -3.782  4.796   10.542  1.00 44.63  ? 4   SER A N   1 
ATOM   24   C  CA  . SER A 1 4   ? -4.600  5.940   10.079  1.00 46.10  ? 4   SER A CA  1 
ATOM   25   C  C   . SER A 1 4   ? -4.908  5.756   8.592   1.00 45.93  ? 4   SER A C   1 
ATOM   26   O  O   . SER A 1 4   ? -3.995  5.435   7.814   1.00 41.94  ? 4   SER A O   1 
ATOM   27   C  CB  . SER A 1 4   ? -3.924  7.263   10.340  1.00 44.34  ? 4   SER A CB  1 
ATOM   28   O  OG  . SER A 1 4   ? -4.796  8.328   9.974   1.00 46.41  ? 4   SER A OG  1 
ATOM   29   N  N   . ILE A 1 5   ? -6.173  5.907   8.230   1.00 41.39  ? 5   ILE A N   1 
ATOM   30   C  CA  . ILE A 1 5   ? -6.667  5.655   6.852   1.00 43.08  ? 5   ILE A CA  1 
ATOM   31   C  C   . ILE A 1 5   ? -7.272  6.956   6.334   1.00 44.67  ? 5   ILE A C   1 
ATOM   32   O  O   . ILE A 1 5   ? -8.003  7.618   7.096   1.00 42.00  ? 5   ILE A O   1 
ATOM   33   C  CB  . ILE A 1 5   ? -7.679  4.495   6.858   1.00 39.68  ? 5   ILE A CB  1 
ATOM   34   C  CG1 . ILE A 1 5   ? -7.035  3.198   7.354   1.00 40.78  ? 5   ILE A CG1 1 
ATOM   35   C  CG2 . ILE A 1 5   ? -8.332  4.338   5.491   1.00 41.88  ? 5   ILE A CG2 1 
ATOM   36   C  CD1 . ILE A 1 5   ? -8.019  2.083   7.619   1.00 42.07  ? 5   ILE A CD1 1 
ATOM   37   N  N   . SER A 1 6   ? -6.957  7.313   5.092   1.00 44.58  ? 6   SER A N   1 
ATOM   38   C  CA  . SER A 1 6   ? -7.642  8.396   4.352   1.00 44.56  ? 6   SER A CA  1 
ATOM   39   C  C   . SER A 1 6   ? -8.323  7.793   3.121   1.00 47.36  ? 6   SER A C   1 
ATOM   40   O  O   . SER A 1 6   ? -7.798  6.810   2.565   1.00 44.64  ? 6   SER A O   1 
ATOM   41   C  CB  . SER A 1 6   ? -6.687  9.510   4.005   1.00 49.40  ? 6   SER A CB  1 
ATOM   42   O  OG  . SER A 1 6   ? -6.096  9.292   2.739   1.00 56.90  ? 6   SER A OG  1 
ATOM   43   N  N   . TYR A 1 7   ? -9.537  8.252   2.830   1.00 44.93  ? 7   TYR A N   1 
ATOM   44   C  CA  . TYR A 1 7   ? -10.393 7.716   1.744   1.00 47.15  ? 7   TYR A CA  1 
ATOM   45   C  C   . TYR A 1 7   ? -11.163 8.863   1.088   1.00 54.30  ? 7   TYR A C   1 
ATOM   46   O  O   . TYR A 1 7   ? -11.682 9.737   1.813   1.00 51.72  ? 7   TYR A O   1 
ATOM   47   C  CB  . TYR A 1 7   ? -11.341 6.657   2.301   1.00 48.53  ? 7   TYR A CB  1 
ATOM   48   C  CG  . TYR A 1 7   ? -12.342 7.181   3.298   1.00 51.91  ? 7   TYR A CG  1 
ATOM   49   C  CD1 . TYR A 1 7   ? -12.015 7.292   4.640   1.00 50.20  ? 7   TYR A CD1 1 
ATOM   50   C  CD2 . TYR A 1 7   ? -13.628 7.528   2.909   1.00 54.70  ? 7   TYR A CD2 1 
ATOM   51   C  CE1 . TYR A 1 7   ? -12.947 7.714   5.574   1.00 51.81  ? 7   TYR A CE1 1 
ATOM   52   C  CE2 . TYR A 1 7   ? -14.568 7.966   3.828   1.00 51.55  ? 7   TYR A CE2 1 
ATOM   53   C  CZ  . TYR A 1 7   ? -14.228 8.046   5.168   1.00 48.22  ? 7   TYR A CZ  1 
ATOM   54   O  OH  . TYR A 1 7   ? -15.143 8.453   6.090   1.00 51.01  ? 7   TYR A OH  1 
ATOM   55   N  N   . SER A 1 8   ? -11.215 8.855   -0.246  1.00 54.76  ? 8   SER A N   1 
ATOM   56   C  CA  . SER A 1 8   ? -12.149 9.671   -1.061  1.00 55.42  ? 8   SER A CA  1 
ATOM   57   C  C   . SER A 1 8   ? -13.584 9.364   -0.633  1.00 55.16  ? 8   SER A C   1 
ATOM   58   O  O   . SER A 1 8   ? -13.903 8.177   -0.433  1.00 51.78  ? 8   SER A O   1 
ATOM   59   C  CB  . SER A 1 8   ? -11.952 9.418   -2.530  1.00 60.03  ? 8   SER A CB  1 
ATOM   60   O  OG  . SER A 1 8   ? -12.859 10.192  -3.300  1.00 65.77  ? 8   SER A OG  1 
ATOM   61   N  N   . THR A 1 9   ? -14.418 10.401  -0.508  1.00 53.66  ? 9   THR A N   1 
ATOM   62   C  CA  . THR A 1 9   ? -15.841 10.292  -0.096  1.00 55.25  ? 9   THR A CA  1 
ATOM   63   C  C   . THR A 1 9   ? -16.560 9.304   -1.022  1.00 48.60  ? 9   THR A C   1 
ATOM   64   O  O   . THR A 1 9   ? -17.445 8.590   -0.526  1.00 49.85  ? 9   THR A O   1 
ATOM   65   C  CB  . THR A 1 9   ? -16.515 11.671  -0.062  1.00 58.22  ? 9   THR A CB  1 
ATOM   66   O  OG1 . THR A 1 9   ? -16.305 12.304  -1.326  1.00 66.71  ? 9   THR A OG1 1 
ATOM   67   C  CG2 . THR A 1 9   ? -15.981 12.556  1.043   1.00 60.73  ? 9   THR A CG2 1 
ATOM   68   N  N   . THR A 1 10  ? -16.122 9.192   -2.283  1.00 50.50  ? 10  THR A N   1 
ATOM   69   C  CA  . THR A 1 10  ? -16.630 8.190   -3.262  1.00 51.86  ? 10  THR A CA  1 
ATOM   70   C  C   . THR A 1 10  ? -16.744 6.807   -2.602  1.00 49.40  ? 10  THR A C   1 
ATOM   71   O  O   . THR A 1 10  ? -17.685 6.081   -2.953  1.00 50.53  ? 10  THR A O   1 
ATOM   72   C  CB  . THR A 1 10  ? -15.748 8.134   -4.516  1.00 58.00  ? 10  THR A CB  1 
ATOM   73   O  OG1 . THR A 1 10  ? -15.617 9.455   -5.040  1.00 59.25  ? 10  THR A OG1 1 
ATOM   74   C  CG2 . THR A 1 10  ? -16.298 7.215   -5.585  1.00 55.81  ? 10  THR A CG2 1 
ATOM   75   N  N   . TYR A 1 11  ? -15.879 6.488   -1.630  1.00 53.04  ? 11  TYR A N   1 
ATOM   76   C  CA  . TYR A 1 11  ? -15.718 5.124   -1.053  1.00 52.45  ? 11  TYR A CA  1 
ATOM   77   C  C   . TYR A 1 11  ? -16.282 5.076   0.377   1.00 54.49  ? 11  TYR A C   1 
ATOM   78   O  O   . TYR A 1 11  ? -16.171 4.015   1.032   1.00 49.20  ? 11  TYR A O   1 
ATOM   79   C  CB  . TYR A 1 11  ? -14.247 4.691   -1.153  1.00 56.99  ? 11  TYR A CB  1 
ATOM   80   C  CG  . TYR A 1 11  ? -13.725 4.655   -2.569  1.00 53.80  ? 11  TYR A CG  1 
ATOM   81   C  CD1 . TYR A 1 11  ? -14.316 3.823   -3.509  1.00 53.25  ? 11  TYR A CD1 1 
ATOM   82   C  CD2 . TYR A 1 11  ? -12.785 5.572   -3.024  1.00 60.66  ? 11  TYR A CD2 1 
ATOM   83   C  CE1 . TYR A 1 11  ? -13.962 3.876   -4.850  1.00 56.07  ? 11  TYR A CE1 1 
ATOM   84   C  CE2 . TYR A 1 11  ? -12.415 5.633   -4.363  1.00 56.46  ? 11  TYR A CE2 1 
ATOM   85   C  CZ  . TYR A 1 11  ? -13.013 4.786   -5.280  1.00 58.30  ? 11  TYR A CZ  1 
ATOM   86   O  OH  . TYR A 1 11  ? -12.691 4.841   -6.608  1.00 69.02  ? 11  TYR A OH  1 
ATOM   87   N  N   . SER A 1 12  ? -17.018 6.118   0.784   1.00 56.31  ? 12  SER A N   1 
ATOM   88   C  CA  . SER A 1 12  ? -17.613 6.273   2.141   1.00 57.73  ? 12  SER A CA  1 
ATOM   89   C  C   . SER A 1 12  ? -18.327 4.989   2.570   1.00 52.93  ? 12  SER A C   1 
ATOM   90   O  O   . SER A 1 12  ? -18.153 4.571   3.741   1.00 50.35  ? 12  SER A O   1 
ATOM   91   C  CB  . SER A 1 12  ? -18.561 7.444   2.190   1.00 61.08  ? 12  SER A CB  1 
ATOM   92   O  OG  . SER A 1 12  ? -17.877 8.650   1.904   1.00 58.27  ? 12  SER A OG  1 
ATOM   93   N  N   . GLY A 1 13  ? -19.180 4.449   1.694   1.00 49.88  ? 13  GLY A N   1 
ATOM   94   C  CA  . GLY A 1 13  ? -20.114 3.353   2.018   1.00 47.14  ? 13  GLY A CA  1 
ATOM   95   C  C   . GLY A 1 13  ? -19.515 1.987   1.734   1.00 50.71  ? 13  GLY A C   1 
ATOM   96   O  O   . GLY A 1 13  ? -20.165 0.981   2.068   1.00 54.91  ? 13  GLY A O   1 
ATOM   97   N  N   . TRP A 1 14  ? -18.288 1.944   1.204   1.00 49.39  ? 14  TRP A N   1 
ATOM   98   C  CA  . TRP A 1 14  ? -17.562 0.694   0.846   1.00 41.55  ? 14  TRP A CA  1 
ATOM   99   C  C   . TRP A 1 14  ? -16.921 0.095   2.104   1.00 41.27  ? 14  TRP A C   1 
ATOM   100  O  O   . TRP A 1 14  ? -16.370 0.873   2.907   1.00 45.50  ? 14  TRP A O   1 
ATOM   101  C  CB  . TRP A 1 14  ? -16.509 0.994   -0.230  1.00 45.54  ? 14  TRP A CB  1 
ATOM   102  C  CG  . TRP A 1 14  ? -17.054 1.374   -1.578  1.00 55.05  ? 14  TRP A CG  1 
ATOM   103  C  CD1 . TRP A 1 14  ? -17.918 2.394   -1.871  1.00 54.45  ? 14  TRP A CD1 1 
ATOM   104  C  CD2 . TRP A 1 14  ? -16.653 0.814   -2.842  1.00 52.31  ? 14  TRP A CD2 1 
ATOM   105  N  NE1 . TRP A 1 14  ? -18.096 2.490   -3.226  1.00 53.25  ? 14  TRP A NE1 1 
ATOM   106  C  CE2 . TRP A 1 14  ? -17.361 1.513   -3.845  1.00 56.22  ? 14  TRP A CE2 1 
ATOM   107  C  CE3 . TRP A 1 14  ? -15.833 -0.260  -3.217  1.00 62.57  ? 14  TRP A CE3 1 
ATOM   108  C  CZ2 . TRP A 1 14  ? -17.244 1.183   -5.197  1.00 65.26  ? 14  TRP A CZ2 1 
ATOM   109  C  CZ3 . TRP A 1 14  ? -15.756 -0.615  -4.548  1.00 65.17  ? 14  TRP A CZ3 1 
ATOM   110  C  CH2 . TRP A 1 14  ? -16.450 0.105   -5.523  1.00 67.54  ? 14  TRP A CH2 1 
ATOM   111  N  N   . THR A 1 15  ? -16.838 -1.231  2.200   1.00 41.89  ? 15  THR A N   1 
ATOM   112  C  CA  . THR A 1 15  ? -15.909 -1.915  3.137   1.00 42.21  ? 15  THR A CA  1 
ATOM   113  C  C   . THR A 1 15  ? -14.477 -1.792  2.610   1.00 46.14  ? 15  THR A C   1 
ATOM   114  O  O   . THR A 1 15  ? -14.303 -1.660  1.384   1.00 45.41  ? 15  THR A O   1 
ATOM   115  C  CB  . THR A 1 15  ? -16.285 -3.381  3.366   1.00 51.07  ? 15  THR A CB  1 
ATOM   116  O  OG1 . THR A 1 15  ? -15.982 -4.130  2.189   1.00 45.07  ? 15  THR A OG1 1 
ATOM   117  C  CG2 . THR A 1 15  ? -17.742 -3.557  3.738   1.00 56.73  ? 15  THR A CG2 1 
ATOM   118  N  N   . VAL A 1 16  ? -13.491 -1.851  3.504   1.00 43.78  ? 16  VAL A N   1 
ATOM   119  C  CA  . VAL A 1 16  ? -12.053 -1.870  3.118   1.00 45.06  ? 16  VAL A CA  1 
ATOM   120  C  C   . VAL A 1 16  ? -11.812 -3.089  2.211   1.00 43.62  ? 16  VAL A C   1 
ATOM   121  O  O   . VAL A 1 16  ? -11.243 -2.903  1.121   1.00 39.11  ? 16  VAL A O   1 
ATOM   122  C  CB  . VAL A 1 16  ? -11.134 -1.852  4.353   1.00 44.40  ? 16  VAL A CB  1 
ATOM   123  C  CG1 . VAL A 1 16  ? -9.667  -1.814  3.950   1.00 45.87  ? 16  VAL A CG1 1 
ATOM   124  C  CG2 . VAL A 1 16  ? -11.453 -0.684  5.280   1.00 48.53  ? 16  VAL A CG2 1 
ATOM   125  N  N   . ALA A 1 17  ? -12.386 -4.247  2.543   1.00 39.53  ? 17  ALA A N   1 
ATOM   126  C  CA  . ALA A 1 17  ? -12.170 -5.509  1.796   1.00 40.78  ? 17  ALA A CA  1 
ATOM   127  C  C   . ALA A 1 17  ? -12.702 -5.344  0.370   1.00 42.28  ? 17  ALA A C   1 
ATOM   128  O  O   . ALA A 1 17  ? -11.954 -5.654  -0.576  1.00 41.75  ? 17  ALA A O   1 
ATOM   129  C  CB  . ALA A 1 17  ? -12.820 -6.679  2.493   1.00 38.27  ? 17  ALA A CB  1 
ATOM   130  N  N   . ASP A 1 18  ? -13.890 -4.752  0.220   1.00 45.36  ? 18  ASP A N   1 
ATOM   131  C  CA  . ASP A 1 18  ? -14.536 -4.567  -1.103  1.00 44.45  ? 18  ASP A CA  1 
ATOM   132  C  C   . ASP A 1 18  ? -13.695 -3.590  -1.926  1.00 48.34  ? 18  ASP A C   1 
ATOM   133  O  O   . ASP A 1 18  ? -13.454 -3.874  -3.111  1.00 40.73  ? 18  ASP A O   1 
ATOM   134  C  CB  . ASP A 1 18  ? -15.997 -4.122  -0.983  1.00 50.73  ? 18  ASP A CB  1 
ATOM   135  C  CG  . ASP A 1 18  ? -16.957 -5.245  -0.597  1.00 57.12  ? 18  ASP A CG  1 
ATOM   136  O  OD1 . ASP A 1 18  ? -16.541 -6.419  -0.608  1.00 61.88  ? 18  ASP A OD1 1 
ATOM   137  O  OD2 . ASP A 1 18  ? -18.090 -4.931  -0.208  1.00 57.71  ? 18  ASP A OD2 1 
ATOM   138  N  N   . TYR A 1 19  ? -13.258 -2.481  -1.325  1.00 45.58  ? 19  TYR A N   1 
ATOM   139  C  CA  . TYR A 1 19  ? -12.435 -1.466  -2.022  1.00 40.08  ? 19  TYR A CA  1 
ATOM   140  C  C   . TYR A 1 19  ? -11.119 -2.115  -2.467  1.00 44.56  ? 19  TYR A C   1 
ATOM   141  O  O   . TYR A 1 19  ? -10.729 -1.926  -3.631  1.00 41.43  ? 19  TYR A O   1 
ATOM   142  C  CB  . TYR A 1 19  ? -12.145 -0.243  -1.152  1.00 42.83  ? 19  TYR A CB  1 
ATOM   143  C  CG  . TYR A 1 19  ? -11.095 0.638   -1.769  1.00 41.55  ? 19  TYR A CG  1 
ATOM   144  C  CD1 . TYR A 1 19  ? -9.755  0.374   -1.554  1.00 40.50  ? 19  TYR A CD1 1 
ATOM   145  C  CD2 . TYR A 1 19  ? -11.426 1.528   -2.777  1.00 43.27  ? 19  TYR A CD2 1 
ATOM   146  C  CE1 . TYR A 1 19  ? -8.772  1.037   -2.264  1.00 41.20  ? 19  TYR A CE1 1 
ATOM   147  C  CE2 . TYR A 1 19  ? -10.455 2.235   -3.458  1.00 44.57  ? 19  TYR A CE2 1 
ATOM   148  C  CZ  . TYR A 1 19  ? -9.120  1.984   -3.207  1.00 43.30  ? 19  TYR A CZ  1 
ATOM   149  O  OH  . TYR A 1 19  ? -8.144  2.661   -3.878  1.00 48.41  ? 19  TYR A OH  1 
ATOM   150  N  N   . LEU A 1 20  ? -10.475 -2.888  -1.588  1.00 37.05  ? 20  LEU A N   1 
ATOM   151  C  CA  . LEU A 1 20  ? -9.149  -3.501  -1.884  1.00 43.52  ? 20  LEU A CA  1 
ATOM   152  C  C   . LEU A 1 20  ? -9.303  -4.566  -2.975  1.00 42.56  ? 20  LEU A C   1 
ATOM   153  O  O   . LEU A 1 20  ? -8.483  -4.565  -3.902  1.00 39.15  ? 20  LEU A O   1 
ATOM   154  C  CB  . LEU A 1 20  ? -8.526  -4.075  -0.609  1.00 44.13  ? 20  LEU A CB  1 
ATOM   155  C  CG  . LEU A 1 20  ? -7.912  -3.035  0.335   1.00 41.58  ? 20  LEU A CG  1 
ATOM   156  C  CD1 . LEU A 1 20  ? -7.324  -3.701  1.564   1.00 44.43  ? 20  LEU A CD1 1 
ATOM   157  C  CD2 . LEU A 1 20  ? -6.848  -2.205  -0.371  1.00 42.90  ? 20  LEU A CD2 1 
ATOM   158  N  N   . ALA A 1 21  ? -10.365 -5.374  -2.932  1.00 39.20  ? 21  ALA A N   1 
ATOM   159  C  CA  . ALA A 1 21  ? -10.624 -6.401  -3.965  1.00 43.62  ? 21  ALA A CA  1 
ATOM   160  C  C   . ALA A 1 21  ? -10.830 -5.701  -5.312  1.00 40.55  ? 21  ALA A C   1 
ATOM   161  O  O   . ALA A 1 21  ? -10.282 -6.165  -6.312  1.00 40.52  ? 21  ALA A O   1 
ATOM   162  C  CB  . ALA A 1 21  ? -11.810 -7.255  -3.586  1.00 45.19  ? 21  ALA A CB  1 
ATOM   163  N  N   . ASP A 1 22  ? -11.537 -4.574  -5.313  1.00 44.98  ? 22  ASP A N   1 
ATOM   164  C  CA  . ASP A 1 22  ? -11.873 -3.819  -6.548  1.00 44.15  ? 22  ASP A CA  1 
ATOM   165  C  C   . ASP A 1 22  ? -10.603 -3.154  -7.097  1.00 43.71  ? 22  ASP A C   1 
ATOM   166  O  O   . ASP A 1 22  ? -10.385 -3.199  -8.318  1.00 41.17  ? 22  ASP A O   1 
ATOM   167  C  CB  . ASP A 1 22  ? -12.980 -2.803  -6.266  1.00 53.26  ? 22  ASP A CB  1 
ATOM   168  C  CG  . ASP A 1 22  ? -14.392 -3.360  -6.397  1.00 54.67  ? 22  ASP A CG  1 
ATOM   169  O  OD1 . ASP A 1 22  ? -14.582 -4.543  -6.092  1.00 54.74  ? 22  ASP A OD1 1 
ATOM   170  O  OD2 . ASP A 1 22  ? -15.281 -2.610  -6.841  1.00 64.98  ? 22  ASP A OD2 1 
ATOM   171  N  N   . TRP A 1 23  ? -9.812  -2.507  -6.246  1.00 40.81  ? 23  TRP A N   1 
ATOM   172  C  CA  . TRP A 1 23  ? -8.572  -1.819  -6.685  1.00 42.24  ? 23  TRP A CA  1 
ATOM   173  C  C   . TRP A 1 23  ? -7.581  -2.848  -7.244  1.00 42.13  ? 23  TRP A C   1 
ATOM   174  O  O   . TRP A 1 23  ? -6.966  -2.564  -8.281  1.00 41.61  ? 23  TRP A O   1 
ATOM   175  C  CB  . TRP A 1 23  ? -7.962  -0.963  -5.567  1.00 41.87  ? 23  TRP A CB  1 
ATOM   176  C  CG  . TRP A 1 23  ? -6.709  -0.281  -6.020  1.00 41.12  ? 23  TRP A CG  1 
ATOM   177  C  CD1 . TRP A 1 23  ? -6.594  0.929   -6.641  1.00 44.93  ? 23  TRP A CD1 1 
ATOM   178  C  CD2 . TRP A 1 23  ? -5.419  -0.897  -6.111  1.00 42.57  ? 23  TRP A CD2 1 
ATOM   179  N  NE1 . TRP A 1 23  ? -5.305  1.131   -7.059  1.00 42.00  ? 23  TRP A NE1 1 
ATOM   180  C  CE2 . TRP A 1 23  ? -4.563  0.026   -6.748  1.00 40.16  ? 23  TRP A CE2 1 
ATOM   181  C  CE3 . TRP A 1 23  ? -4.908  -2.133  -5.702  1.00 45.11  ? 23  TRP A CE3 1 
ATOM   182  C  CZ2 . TRP A 1 23  ? -3.221  -0.255  -6.980  1.00 44.53  ? 23  TRP A CZ2 1 
ATOM   183  C  CZ3 . TRP A 1 23  ? -3.577  -2.403  -5.924  1.00 47.60  ? 23  TRP A CZ3 1 
ATOM   184  C  CH2 . TRP A 1 23  ? -2.746  -1.466  -6.532  1.00 42.14  ? 23  TRP A CH2 1 
ATOM   185  N  N   . SER A 1 24  ? -7.487  -4.033  -6.631  1.00 39.02  ? 24  SER A N   1 
ATOM   186  C  CA  . SER A 1 24  ? -6.620  -5.150  -7.094  1.00 44.63  ? 24  SER A CA  1 
ATOM   187  C  C   . SER A 1 24  ? -7.022  -5.553  -8.517  1.00 49.16  ? 24  SER A C   1 
ATOM   188  O  O   . SER A 1 24  ? -6.128  -5.808  -9.328  1.00 49.26  ? 24  SER A O   1 
ATOM   189  C  CB  . SER A 1 24  ? -6.696  -6.333  -6.166  1.00 45.04  ? 24  SER A CB  1 
ATOM   190  O  OG  . SER A 1 24  ? -6.079  -6.037  -4.925  1.00 50.51  ? 24  SER A OG  1 
ATOM   191  N  N   . ALA A 1 25  ? -8.324  -5.732  -8.752  1.00 39.99  ? 25  ALA A N   1 
ATOM   192  C  CA  . ALA A 1 25  ? -8.907  -6.050  -10.076 1.00 46.64  ? 25  ALA A CA  1 
ATOM   193  C  C   . ALA A 1 25  ? -8.565  -4.932  -11.067 1.00 39.77  ? 25  ALA A C   1 
ATOM   194  O  O   . ALA A 1 25  ? -8.181  -5.262  -12.191 1.00 43.81  ? 25  ALA A O   1 
ATOM   195  C  CB  . ALA A 1 25  ? -10.397 -6.247  -9.955  1.00 45.21  ? 25  ALA A CB  1 
ATOM   196  N  N   . TYR A 1 26  ? -8.731  -3.670  -10.651 1.00 40.74  ? 26  TYR A N   1 
ATOM   197  C  CA  . TYR A 1 26  ? -8.369  -2.443  -11.411 1.00 41.86  ? 26  TYR A CA  1 
ATOM   198  C  C   . TYR A 1 26  ? -6.911  -2.532  -11.877 1.00 48.51  ? 26  TYR A C   1 
ATOM   199  O  O   . TYR A 1 26  ? -6.640  -2.303  -13.075 1.00 43.66  ? 26  TYR A O   1 
ATOM   200  C  CB  . TYR A 1 26  ? -8.605  -1.203  -10.546 1.00 43.17  ? 26  TYR A CB  1 
ATOM   201  C  CG  . TYR A 1 26  ? -8.278  0.125   -11.182 1.00 42.12  ? 26  TYR A CG  1 
ATOM   202  C  CD1 . TYR A 1 26  ? -8.358  0.309   -12.556 1.00 45.93  ? 26  TYR A CD1 1 
ATOM   203  C  CD2 . TYR A 1 26  ? -7.936  1.217   -10.407 1.00 40.34  ? 26  TYR A CD2 1 
ATOM   204  C  CE1 . TYR A 1 26  ? -8.124  1.546   -13.133 1.00 45.10  ? 26  TYR A CE1 1 
ATOM   205  C  CE2 . TYR A 1 26  ? -7.731  2.470   -10.962 1.00 45.72  ? 26  TYR A CE2 1 
ATOM   206  C  CZ  . TYR A 1 26  ? -7.820  2.633   -12.334 1.00 48.58  ? 26  TYR A CZ  1 
ATOM   207  O  OH  . TYR A 1 26  ? -7.625  3.856   -12.903 1.00 49.33  ? 26  TYR A OH  1 
ATOM   208  N  N   . PHE A 1 27  ? -6.009  -2.927  -10.977 1.00 43.92  ? 27  PHE A N   1 
ATOM   209  C  CA  . PHE A 1 27  ? -4.553  -3.047  -11.254 1.00 50.39  ? 27  PHE A CA  1 
ATOM   210  C  C   . PHE A 1 27  ? -4.314  -4.214  -12.218 1.00 49.09  ? 27  PHE A C   1 
ATOM   211  O  O   . PHE A 1 27  ? -3.487  -4.062  -13.127 1.00 45.00  ? 27  PHE A O   1 
ATOM   212  C  CB  . PHE A 1 27  ? -3.755  -3.232  -9.962  1.00 47.17  ? 27  PHE A CB  1 
ATOM   213  C  CG  . PHE A 1 27  ? -2.270  -3.007  -10.116 1.00 46.82  ? 27  PHE A CG  1 
ATOM   214  C  CD1 . PHE A 1 27  ? -1.430  -4.046  -10.477 1.00 60.80  ? 27  PHE A CD1 1 
ATOM   215  C  CD2 . PHE A 1 27  ? -1.710  -1.766  -9.865  1.00 45.31  ? 27  PHE A CD2 1 
ATOM   216  C  CE1 . PHE A 1 27  ? -0.064  -3.848  -10.592 1.00 50.71  ? 27  PHE A CE1 1 
ATOM   217  C  CE2 . PHE A 1 27  ? -0.345  -1.568  -9.990  1.00 52.38  ? 27  PHE A CE2 1 
ATOM   218  C  CZ  . PHE A 1 27  ? 0.473   -2.611  -10.353 1.00 44.11  ? 27  PHE A CZ  1 
ATOM   219  N  N   . GLY A 1 28  ? -5.109  -5.279  -12.087 1.00 52.83  ? 28  GLY A N   1 
ATOM   220  C  CA  . GLY A 1 28  ? -5.031  -6.497  -12.916 1.00 61.47  ? 28  GLY A CA  1 
ATOM   221  C  C   . GLY A 1 28  ? -4.200  -7.575  -12.245 1.00 65.97  ? 28  GLY A C   1 
ATOM   222  O  O   . GLY A 1 28  ? -3.585  -7.286  -11.196 1.00 73.24  ? 28  GLY A O   1 
ATOM   223  N  N   . ASP A 1 29  ? -4.148  -8.760  -12.854 1.00 77.01  ? 29  ASP A N   1 
ATOM   224  C  CA  . ASP A 1 29  ? -3.371  -9.932  -12.372 1.00 83.62  ? 29  ASP A CA  1 
ATOM   225  C  C   . ASP A 1 29  ? -2.513  -10.473 -13.524 1.00 86.90  ? 29  ASP A C   1 
ATOM   226  O  O   . ASP A 1 29  ? -1.410  -9.923  -13.724 1.00 80.19  ? 29  ASP A O   1 
ATOM   227  C  CB  . ASP A 1 29  ? -4.308  -11.007 -11.822 1.00 83.27  ? 29  ASP A CB  1 
ATOM   228  C  CG  . ASP A 1 29  ? -3.645  -12.367 -11.704 1.00 101.81 ? 29  ASP A CG  1 
ATOM   229  O  OD1 . ASP A 1 29  ? -2.400  -12.404 -11.606 1.00 106.12 ? 29  ASP A OD1 1 
ATOM   230  O  OD2 . ASP A 1 29  ? -4.371  -13.377 -11.768 1.00 107.57 ? 29  ASP A OD2 1 
ATOM   231  N  N   . ASP A 1 39  ? 7.010   -9.574  -11.539 1.00 67.91  ? 39  ASP A N   1 
ATOM   232  C  CA  . ASP A 1 39  ? 7.595   -9.534  -12.906 1.00 86.90  ? 39  ASP A CA  1 
ATOM   233  C  C   . ASP A 1 39  ? 8.141   -8.117  -13.163 1.00 92.10  ? 39  ASP A C   1 
ATOM   234  O  O   . ASP A 1 39  ? 9.202   -7.796  -12.578 1.00 88.19  ? 39  ASP A O   1 
ATOM   235  C  CB  . ASP A 1 39  ? 6.587   -10.053 -13.943 1.00 97.25  ? 39  ASP A CB  1 
ATOM   236  C  CG  . ASP A 1 39  ? 7.233   -10.606 -15.207 1.00 97.67  ? 39  ASP A CG  1 
ATOM   237  O  OD1 . ASP A 1 39  ? 8.124   -9.918  -15.753 1.00 79.53  ? 39  ASP A OD1 1 
ATOM   238  O  OD2 . ASP A 1 39  ? 6.840   -11.716 -15.639 1.00 92.53  ? 39  ASP A OD2 1 
ATOM   239  N  N   . GLY A 1 40  ? 7.420   -7.285  -13.933 1.00 94.92  ? 40  GLY A N   1 
ATOM   240  C  CA  . GLY A 1 40  ? 7.922   -6.020  -14.512 1.00 71.34  ? 40  GLY A CA  1 
ATOM   241  C  C   . GLY A 1 40  ? 7.637   -4.801  -13.638 1.00 103.69 ? 40  GLY A C   1 
ATOM   242  O  O   . GLY A 1 40  ? 7.717   -4.915  -12.380 1.00 97.24  ? 40  GLY A O   1 
ATOM   243  N  N   . SER A 1 41  ? 7.466   -3.639  -14.287 1.00 91.77  ? 41  SER A N   1 
ATOM   244  C  CA  . SER A 1 41  ? 7.374   -2.293  -13.659 1.00 98.91  ? 41  SER A CA  1 
ATOM   245  C  C   . SER A 1 41  ? 7.117   -1.221  -14.734 1.00 91.89  ? 41  SER A C   1 
ATOM   246  O  O   . SER A 1 41  ? 7.392   -1.495  -15.919 1.00 100.57 ? 41  SER A O   1 
ATOM   247  C  CB  . SER A 1 41  ? 8.607   -1.989  -12.828 1.00 88.69  ? 41  SER A CB  1 
ATOM   248  O  OG  . SER A 1 41  ? 9.789   -2.056  -13.614 1.00 83.92  ? 41  SER A OG  1 
ATOM   249  N  N   . ASN A 1 42  ? 6.539   -0.075  -14.344 1.00 95.82  ? 42  ASN A N   1 
ATOM   250  C  CA  . ASN A 1 42  ? 6.069   0.997   -15.267 1.00 94.44  ? 42  ASN A CA  1 
ATOM   251  C  C   . ASN A 1 42  ? 5.943   2.338   -14.509 1.00 94.11  ? 42  ASN A C   1 
ATOM   252  O  O   . ASN A 1 42  ? 5.531   2.301   -13.317 1.00 75.06  ? 42  ASN A O   1 
ATOM   253  C  CB  . ASN A 1 42  ? 4.778   0.567   -15.971 1.00 98.95  ? 42  ASN A CB  1 
ATOM   254  C  CG  . ASN A 1 42  ? 4.625   1.163   -17.356 1.00 121.04 ? 42  ASN A CG  1 
ATOM   255  O  OD1 . ASN A 1 42  ? 5.605   1.295   -18.094 1.00 122.90 ? 42  ASN A OD1 1 
ATOM   256  N  ND2 . ASN A 1 42  ? 3.393   1.472   -17.734 1.00 113.71 ? 42  ASN A ND2 1 
ATOM   257  N  N   . THR A 1 43  ? 6.564   3.393   -15.077 1.00 99.86  ? 43  THR A N   1 
ATOM   258  C  CA  . THR A 1 43  ? 6.417   4.869   -14.824 1.00 89.28  ? 43  THR A CA  1 
ATOM   259  C  C   . THR A 1 43  ? 6.680   5.272   -13.364 1.00 85.83  ? 43  THR A C   1 
ATOM   260  O  O   . THR A 1 43  ? 6.551   6.481   -13.061 1.00 79.47  ? 43  THR A O   1 
ATOM   261  C  CB  . THR A 1 43  ? 5.047   5.423   -15.250 1.00 89.64  ? 43  THR A CB  1 
ATOM   262  O  OG1 . THR A 1 43  ? 4.060   4.971   -14.323 1.00 97.60  ? 43  THR A OG1 1 
ATOM   263  C  CG2 . THR A 1 43  ? 4.663   5.041   -16.664 1.00 89.88  ? 43  THR A CG2 1 
ATOM   264  N  N   . GLY A 1 44  ? 7.161   4.345   -12.528 1.00 64.26  ? 44  GLY A N   1 
ATOM   265  C  CA  . GLY A 1 44  ? 7.465   4.616   -11.110 1.00 61.64  ? 44  GLY A CA  1 
ATOM   266  C  C   . GLY A 1 44  ? 8.907   4.270   -10.801 1.00 54.60  ? 44  GLY A C   1 
ATOM   267  O  O   . GLY A 1 44  ? 9.731   4.371   -11.716 1.00 55.28  ? 44  GLY A O   1 
ATOM   268  N  N   . GLY A 1 45  ? 9.159   3.686   -9.632  1.00 43.14  ? 45  GLY A N   1 
ATOM   269  C  CA  . GLY A 1 45  ? 10.508  3.284   -9.205  1.00 42.55  ? 45  GLY A CA  1 
ATOM   270  C  C   . GLY A 1 45  ? 10.733  3.663   -7.762  1.00 39.36  ? 45  GLY A C   1 
ATOM   271  O  O   . GLY A 1 45  ? 9.739   3.796   -7.033  1.00 42.24  ? 45  GLY A O   1 
ATOM   272  N  N   . PHE A 1 46  ? 11.993  3.775   -7.356  1.00 38.23  ? 46  PHE A N   1 
ATOM   273  C  CA  . PHE A 1 46  ? 12.391  4.138   -5.974  1.00 38.40  ? 46  PHE A CA  1 
ATOM   274  C  C   . PHE A 1 46  ? 12.685  5.637   -5.886  1.00 44.05  ? 46  PHE A C   1 
ATOM   275  O  O   . PHE A 1 46  ? 13.359  6.204   -6.764  1.00 44.31  ? 46  PHE A O   1 
ATOM   276  C  CB  . PHE A 1 46  ? 13.599  3.320   -5.533  1.00 41.74  ? 46  PHE A CB  1 
ATOM   277  C  CG  . PHE A 1 46  ? 13.284  1.873   -5.274  1.00 43.02  ? 46  PHE A CG  1 
ATOM   278  C  CD1 . PHE A 1 46  ? 12.712  1.484   -4.072  1.00 41.37  ? 46  PHE A CD1 1 
ATOM   279  C  CD2 . PHE A 1 46  ? 13.431  0.929   -6.281  1.00 40.14  ? 46  PHE A CD2 1 
ATOM   280  C  CE1 . PHE A 1 46  ? 12.403  0.153   -3.842  1.00 43.53  ? 46  PHE A CE1 1 
ATOM   281  C  CE2 . PHE A 1 46  ? 13.092  -0.395  -6.060  1.00 44.09  ? 46  PHE A CE2 1 
ATOM   282  C  CZ  . PHE A 1 46  ? 12.566  -0.777  -4.844  1.00 43.71  ? 46  PHE A CZ  1 
ATOM   283  N  N   . ASN A 1 47  ? 12.277  6.227   -4.768  1.00 44.12  ? 47  ASN A N   1 
ATOM   284  C  CA  . ASN A 1 47  ? 12.659  7.601   -4.363  1.00 44.45  ? 47  ASN A CA  1 
ATOM   285  C  C   . ASN A 1 47  ? 13.444  7.505   -3.058  1.00 40.39  ? 47  ASN A C   1 
ATOM   286  O  O   . ASN A 1 47  ? 12.874  7.114   -2.041  1.00 46.80  ? 47  ASN A O   1 
ATOM   287  C  CB  . ASN A 1 47  ? 11.417  8.482   -4.222  1.00 46.28  ? 47  ASN A CB  1 
ATOM   288  C  CG  . ASN A 1 47  ? 11.750  9.851   -3.678  1.00 50.49  ? 47  ASN A CG  1 
ATOM   289  O  OD1 . ASN A 1 47  ? 12.856  10.343  -3.884  1.00 53.35  ? 47  ASN A OD1 1 
ATOM   290  N  ND2 . ASN A 1 47  ? 10.808  10.457  -2.981  1.00 44.70  ? 47  ASN A ND2 1 
ATOM   291  N  N   . PRO A 1 48  ? 14.761  7.834   -3.019  1.00 47.21  ? 48  PRO A N   1 
ATOM   292  C  CA  . PRO A 1 48  ? 15.515  8.367   -4.165  1.00 46.61  ? 48  PRO A CA  1 
ATOM   293  C  C   . PRO A 1 48  ? 15.861  7.372   -5.280  1.00 48.80  ? 48  PRO A C   1 
ATOM   294  O  O   . PRO A 1 48  ? 16.192  7.806   -6.365  1.00 45.27  ? 48  PRO A O   1 
ATOM   295  C  CB  . PRO A 1 48  ? 16.867  8.804   -3.570  1.00 48.61  ? 48  PRO A CB  1 
ATOM   296  C  CG  . PRO A 1 48  ? 16.639  8.877   -2.072  1.00 50.20  ? 48  PRO A CG  1 
ATOM   297  C  CD  . PRO A 1 48  ? 15.554  7.863   -1.780  1.00 49.08  ? 48  PRO A CD  1 
ATOM   298  N  N   . GLY A 1 49  ? 16.017  6.097   -4.925  1.00 42.13  ? 49  GLY A N   1 
ATOM   299  C  CA  . GLY A 1 49  ? 16.593  5.083   -5.824  1.00 40.70  ? 49  GLY A CA  1 
ATOM   300  C  C   . GLY A 1 49  ? 18.117  5.159   -5.841  1.00 43.94  ? 49  GLY A C   1 
ATOM   301  O  O   . GLY A 1 49  ? 18.721  5.933   -5.104  1.00 46.61  ? 49  GLY A O   1 
ATOM   302  N  N   . PRO A 1 50  ? 18.789  4.328   -6.656  1.00 46.62  ? 50  PRO A N   1 
ATOM   303  C  CA  . PRO A 1 50  ? 18.114  3.551   -7.697  1.00 44.25  ? 50  PRO A CA  1 
ATOM   304  C  C   . PRO A 1 50  ? 17.429  2.247   -7.243  1.00 43.17  ? 50  PRO A C   1 
ATOM   305  O  O   . PRO A 1 50  ? 16.537  1.816   -7.940  1.00 40.82  ? 50  PRO A O   1 
ATOM   306  C  CB  . PRO A 1 50  ? 19.266  3.215   -8.652  1.00 49.64  ? 50  PRO A CB  1 
ATOM   307  C  CG  . PRO A 1 50  ? 20.483  3.124   -7.740  1.00 52.91  ? 50  PRO A CG  1 
ATOM   308  C  CD  . PRO A 1 50  ? 20.256  4.198   -6.696  1.00 51.00  ? 50  PRO A CD  1 
ATOM   309  N  N   . PHE A 1 51  ? 17.858  1.636   -6.131  1.00 42.22  ? 51  PHE A N   1 
ATOM   310  C  CA  . PHE A 1 51  ? 17.374  0.299   -5.683  1.00 43.40  ? 51  PHE A CA  1 
ATOM   311  C  C   . PHE A 1 51  ? 16.918  0.344   -4.219  1.00 43.88  ? 51  PHE A C   1 
ATOM   312  O  O   . PHE A 1 51  ? 16.583  -0.708  -3.649  1.00 39.36  ? 51  PHE A O   1 
ATOM   313  C  CB  . PHE A 1 51  ? 18.456  -0.757  -5.914  1.00 43.69  ? 51  PHE A CB  1 
ATOM   314  C  CG  . PHE A 1 51  ? 18.945  -0.822  -7.341  1.00 48.40  ? 51  PHE A CG  1 
ATOM   315  C  CD1 . PHE A 1 51  ? 18.066  -1.088  -8.381  1.00 47.54  ? 51  PHE A CD1 1 
ATOM   316  C  CD2 . PHE A 1 51  ? 20.267  -0.540  -7.651  1.00 42.78  ? 51  PHE A CD2 1 
ATOM   317  C  CE1 . PHE A 1 51  ? 18.504  -1.087  -9.697  1.00 49.82  ? 51  PHE A CE1 1 
ATOM   318  C  CE2 . PHE A 1 51  ? 20.701  -0.534  -8.969  1.00 51.94  ? 51  PHE A CE2 1 
ATOM   319  C  CZ  . PHE A 1 51  ? 19.818  -0.800  -9.989  1.00 51.76  ? 51  PHE A CZ  1 
ATOM   320  N  N   . ASP A 1 52  ? 16.755  1.551   -3.686  1.00 39.62  ? 52  ASP A N   1 
ATOM   321  C  CA  . ASP A 1 52  ? 16.375  1.813   -2.275  1.00 35.93  ? 52  ASP A CA  1 
ATOM   322  C  C   . ASP A 1 52  ? 15.610  3.137   -2.244  1.00 46.16  ? 52  ASP A C   1 
ATOM   323  O  O   . ASP A 1 52  ? 15.922  4.027   -3.066  1.00 46.23  ? 52  ASP A O   1 
ATOM   324  C  CB  . ASP A 1 52  ? 17.602  1.880   -1.361  1.00 44.78  ? 52  ASP A CB  1 
ATOM   325  C  CG  . ASP A 1 52  ? 18.468  0.632   -1.369  1.00 43.82  ? 52  ASP A CG  1 
ATOM   326  O  OD1 . ASP A 1 52  ? 19.372  0.550   -2.223  1.00 44.61  ? 52  ASP A OD1 1 
ATOM   327  O  OD2 . ASP A 1 52  ? 18.199  -0.266  -0.557  1.00 44.43  ? 52  ASP A OD2 1 
ATOM   328  N  N   . GLY A 1 53  ? 14.638  3.275   -1.345  1.00 43.49  ? 53  GLY A N   1 
ATOM   329  C  CA  . GLY A 1 53  ? 13.842  4.508   -1.264  1.00 42.96  ? 53  GLY A CA  1 
ATOM   330  C  C   . GLY A 1 53  ? 13.093  4.621   0.043   1.00 42.80  ? 53  GLY A C   1 
ATOM   331  O  O   . GLY A 1 53  ? 12.746  3.586   0.608   1.00 39.34  ? 53  GLY A O   1 
ATOM   332  N  N   . SER A 1 54  ? 12.640  5.836   0.348   1.00 44.77  ? 54  SER A N   1 
ATOM   333  C  CA  . SER A 1 54  ? 11.516  6.118   1.273   1.00 47.89  ? 54  SER A CA  1 
ATOM   334  C  C   . SER A 1 54  ? 10.193  5.857   0.536   1.00 42.02  ? 54  SER A C   1 
ATOM   335  O  O   . SER A 1 54  ? 9.169   5.668   1.198   1.00 44.90  ? 54  SER A O   1 
ATOM   336  C  CB  . SER A 1 54  ? 11.608  7.536   1.778   1.00 44.66  ? 54  SER A CB  1 
ATOM   337  O  OG  . SER A 1 54  ? 11.429  8.445   0.702   1.00 42.37  ? 54  SER A OG  1 
ATOM   338  N  N   . GLN A 1 55  ? 10.234  5.807   -0.795  1.00 39.95  ? 55  GLN A N   1 
ATOM   339  C  CA  . GLN A 1 55  ? 9.064   5.431   -1.628  1.00 40.76  ? 55  GLN A CA  1 
ATOM   340  C  C   . GLN A 1 55  ? 9.473   4.359   -2.639  1.00 42.98  ? 55  GLN A C   1 
ATOM   341  O  O   . GLN A 1 55  ? 10.571  4.468   -3.220  1.00 37.44  ? 55  GLN A O   1 
ATOM   342  C  CB  . GLN A 1 55  ? 8.499   6.640   -2.369  1.00 47.37  ? 55  GLN A CB  1 
ATOM   343  C  CG  . GLN A 1 55  ? 7.928   7.722   -1.462  1.00 50.38  ? 55  GLN A CG  1 
ATOM   344  C  CD  . GLN A 1 55  ? 7.341   8.831   -2.297  1.00 47.69  ? 55  GLN A CD  1 
ATOM   345  O  OE1 . GLN A 1 55  ? 7.995   9.360   -3.196  1.00 47.26  ? 55  GLN A OE1 1 
ATOM   346  N  NE2 . GLN A 1 55  ? 6.049   9.057   -2.140  1.00 48.73  ? 55  GLN A NE2 1 
ATOM   347  N  N   . TYR A 1 56  ? 8.582   3.392   -2.868  1.00 41.81  ? 56  TYR A N   1 
ATOM   348  C  CA  . TYR A 1 56  ? 8.544   2.530   -4.073  1.00 40.64  ? 56  TYR A CA  1 
ATOM   349  C  C   . TYR A 1 56  ? 7.176   2.702   -4.728  1.00 38.78  ? 56  TYR A C   1 
ATOM   350  O  O   . TYR A 1 56  ? 6.165   2.545   -4.034  1.00 42.39  ? 56  TYR A O   1 
ATOM   351  C  CB  . TYR A 1 56  ? 8.792   1.067   -3.702  1.00 38.32  ? 56  TYR A CB  1 
ATOM   352  C  CG  . TYR A 1 56  ? 8.591   0.115   -4.850  1.00 41.68  ? 56  TYR A CG  1 
ATOM   353  C  CD1 . TYR A 1 56  ? 9.367   0.211   -5.995  1.00 44.85  ? 56  TYR A CD1 1 
ATOM   354  C  CD2 . TYR A 1 56  ? 7.566   -0.820  -4.838  1.00 46.66  ? 56  TYR A CD2 1 
ATOM   355  C  CE1 . TYR A 1 56  ? 9.167   -0.632  -7.075  1.00 41.03  ? 56  TYR A CE1 1 
ATOM   356  C  CE2 . TYR A 1 56  ? 7.351   -1.667  -5.914  1.00 45.97  ? 56  TYR A CE2 1 
ATOM   357  C  CZ  . TYR A 1 56  ? 8.141   -1.558  -7.047  1.00 44.79  ? 56  TYR A CZ  1 
ATOM   358  O  OH  . TYR A 1 56  ? 7.908   -2.339  -8.144  1.00 45.53  ? 56  TYR A OH  1 
ATOM   359  N  N   . ALA A 1 57  ? 7.159   3.099   -5.997  1.00 41.01  ? 57  ALA A N   1 
ATOM   360  C  CA  . ALA A 1 57  ? 5.930   3.439   -6.744  1.00 40.09  ? 57  ALA A CA  1 
ATOM   361  C  C   . ALA A 1 57  ? 5.860   2.557   -7.990  1.00 40.97  ? 57  ALA A C   1 
ATOM   362  O  O   . ALA A 1 57  ? 6.915   2.284   -8.584  1.00 39.47  ? 57  ALA A O   1 
ATOM   363  C  CB  . ALA A 1 57  ? 5.928   4.907   -7.085  1.00 43.38  ? 57  ALA A CB  1 
ATOM   364  N  N   . LEU A 1 58  ? 4.680   2.012   -8.275  1.00 41.71  ? 58  LEU A N   1 
ATOM   365  C  CA  . LEU A 1 58  ? 4.459   1.102   -9.423  1.00 40.65  ? 58  LEU A CA  1 
ATOM   366  C  C   . LEU A 1 58  ? 3.089   1.383   -10.042 1.00 47.78  ? 58  LEU A C   1 
ATOM   367  O  O   . LEU A 1 58  ? 2.083   1.440   -9.291  1.00 46.46  ? 58  LEU A O   1 
ATOM   368  C  CB  . LEU A 1 58  ? 4.570   -0.351  -8.962  1.00 41.34  ? 58  LEU A CB  1 
ATOM   369  C  CG  . LEU A 1 58  ? 4.527   -1.377  -10.093 1.00 46.97  ? 58  LEU A CG  1 
ATOM   370  C  CD1 . LEU A 1 58  ? 5.724   -1.216  -11.025 1.00 51.64  ? 58  LEU A CD1 1 
ATOM   371  C  CD2 . LEU A 1 58  ? 4.458   -2.794  -9.552  1.00 42.74  ? 58  LEU A CD2 1 
ATOM   372  N  N   . LYS A 1 59  ? 3.084   1.576   -11.360 1.00 43.93  ? 59  LYS A N   1 
ATOM   373  C  CA  . LYS A 1 59  ? 1.876   1.667   -12.217 1.00 48.21  ? 59  LYS A CA  1 
ATOM   374  C  C   . LYS A 1 59  ? 1.602   0.297   -12.845 1.00 49.83  ? 59  LYS A C   1 
ATOM   375  O  O   . LYS A 1 59  ? 2.577   -0.430  -13.172 1.00 43.21  ? 59  LYS A O   1 
ATOM   376  C  CB  . LYS A 1 59  ? 2.097   2.721   -13.305 1.00 53.46  ? 59  LYS A CB  1 
ATOM   377  C  CG  . LYS A 1 59  ? 0.896   3.007   -14.192 1.00 63.95  ? 59  LYS A CG  1 
ATOM   378  C  CD  . LYS A 1 59  ? 1.242   3.872   -15.386 1.00 70.18  ? 59  LYS A CD  1 
ATOM   379  C  CE  . LYS A 1 59  ? 0.056   4.158   -16.281 1.00 74.51  ? 59  LYS A CE  1 
ATOM   380  N  NZ  . LYS A 1 59  ? -0.387  2.934   -16.984 1.00 79.71  ? 59  LYS A NZ  1 
ATOM   381  N  N   . SER A 1 60  ? 0.323   -0.049  -12.988 1.00 45.02  ? 60  SER A N   1 
ATOM   382  C  CA  . SER A 1 60  ? -0.153  -1.265  -13.694 1.00 43.18  ? 60  SER A CA  1 
ATOM   383  C  C   . SER A 1 60  ? 0.284   -1.199  -15.163 1.00 41.54  ? 60  SER A C   1 
ATOM   384  O  O   . SER A 1 60  ? 0.344   -0.091  -15.709 1.00 45.53  ? 60  SER A O   1 
ATOM   385  C  CB  . SER A 1 60  ? -1.649  -1.404  -13.569 1.00 46.95  ? 60  SER A CB  1 
ATOM   386  O  OG  . SER A 1 60  ? -2.136  -2.434  -14.416 1.00 43.25  ? 60  SER A OG  1 
ATOM   387  N  N   . THR A 1 61  ? 0.512   -2.355  -15.784 1.00 43.74  ? 61  THR A N   1 
ATOM   388  C  CA  . THR A 1 61  ? 0.709   -2.498  -17.248 1.00 49.55  ? 61  THR A CA  1 
ATOM   389  C  C   . THR A 1 61  ? -0.646  -2.694  -17.932 1.00 59.75  ? 61  THR A C   1 
ATOM   390  O  O   . THR A 1 61  ? -0.663  -2.733  -19.166 1.00 64.97  ? 61  THR A O   1 
ATOM   391  C  CB  . THR A 1 61  ? 1.653   -3.663  -17.562 1.00 49.03  ? 61  THR A CB  1 
ATOM   392  O  OG1 . THR A 1 61  ? 1.059   -4.869  -17.079 1.00 59.84  ? 61  THR A OG1 1 
ATOM   393  C  CG2 . THR A 1 61  ? 3.015   -3.498  -16.925 1.00 61.78  ? 61  THR A CG2 1 
ATOM   394  N  N   . ALA A 1 62  ? -1.732  -2.845  -17.167 1.00 55.40  ? 62  ALA A N   1 
ATOM   395  C  CA  . ALA A 1 62  ? -3.066  -3.209  -17.703 1.00 52.09  ? 62  ALA A CA  1 
ATOM   396  C  C   . ALA A 1 62  ? -4.019  -2.009  -17.651 1.00 51.56  ? 62  ALA A C   1 
ATOM   397  O  O   . ALA A 1 62  ? -5.009  -2.024  -18.389 1.00 60.18  ? 62  ALA A O   1 
ATOM   398  C  CB  . ALA A 1 62  ? -3.621  -4.392  -16.954 1.00 56.52  ? 62  ALA A CB  1 
ATOM   399  N  N   . SER A 1 63  ? -3.733  -1.012  -16.810 1.00 50.89  ? 63  SER A N   1 
ATOM   400  C  CA  . SER A 1 63  ? -4.621  0.147   -16.523 1.00 44.98  ? 63  SER A CA  1 
ATOM   401  C  C   . SER A 1 63  ? -3.773  1.307   -16.001 1.00 47.22  ? 63  SER A C   1 
ATOM   402  O  O   . SER A 1 63  ? -2.561  1.092   -15.815 1.00 45.75  ? 63  SER A O   1 
ATOM   403  C  CB  . SER A 1 63  ? -5.696  -0.231  -15.521 1.00 47.57  ? 63  SER A CB  1 
ATOM   404  O  OG  . SER A 1 63  ? -5.144  -0.384  -14.222 1.00 45.05  ? 63  SER A OG  1 
ATOM   405  N  N   . ASP A 1 64  ? -4.420  2.414   -15.618 1.00 45.88  ? 64  ASP A N   1 
ATOM   406  C  CA  . ASP A 1 64  ? -3.793  3.587   -14.951 1.00 50.38  ? 64  ASP A CA  1 
ATOM   407  C  C   . ASP A 1 64  ? -3.631  3.348   -13.442 1.00 44.94  ? 64  ASP A C   1 
ATOM   408  O  O   . ASP A 1 64  ? -3.115  4.250   -12.772 1.00 43.41  ? 64  ASP A O   1 
ATOM   409  C  CB  . ASP A 1 64  ? -4.605  4.861   -15.179 1.00 56.12  ? 64  ASP A CB  1 
ATOM   410  C  CG  . ASP A 1 64  ? -4.526  5.383   -16.601 1.00 77.59  ? 64  ASP A CG  1 
ATOM   411  O  OD1 . ASP A 1 64  ? -3.447  5.248   -17.216 1.00 89.49  ? 64  ASP A OD1 1 
ATOM   412  O  OD2 . ASP A 1 64  ? -5.545  5.920   -17.081 1.00 90.14  ? 64  ASP A OD2 1 
ATOM   413  N  N   . ALA A 1 65  ? -4.112  2.223   -12.910 1.00 44.65  ? 65  ALA A N   1 
ATOM   414  C  CA  . ALA A 1 65  ? -4.010  1.884   -11.466 1.00 46.19  ? 65  ALA A CA  1 
ATOM   415  C  C   . ALA A 1 65  ? -2.546  1.997   -11.022 1.00 48.37  ? 65  ALA A C   1 
ATOM   416  O  O   . ALA A 1 65  ? -1.644  1.606   -11.793 1.00 48.17  ? 65  ALA A O   1 
ATOM   417  C  CB  . ALA A 1 65  ? -4.541  0.499   -11.213 1.00 44.84  ? 65  ALA A CB  1 
ATOM   418  N  N   . ALA A 1 66  ? -2.300  2.538   -9.833  1.00 49.75  ? 66  ALA A N   1 
ATOM   419  C  CA  . ALA A 1 66  ? -0.932  2.650   -9.287  1.00 44.20  ? 66  ALA A CA  1 
ATOM   420  C  C   . ALA A 1 66  ? -0.995  2.637   -7.768  1.00 42.17  ? 66  ALA A C   1 
ATOM   421  O  O   . ALA A 1 66  ? -2.079  2.861   -7.213  1.00 42.14  ? 66  ALA A O   1 
ATOM   422  C  CB  . ALA A 1 66  ? -0.258  3.890   -9.815  1.00 42.82  ? 66  ALA A CB  1 
ATOM   423  N  N   . PHE A 1 67  ? 0.126   2.301   -7.141  1.00 40.32  ? 67  PHE A N   1 
ATOM   424  C  CA  . PHE A 1 67  ? 0.312   2.418   -5.681  1.00 40.62  ? 67  PHE A CA  1 
ATOM   425  C  C   . PHE A 1 67  ? 1.676   3.036   -5.385  1.00 40.12  ? 67  PHE A C   1 
ATOM   426  O  O   . PHE A 1 67  ? 2.602   2.982   -6.220  1.00 39.82  ? 67  PHE A O   1 
ATOM   427  C  CB  . PHE A 1 67  ? 0.123   1.055   -5.025  1.00 40.45  ? 67  PHE A CB  1 
ATOM   428  C  CG  . PHE A 1 67  ? 1.198   0.055   -5.345  1.00 44.85  ? 67  PHE A CG  1 
ATOM   429  C  CD1 . PHE A 1 67  ? 2.382   0.039   -4.625  1.00 49.86  ? 67  PHE A CD1 1 
ATOM   430  C  CD2 . PHE A 1 67  ? 1.042   -0.843  -6.385  1.00 42.91  ? 67  PHE A CD2 1 
ATOM   431  C  CE1 . PHE A 1 67  ? 3.371   -0.888  -4.913  1.00 52.63  ? 67  PHE A CE1 1 
ATOM   432  C  CE2 . PHE A 1 67  ? 2.026   -1.779  -6.663  1.00 48.47  ? 67  PHE A CE2 1 
ATOM   433  C  CZ  . PHE A 1 67  ? 3.188   -1.799  -5.928  1.00 54.11  ? 67  PHE A CZ  1 
ATOM   434  N  N   . ILE A 1 68  ? 1.787   3.592   -4.184  1.00 39.69  ? 68  ILE A N   1 
ATOM   435  C  CA  . ILE A 1 68  ? 3.066   4.056   -3.590  1.00 39.19  ? 68  ILE A CA  1 
ATOM   436  C  C   . ILE A 1 68  ? 3.197   3.395   -2.224  1.00 36.03  ? 68  ILE A C   1 
ATOM   437  O  O   . ILE A 1 68  ? 2.320   3.616   -1.364  1.00 42.35  ? 68  ILE A O   1 
ATOM   438  C  CB  . ILE A 1 68  ? 3.117   5.590   -3.477  1.00 40.53  ? 68  ILE A CB  1 
ATOM   439  C  CG1 . ILE A 1 68  ? 2.862   6.278   -4.819  1.00 47.26  ? 68  ILE A CG1 1 
ATOM   440  C  CG2 . ILE A 1 68  ? 4.442   6.025   -2.874  1.00 45.98  ? 68  ILE A CG2 1 
ATOM   441  C  CD1 . ILE A 1 68  ? 2.745   7.785   -4.717  1.00 48.05  ? 68  ILE A CD1 1 
ATOM   442  N  N   . ALA A 1 69  ? 4.275   2.654   -2.041  1.00 36.78  ? 69  ALA A N   1 
ATOM   443  C  CA  . ALA A 1 69  ? 4.685   2.075   -0.751  1.00 40.45  ? 69  ALA A CA  1 
ATOM   444  C  C   . ALA A 1 69  ? 5.704   3.025   -0.124  1.00 45.18  ? 69  ALA A C   1 
ATOM   445  O  O   . ALA A 1 69  ? 6.607   3.483   -0.861  1.00 41.58  ? 69  ALA A O   1 
ATOM   446  C  CB  . ALA A 1 69  ? 5.240   0.698   -0.963  1.00 37.79  ? 69  ALA A CB  1 
ATOM   447  N  N   . GLY A 1 70  ? 5.415   3.474   1.101   1.00 39.62  ? 70  GLY A N   1 
ATOM   448  C  CA  . GLY A 1 70  ? 6.249   4.424   1.852   1.00 41.59  ? 70  GLY A CA  1 
ATOM   449  C  C   . GLY A 1 70  ? 6.934   3.745   3.016   1.00 40.04  ? 70  GLY A C   1 
ATOM   450  O  O   . GLY A 1 70  ? 6.308   2.877   3.657   1.00 39.49  ? 70  GLY A O   1 
ATOM   451  N  N   . GLY A 1 71  ? 8.177   4.137   3.290   1.00 40.13  ? 71  GLY A N   1 
ATOM   452  C  CA  . GLY A 1 71  ? 8.922   3.691   4.482   1.00 45.97  ? 71  GLY A CA  1 
ATOM   453  C  C   . GLY A 1 71  ? 10.416  3.825   4.288   1.00 39.98  ? 71  GLY A C   1 
ATOM   454  O  O   . GLY A 1 71  ? 10.871  4.929   3.983   1.00 45.00  ? 71  GLY A O   1 
ATOM   455  N  N   . ASP A 1 72  ? 11.145  2.728   4.483   1.00 42.46  ? 72  ASP A N   1 
ATOM   456  C  CA  . ASP A 1 72  ? 12.599  2.621   4.231   1.00 45.40  ? 72  ASP A CA  1 
ATOM   457  C  C   . ASP A 1 72  ? 12.838  1.284   3.530   1.00 44.37  ? 72  ASP A C   1 
ATOM   458  O  O   . ASP A 1 72  ? 12.878  0.272   4.235   1.00 40.58  ? 72  ASP A O   1 
ATOM   459  C  CB  . ASP A 1 72  ? 13.379  2.740   5.541   1.00 53.42  ? 72  ASP A CB  1 
ATOM   460  C  CG  . ASP A 1 72  ? 14.886  2.723   5.358   1.00 51.38  ? 72  ASP A CG  1 
ATOM   461  O  OD1 . ASP A 1 72  ? 15.328  2.767   4.208   1.00 48.04  ? 72  ASP A OD1 1 
ATOM   462  O  OD2 . ASP A 1 72  ? 15.598  2.618   6.372   1.00 60.55  ? 72  ASP A OD2 1 
ATOM   463  N  N   . LEU A 1 73  ? 12.739  1.276   2.199   1.00 37.40  ? 73  LEU A N   1 
ATOM   464  C  CA  . LEU A 1 73  ? 12.576  0.049   1.376   1.00 40.24  ? 73  LEU A CA  1 
ATOM   465  C  C   . LEU A 1 73  ? 13.835  -0.209  0.551   1.00 42.53  ? 73  LEU A C   1 
ATOM   466  O  O   . LEU A 1 73  ? 14.483  0.771   0.105   1.00 43.44  ? 73  LEU A O   1 
ATOM   467  C  CB  . LEU A 1 73  ? 11.347  0.209   0.478   1.00 40.53  ? 73  LEU A CB  1 
ATOM   468  C  CG  . LEU A 1 73  ? 10.023  0.211   1.233   1.00 40.64  ? 73  LEU A CG  1 
ATOM   469  C  CD1 . LEU A 1 73  ? 8.880   0.690   0.354   1.00 48.47  ? 73  LEU A CD1 1 
ATOM   470  C  CD2 . LEU A 1 73  ? 9.732   -1.165  1.808   1.00 42.73  ? 73  LEU A CD2 1 
ATOM   471  N  N   . HIS A 1 74  ? 14.098  -1.490  0.296   1.00 41.81  ? 74  HIS A N   1 
ATOM   472  C  CA  . HIS A 1 74  ? 15.343  -2.030  -0.306  1.00 40.36  ? 74  HIS A CA  1 
ATOM   473  C  C   . HIS A 1 74  ? 14.977  -3.167  -1.265  1.00 43.75  ? 74  HIS A C   1 
ATOM   474  O  O   . HIS A 1 74  ? 14.271  -4.095  -0.821  1.00 41.29  ? 74  HIS A O   1 
ATOM   475  C  CB  . HIS A 1 74  ? 16.301  -2.531  0.783   1.00 38.78  ? 74  HIS A CB  1 
ATOM   476  C  CG  . HIS A 1 74  ? 16.449  -1.594  1.933   1.00 47.44  ? 74  HIS A CG  1 
ATOM   477  N  ND1 . HIS A 1 74  ? 17.196  -0.431  1.850   1.00 46.44  ? 74  HIS A ND1 1 
ATOM   478  C  CD2 . HIS A 1 74  ? 15.983  -1.660  3.200   1.00 46.90  ? 74  HIS A CD2 1 
ATOM   479  C  CE1 . HIS A 1 74  ? 17.140  0.199   3.007   1.00 46.89  ? 74  HIS A CE1 1 
ATOM   480  N  NE2 . HIS A 1 74  ? 16.420  -0.543  3.854   1.00 44.05  ? 74  HIS A NE2 1 
ATOM   481  N  N   . TYR A 1 75  ? 15.455  -3.094  -2.511  1.00 41.16  ? 75  TYR A N   1 
ATOM   482  C  CA  . TYR A 1 75  ? 15.352  -4.174  -3.525  1.00 39.42  ? 75  TYR A CA  1 
ATOM   483  C  C   . TYR A 1 75  ? 16.729  -4.812  -3.712  1.00 39.72  ? 75  TYR A C   1 
ATOM   484  O  O   . TYR A 1 75  ? 17.676  -4.101  -4.049  1.00 36.99  ? 75  TYR A O   1 
ATOM   485  C  CB  . TYR A 1 75  ? 14.796  -3.633  -4.842  1.00 42.00  ? 75  TYR A CB  1 
ATOM   486  C  CG  . TYR A 1 75  ? 14.530  -4.689  -5.885  1.00 43.88  ? 75  TYR A CG  1 
ATOM   487  C  CD1 . TYR A 1 75  ? 13.607  -5.704  -5.674  1.00 40.99  ? 75  TYR A CD1 1 
ATOM   488  C  CD2 . TYR A 1 75  ? 15.192  -4.663  -7.100  1.00 43.81  ? 75  TYR A CD2 1 
ATOM   489  C  CE1 . TYR A 1 75  ? 13.388  -6.694  -6.624  1.00 40.72  ? 75  TYR A CE1 1 
ATOM   490  C  CE2 . TYR A 1 75  ? 14.975  -5.634  -8.064  1.00 43.75  ? 75  TYR A CE2 1 
ATOM   491  C  CZ  . TYR A 1 75  ? 14.051  -6.641  -7.839  1.00 39.87  ? 75  TYR A CZ  1 
ATOM   492  O  OH  . TYR A 1 75  ? 13.813  -7.561  -8.822  1.00 39.23  ? 75  TYR A OH  1 
ATOM   493  N  N   . THR A 1 76  ? 16.819  -6.131  -3.558  1.00 42.12  ? 76  THR A N   1 
ATOM   494  C  CA  . THR A 1 76  ? 18.099  -6.887  -3.609  1.00 47.18  ? 76  THR A CA  1 
ATOM   495  C  C   . THR A 1 76  ? 18.580  -7.058  -5.048  1.00 43.30  ? 76  THR A C   1 
ATOM   496  O  O   . THR A 1 76  ? 19.746  -7.454  -5.217  1.00 40.07  ? 76  THR A O   1 
ATOM   497  C  CB  . THR A 1 76  ? 17.966  -8.267  -2.962  1.00 42.92  ? 76  THR A CB  1 
ATOM   498  O  OG1 . THR A 1 76  ? 16.938  -8.994  -3.642  1.00 38.47  ? 76  THR A OG1 1 
ATOM   499  C  CG2 . THR A 1 76  ? 17.681  -8.156  -1.482  1.00 43.89  ? 76  THR A CG2 1 
ATOM   500  N  N   . LEU A 1 77  ? 17.683  -6.927  -6.031  1.00 41.38  ? 77  LEU A N   1 
ATOM   501  C  CA  . LEU A 1 77  ? 18.039  -7.108  -7.462  1.00 44.84  ? 77  LEU A CA  1 
ATOM   502  C  C   . LEU A 1 77  ? 18.525  -8.558  -7.638  1.00 43.75  ? 77  LEU A C   1 
ATOM   503  O  O   . LEU A 1 77  ? 17.736  -9.488  -7.350  1.00 39.78  ? 77  LEU A O   1 
ATOM   504  C  CB  . LEU A 1 77  ? 19.107  -6.057  -7.795  1.00 50.24  ? 77  LEU A CB  1 
ATOM   505  C  CG  . LEU A 1 77  ? 19.360  -5.718  -9.265  1.00 55.14  ? 77  LEU A CG  1 
ATOM   506  C  CD1 . LEU A 1 77  ? 18.073  -5.384  -10.005 1.00 49.30  ? 77  LEU A CD1 1 
ATOM   507  C  CD2 . LEU A 1 77  ? 20.335  -4.550  -9.366  1.00 60.13  ? 77  LEU A CD2 1 
ATOM   508  N  N   . PHE A 1 78  ? 19.765  -8.776  -8.076  1.00 40.55  ? 78  PHE A N   1 
ATOM   509  C  CA  . PHE A 1 78  ? 20.292  -10.138 -8.332  1.00 47.07  ? 78  PHE A CA  1 
ATOM   510  C  C   . PHE A 1 78  ? 21.052  -10.686 -7.117  1.00 46.42  ? 78  PHE A C   1 
ATOM   511  O  O   . PHE A 1 78  ? 21.452  -11.848 -7.162  1.00 50.89  ? 78  PHE A O   1 
ATOM   512  C  CB  . PHE A 1 78  ? 21.151  -10.142 -9.597  1.00 53.68  ? 78  PHE A CB  1 
ATOM   513  C  CG  . PHE A 1 78  ? 20.356  -9.925  -10.860 1.00 47.20  ? 78  PHE A CG  1 
ATOM   514  C  CD1 . PHE A 1 78  ? 19.426  -10.866 -11.277 1.00 50.48  ? 78  PHE A CD1 1 
ATOM   515  C  CD2 . PHE A 1 78  ? 20.488  -8.756  -11.592 1.00 47.83  ? 78  PHE A CD2 1 
ATOM   516  C  CE1 . PHE A 1 78  ? 18.666  -10.656 -12.418 1.00 43.68  ? 78  PHE A CE1 1 
ATOM   517  C  CE2 . PHE A 1 78  ? 19.723  -8.545  -12.729 1.00 49.22  ? 78  PHE A CE2 1 
ATOM   518  C  CZ  . PHE A 1 78  ? 18.810  -9.491  -13.135 1.00 48.51  ? 78  PHE A CZ  1 
ATOM   519  N  N   A SER A 1 79  ? 21.242  -9.891  -6.059  0.41 46.40  ? 79  SER A N   1 
ATOM   520  N  N   B SER A 1 79  ? 21.209  -9.882  -6.061  0.59 44.83  ? 79  SER A N   1 
ATOM   521  C  CA  A SER A 1 79  ? 22.016  -10.314 -4.860  0.41 50.75  ? 79  SER A CA  1 
ATOM   522  C  CA  B SER A 1 79  ? 21.933  -10.268 -4.819  0.59 50.45  ? 79  SER A CA  1 
ATOM   523  C  C   A SER A 1 79  ? 21.125  -11.172 -3.955  0.41 47.94  ? 79  SER A C   1 
ATOM   524  C  C   B SER A 1 79  ? 21.065  -11.239 -4.018  0.59 46.16  ? 79  SER A C   1 
ATOM   525  O  O   A SER A 1 79  ? 19.930  -10.854 -3.819  0.41 50.32  ? 79  SER A O   1 
ATOM   526  O  O   B SER A 1 79  ? 19.848  -11.010 -3.931  0.59 47.63  ? 79  SER A O   1 
ATOM   527  C  CB  A SER A 1 79  ? 22.620  -9.144  -4.120  0.41 47.66  ? 79  SER A CB  1 
ATOM   528  C  CB  B SER A 1 79  ? 22.316  -9.070  -3.990  0.59 46.95  ? 79  SER A CB  1 
ATOM   529  O  OG  A SER A 1 79  ? 21.619  -8.273  -3.621  0.41 46.54  ? 79  SER A OG  1 
ATOM   530  O  OG  B SER A 1 79  ? 23.171  -8.205  -4.716  0.59 45.69  ? 79  SER A OG  1 
ATOM   531  N  N   . ASN A 1 80  ? 21.666  -12.288 -3.465  1.00 50.93  ? 80  ASN A N   1 
ATOM   532  C  CA  . ASN A 1 80  ? 20.930  -13.251 -2.615  1.00 49.72  ? 80  ASN A CA  1 
ATOM   533  C  C   . ASN A 1 80  ? 20.466  -12.516 -1.359  1.00 46.80  ? 80  ASN A C   1 
ATOM   534  O  O   . ASN A 1 80  ? 21.241  -11.800 -0.744  1.00 48.17  ? 80  ASN A O   1 
ATOM   535  C  CB  . ASN A 1 80  ? 21.789  -14.473 -2.296  1.00 60.48  ? 80  ASN A CB  1 
ATOM   536  C  CG  . ASN A 1 80  ? 21.106  -15.392 -1.309  1.00 65.75  ? 80  ASN A CG  1 
ATOM   537  O  OD1 . ASN A 1 80  ? 20.150  -16.077 -1.662  1.00 69.83  ? 80  ASN A OD1 1 
ATOM   538  N  ND2 . ASN A 1 80  ? 21.476  -15.284 -0.043  1.00 62.64  ? 80  ASN A ND2 1 
ATOM   539  N  N   . PRO A 1 81  ? 19.186  -12.640 -0.938  1.00 46.09  ? 81  PRO A N   1 
ATOM   540  C  CA  . PRO A 1 81  ? 18.157  -13.338 -1.713  1.00 48.90  ? 81  PRO A CA  1 
ATOM   541  C  C   . PRO A 1 81  ? 17.561  -12.495 -2.854  1.00 49.92  ? 81  PRO A C   1 
ATOM   542  O  O   . PRO A 1 81  ? 16.956  -11.468 -2.588  1.00 42.69  ? 81  PRO A O   1 
ATOM   543  C  CB  . PRO A 1 81  ? 17.087  -13.631 -0.653  1.00 50.23  ? 81  PRO A CB  1 
ATOM   544  C  CG  . PRO A 1 81  ? 17.202  -12.468 0.310   1.00 45.25  ? 81  PRO A CG  1 
ATOM   545  C  CD  . PRO A 1 81  ? 18.682  -12.159 0.359   1.00 46.63  ? 81  PRO A CD  1 
ATOM   546  N  N   . SER A 1 82  ? 17.642  -13.011 -4.083  1.00 44.73  ? 82  SER A N   1 
ATOM   547  C  CA  . SER A 1 82  ? 17.347  -12.268 -5.334  1.00 42.51  ? 82  SER A CA  1 
ATOM   548  C  C   . SER A 1 82  ? 15.914  -11.728 -5.295  1.00 41.20  ? 82  SER A C   1 
ATOM   549  O  O   . SER A 1 82  ? 15.033  -12.380 -4.704  1.00 37.76  ? 82  SER A O   1 
ATOM   550  C  CB  . SER A 1 82  ? 17.590  -13.133 -6.546  1.00 44.66  ? 82  SER A CB  1 
ATOM   551  O  OG  . SER A 1 82  ? 16.723  -14.259 -6.543  1.00 43.00  ? 82  SER A OG  1 
ATOM   552  N  N   . HIS A 1 83  ? 15.710  -10.542 -5.869  1.00 40.22  ? 83  HIS A N   1 
ATOM   553  C  CA  . HIS A 1 83  ? 14.379  -9.963  -6.178  1.00 39.88  ? 83  HIS A CA  1 
ATOM   554  C  C   . HIS A 1 83  ? 13.534  -9.935  -4.904  1.00 41.18  ? 83  HIS A C   1 
ATOM   555  O  O   . HIS A 1 83  ? 12.355  -10.335 -4.965  1.00 42.09  ? 83  HIS A O   1 
ATOM   556  C  CB  . HIS A 1 83  ? 13.753  -10.742 -7.336  1.00 42.31  ? 83  HIS A CB  1 
ATOM   557  C  CG  . HIS A 1 83  ? 14.656  -10.822 -8.517  1.00 44.26  ? 83  HIS A CG  1 
ATOM   558  N  ND1 . HIS A 1 83  ? 15.050  -9.696  -9.208  1.00 40.58  ? 83  HIS A ND1 1 
ATOM   559  C  CD2 . HIS A 1 83  ? 15.287  -11.871 -9.098  1.00 40.44  ? 83  HIS A CD2 1 
ATOM   560  C  CE1 . HIS A 1 83  ? 15.903  -10.044 -10.150 1.00 43.96  ? 83  HIS A CE1 1 
ATOM   561  N  NE2 . HIS A 1 83  ? 16.042  -11.377 -10.120 1.00 44.41  ? 83  HIS A NE2 1 
ATOM   562  N  N   . THR A 1 84  ? 14.133  -9.493  -3.791  1.00 39.89  ? 84  THR A N   1 
ATOM   563  C  CA  . THR A 1 84  ? 13.455  -9.277  -2.488  1.00 38.43  ? 84  THR A CA  1 
ATOM   564  C  C   . THR A 1 84  ? 13.257  -7.779  -2.240  1.00 39.99  ? 84  THR A C   1 
ATOM   565  O  O   . THR A 1 84  ? 14.242  -7.007  -2.321  1.00 41.01  ? 84  THR A O   1 
ATOM   566  C  CB  . THR A 1 84  ? 14.224  -9.906  -1.320  1.00 42.81  ? 84  THR A CB  1 
ATOM   567  O  OG1 . THR A 1 84  ? 14.331  -11.309 -1.573  1.00 43.54  ? 84  THR A OG1 1 
ATOM   568  C  CG2 . THR A 1 84  ? 13.522  -9.664  0.002   1.00 40.76  ? 84  THR A CG2 1 
ATOM   569  N  N   . LEU A 1 85  ? 12.016  -7.379  -1.983  1.00 41.24  ? 85  LEU A N   1 
ATOM   570  C  CA  . LEU A 1 85  ? 11.696  -6.043  -1.430  1.00 37.58  ? 85  LEU A CA  1 
ATOM   571  C  C   . LEU A 1 85  ? 11.571  -6.185  0.082   1.00 40.43  ? 85  LEU A C   1 
ATOM   572  O  O   . LEU A 1 85  ? 10.691  -6.922  0.526   1.00 39.40  ? 85  LEU A O   1 
ATOM   573  C  CB  . LEU A 1 85  ? 10.403  -5.525  -2.056  1.00 38.29  ? 85  LEU A CB  1 
ATOM   574  C  CG  . LEU A 1 85  ? 10.015  -4.109  -1.643  1.00 39.41  ? 85  LEU A CG  1 
ATOM   575  C  CD1 . LEU A 1 85  ? 10.924  -3.080  -2.305  1.00 40.03  ? 85  LEU A CD1 1 
ATOM   576  C  CD2 . LEU A 1 85  ? 8.561   -3.823  -1.974  1.00 40.06  ? 85  LEU A CD2 1 
ATOM   577  N  N   . TRP A 1 86  ? 12.489  -5.580  0.829   1.00 39.07  ? 86  TRP A N   1 
ATOM   578  C  CA  . TRP A 1 86  ? 12.516  -5.667  2.308   1.00 41.38  ? 86  TRP A CA  1 
ATOM   579  C  C   . TRP A 1 86  ? 12.657  -4.262  2.907   1.00 42.43  ? 86  TRP A C   1 
ATOM   580  O  O   . TRP A 1 86  ? 12.845  -3.289  2.141   1.00 38.20  ? 86  TRP A O   1 
ATOM   581  C  CB  . TRP A 1 86  ? 13.640  -6.619  2.740   1.00 37.26  ? 86  TRP A CB  1 
ATOM   582  C  CG  . TRP A 1 86  ? 15.011  -6.140  2.383   1.00 41.58  ? 86  TRP A CG  1 
ATOM   583  C  CD1 . TRP A 1 86  ? 15.636  -6.213  1.173   1.00 45.42  ? 86  TRP A CD1 1 
ATOM   584  C  CD2 . TRP A 1 86  ? 15.947  -5.519  3.278   1.00 41.87  ? 86  TRP A CD2 1 
ATOM   585  N  NE1 . TRP A 1 86  ? 16.897  -5.682  1.255   1.00 46.99  ? 86  TRP A NE1 1 
ATOM   586  C  CE2 . TRP A 1 86  ? 17.099  -5.216  2.526   1.00 44.46  ? 86  TRP A CE2 1 
ATOM   587  C  CE3 . TRP A 1 86  ? 15.918  -5.200  4.641   1.00 48.31  ? 86  TRP A CE3 1 
ATOM   588  C  CZ2 . TRP A 1 86  ? 18.218  -4.618  3.100   1.00 48.91  ? 86  TRP A CZ2 1 
ATOM   589  C  CZ3 . TRP A 1 86  ? 17.026  -4.614  5.209   1.00 46.70  ? 86  TRP A CZ3 1 
ATOM   590  C  CH2 . TRP A 1 86  ? 18.156  -4.322  4.442   1.00 49.43  ? 86  TRP A CH2 1 
ATOM   591  N  N   . GLY A 1 87  ? 12.652  -4.189  4.237   1.00 43.57  ? 87  GLY A N   1 
ATOM   592  C  CA  . GLY A 1 87  ? 12.845  -2.959  5.023   1.00 43.76  ? 87  GLY A CA  1 
ATOM   593  C  C   . GLY A 1 87  ? 11.595  -2.600  5.800   1.00 46.39  ? 87  GLY A C   1 
ATOM   594  O  O   . GLY A 1 87  ? 10.825  -3.521  6.163   1.00 44.37  ? 87  GLY A O   1 
ATOM   595  N  N   . LYS A 1 88  ? 11.334  -1.302  5.946   1.00 42.95  ? 88  LYS A N   1 
ATOM   596  C  CA  . LYS A 1 88  ? 10.181  -0.784  6.720   1.00 40.44  ? 88  LYS A CA  1 
ATOM   597  C  C   . LYS A 1 88  ? 9.102   -0.361  5.728   1.00 39.89  ? 88  LYS A C   1 
ATOM   598  O  O   . LYS A 1 88  ? 9.412   0.442   4.824   1.00 39.35  ? 88  LYS A O   1 
ATOM   599  C  CB  . LYS A 1 88  ? 10.612  0.389   7.606   1.00 48.03  ? 88  LYS A CB  1 
ATOM   600  C  CG  . LYS A 1 88  ? 11.633  0.015   8.671   1.00 58.22  ? 88  LYS A CG  1 
ATOM   601  C  CD  . LYS A 1 88  ? 11.993  1.137   9.620   1.00 62.32  ? 88  LYS A CD  1 
ATOM   602  C  CE  . LYS A 1 88  ? 12.826  0.636   10.783  1.00 67.49  ? 88  LYS A CE  1 
ATOM   603  N  NZ  . LYS A 1 88  ? 13.966  1.536   11.076  1.00 77.65  ? 88  LYS A NZ  1 
ATOM   604  N  N   . LEU A 1 89  ? 7.892   -0.891  5.884   1.00 40.71  ? 89  LEU A N   1 
ATOM   605  C  CA  . LEU A 1 89  ? 6.707   -0.393  5.145   1.00 47.11  ? 89  LEU A CA  1 
ATOM   606  C  C   . LEU A 1 89  ? 5.777   0.323   6.125   1.00 45.18  ? 89  LEU A C   1 
ATOM   607  O  O   . LEU A 1 89  ? 5.158   -0.358  6.974   1.00 43.42  ? 89  LEU A O   1 
ATOM   608  C  CB  . LEU A 1 89  ? 6.014   -1.560  4.446   1.00 44.76  ? 89  LEU A CB  1 
ATOM   609  C  CG  . LEU A 1 89  ? 4.801   -1.177  3.608   1.00 43.28  ? 89  LEU A CG  1 
ATOM   610  C  CD1 . LEU A 1 89  ? 5.218   -0.328  2.416   1.00 43.50  ? 89  LEU A CD1 1 
ATOM   611  C  CD2 . LEU A 1 89  ? 4.071   -2.430  3.155   1.00 48.56  ? 89  LEU A CD2 1 
ATOM   612  N  N   . ASP A 1 90  ? 5.707   1.649   6.010   1.00 43.03  ? 90  ASP A N   1 
ATOM   613  C  CA  . ASP A 1 90  ? 4.908   2.518   6.912   1.00 45.25  ? 90  ASP A CA  1 
ATOM   614  C  C   . ASP A 1 90  ? 3.525   2.731   6.303   1.00 43.74  ? 90  ASP A C   1 
ATOM   615  O  O   . ASP A 1 90  ? 2.556   2.828   7.079   1.00 47.19  ? 90  ASP A O   1 
ATOM   616  C  CB  . ASP A 1 90  ? 5.619   3.847   7.167   1.00 44.14  ? 90  ASP A CB  1 
ATOM   617  C  CG  . ASP A 1 90  ? 6.847   3.701   8.046   1.00 42.34  ? 90  ASP A CG  1 
ATOM   618  O  OD1 . ASP A 1 90  ? 6.863   2.779   8.877   1.00 49.07  ? 90  ASP A OD1 1 
ATOM   619  O  OD2 . ASP A 1 90  ? 7.799   4.462   7.840   1.00 49.05  ? 90  ASP A OD2 1 
ATOM   620  N  N   . SER A 1 91  ? 3.444   2.854   4.974   1.00 38.89  ? 91  SER A N   1 
ATOM   621  C  CA  . SER A 1 91  ? 2.231   3.341   4.274   1.00 39.75  ? 91  SER A CA  1 
ATOM   622  C  C   . SER A 1 91  ? 2.045   2.640   2.919   1.00 39.14  ? 91  SER A C   1 
ATOM   623  O  O   . SER A 1 91  ? 3.065   2.275   2.270   1.00 39.25  ? 91  SER A O   1 
ATOM   624  C  CB  . SER A 1 91  ? 2.278   4.837   4.120   1.00 40.22  ? 91  SER A CB  1 
ATOM   625  O  OG  . SER A 1 91  ? 3.354   5.228   3.288   1.00 41.79  ? 91  SER A OG  1 
ATOM   626  N  N   . ILE A 1 92  ? 0.783   2.519   2.493   1.00 37.63  ? 92  ILE A N   1 
ATOM   627  C  CA  . ILE A 1 92  ? 0.367   2.159   1.103   1.00 36.31  ? 92  ILE A CA  1 
ATOM   628  C  C   . ILE A 1 92  ? -0.660  3.184   0.638   1.00 39.12  ? 92  ILE A C   1 
ATOM   629  O  O   . ILE A 1 92  ? -1.715  3.296   1.279   1.00 42.78  ? 92  ILE A O   1 
ATOM   630  C  CB  . ILE A 1 92  ? -0.224  0.740   1.041   1.00 41.93  ? 92  ILE A CB  1 
ATOM   631  C  CG1 . ILE A 1 92  ? 0.834   -0.327  1.318   1.00 43.55  ? 92  ILE A CG1 1 
ATOM   632  C  CG2 . ILE A 1 92  ? -0.939  0.498   -0.286  1.00 43.32  ? 92  ILE A CG2 1 
ATOM   633  C  CD1 . ILE A 1 92  ? 1.930   -0.392  0.278   1.00 45.80  ? 92  ILE A CD1 1 
ATOM   634  N  N   . ALA A 1 93  ? -0.401  3.825   -0.492  1.00 38.66  ? 93  ALA A N   1 
ATOM   635  C  CA  . ALA A 1 93  ? -1.341  4.744   -1.159  1.00 39.24  ? 93  ALA A CA  1 
ATOM   636  C  C   . ALA A 1 93  ? -1.795  4.097   -2.470  1.00 41.18  ? 93  ALA A C   1 
ATOM   637  O  O   . ALA A 1 93  ? -0.929  3.600   -3.207  1.00 43.32  ? 93  ALA A O   1 
ATOM   638  C  CB  . ALA A 1 93  ? -0.689  6.085   -1.372  1.00 39.13  ? 93  ALA A CB  1 
ATOM   639  N  N   . LEU A 1 94  ? -3.111  3.936   -2.632  1.00 39.96  ? 94  LEU A N   1 
ATOM   640  C  CA  . LEU A 1 94  ? -3.742  3.250   -3.785  1.00 41.69  ? 94  LEU A CA  1 
ATOM   641  C  C   . LEU A 1 94  ? -4.548  4.280   -4.579  1.00 44.52  ? 94  LEU A C   1 
ATOM   642  O  O   . LEU A 1 94  ? -5.214  5.122   -3.956  1.00 46.37  ? 94  LEU A O   1 
ATOM   643  C  CB  . LEU A 1 94  ? -4.637  2.125   -3.268  1.00 42.94  ? 94  LEU A CB  1 
ATOM   644  C  CG  . LEU A 1 94  ? -3.952  1.081   -2.386  1.00 50.80  ? 94  LEU A CG  1 
ATOM   645  C  CD1 . LEU A 1 94  ? -4.947  0.027   -1.922  1.00 51.08  ? 94  LEU A CD1 1 
ATOM   646  C  CD2 . LEU A 1 94  ? -2.786  0.418   -3.106  1.00 49.47  ? 94  LEU A CD2 1 
ATOM   647  N  N   . GLY A 1 95  ? -4.445  4.246   -5.902  1.00 42.34  ? 95  GLY A N   1 
ATOM   648  C  CA  . GLY A 1 95  ? -5.187  5.174   -6.772  1.00 46.07  ? 95  GLY A CA  1 
ATOM   649  C  C   . GLY A 1 95  ? -4.841  4.949   -8.224  1.00 42.09  ? 95  GLY A C   1 
ATOM   650  O  O   . GLY A 1 95  ? -4.651  3.788   -8.611  1.00 39.92  ? 95  GLY A O   1 
ATOM   651  N  N   . ASP A 1 96  ? -4.760  6.025   -9.004  1.00 50.90  ? 96  ASP A N   1 
ATOM   652  C  CA  . ASP A 1 96  ? -4.263  5.978   -10.403 1.00 53.93  ? 96  ASP A CA  1 
ATOM   653  C  C   . ASP A 1 96  ? -3.601  7.318   -10.741 1.00 54.14  ? 96  ASP A C   1 
ATOM   654  O  O   . ASP A 1 96  ? -3.582  8.216   -9.866  1.00 53.14  ? 96  ASP A O   1 
ATOM   655  C  CB  . ASP A 1 96  ? -5.382  5.609   -11.386 1.00 60.89  ? 96  ASP A CB  1 
ATOM   656  C  CG  . ASP A 1 96  ? -6.536  6.599   -11.444 1.00 60.28  ? 96  ASP A CG  1 
ATOM   657  O  OD1 . ASP A 1 96  ? -6.286  7.812   -11.290 1.00 58.39  ? 96  ASP A OD1 1 
ATOM   658  O  OD2 . ASP A 1 96  ? -7.673  6.150   -11.668 1.00 55.88  ? 96  ASP A OD2 1 
ATOM   659  N  N   . THR A 1 97  ? -3.020  7.410   -11.941 1.00 59.00  ? 97  THR A N   1 
ATOM   660  C  CA  . THR A 1 97  ? -2.369  8.638   -12.465 1.00 66.95  ? 97  THR A CA  1 
ATOM   661  C  C   . THR A 1 97  ? -1.190  8.965   -11.538 1.00 58.62  ? 97  THR A C   1 
ATOM   662  O  O   . THR A 1 97  ? -1.250  9.990   -10.830 1.00 56.77  ? 97  THR A O   1 
ATOM   663  C  CB  . THR A 1 97  ? -3.396  9.770   -12.608 1.00 72.30  ? 97  THR A CB  1 
ATOM   664  O  OG1 . THR A 1 97  ? -4.568  9.231   -13.221 1.00 72.54  ? 97  THR A OG1 1 
ATOM   665  C  CG2 . THR A 1 97  ? -2.892  10.936  -13.430 1.00 69.74  ? 97  THR A CG2 1 
ATOM   666  N  N   . LEU A 1 98  ? -0.254  8.017   -11.431 1.00 47.81  ? 98  LEU A N   1 
ATOM   667  C  CA  . LEU A 1 98  ? 1.057   8.173   -10.753 1.00 53.33  ? 98  LEU A CA  1 
ATOM   668  C  C   . LEU A 1 98  ? 1.855   9.281   -11.447 1.00 55.19  ? 98  LEU A C   1 
ATOM   669  O  O   . LEU A 1 98  ? 1.884   9.294   -12.685 1.00 58.70  ? 98  LEU A O   1 
ATOM   670  C  CB  . LEU A 1 98  ? 1.804   6.840   -10.815 1.00 49.87  ? 98  LEU A CB  1 
ATOM   671  C  CG  . LEU A 1 98  ? 3.179   6.833   -10.154 1.00 49.41  ? 98  LEU A CG  1 
ATOM   672  C  CD1 . LEU A 1 98  ? 3.047   7.046   -8.656  1.00 45.28  ? 98  LEU A CD1 1 
ATOM   673  C  CD2 . LEU A 1 98  ? 3.920   5.537   -10.457 1.00 53.81  ? 98  LEU A CD2 1 
ATOM   674  N  N   . THR A 1 99  ? 2.450   10.187  -10.669 1.00 57.87  ? 99  THR A N   1 
ATOM   675  C  CA  . THR A 1 99  ? 3.287   11.309  -11.171 1.00 61.92  ? 99  THR A CA  1 
ATOM   676  C  C   . THR A 1 99  ? 4.500   11.497  -10.256 1.00 64.21  ? 99  THR A C   1 
ATOM   677  O  O   . THR A 1 99  ? 4.537   10.876  -9.173  1.00 58.77  ? 99  THR A O   1 
ATOM   678  C  CB  . THR A 1 99  ? 2.487   12.616  -11.252 1.00 65.98  ? 99  THR A CB  1 
ATOM   679  O  OG1 . THR A 1 99  ? 2.083   12.961  -9.925  1.00 64.85  ? 99  THR A OG1 1 
ATOM   680  C  CG2 . THR A 1 99  ? 1.279   12.514  -12.158 1.00 70.33  ? 99  THR A CG2 1 
ATOM   681  N  N   . GLY A 1 100 ? 5.382   12.424  -10.631 1.00 59.42  ? 100 GLY A N   1 
ATOM   682  C  CA  . GLY A 1 100 ? 6.476   12.905  -9.777  1.00 59.29  ? 100 GLY A CA  1 
ATOM   683  C  C   . GLY A 1 100 ? 7.607   11.898  -9.721  1.00 59.47  ? 100 GLY A C   1 
ATOM   684  O  O   . GLY A 1 100 ? 7.708   11.067  -10.631 1.00 58.05  ? 100 GLY A O   1 
ATOM   685  N  N   . GLY A 1 101 ? 8.436   11.988  -8.686  1.00 58.11  ? 101 GLY A N   1 
ATOM   686  C  CA  . GLY A 1 101 ? 9.747   11.321  -8.607  1.00 58.79  ? 101 GLY A CA  1 
ATOM   687  C  C   . GLY A 1 101 ? 10.633  12.060  -7.629  1.00 64.05  ? 101 GLY A C   1 
ATOM   688  O  O   . GLY A 1 101 ? 10.107  12.974  -6.954  1.00 63.72  ? 101 GLY A O   1 
ATOM   689  N  N   . ALA A 1 102 ? 11.905  11.663  -7.516  1.00 74.31  ? 102 ALA A N   1 
ATOM   690  C  CA  . ALA A 1 102 ? 12.907  12.307  -6.632  1.00 81.97  ? 102 ALA A CA  1 
ATOM   691  C  C   . ALA A 1 102 ? 12.971  13.805  -6.953  1.00 76.14  ? 102 ALA A C   1 
ATOM   692  O  O   . ALA A 1 102 ? 12.818  14.614  -6.007  1.00 74.72  ? 102 ALA A O   1 
ATOM   693  C  CB  . ALA A 1 102 ? 14.249  11.638  -6.792  1.00 89.67  ? 102 ALA A CB  1 
ATOM   694  N  N   . SER A 1 103 ? 12.990  14.137  -8.251  1.00 79.25  ? 103 SER A N   1 
ATOM   695  C  CA  . SER A 1 103 ? 13.089  15.513  -8.811  1.00 76.97  ? 103 SER A CA  1 
ATOM   696  C  C   . SER A 1 103 ? 11.916  16.372  -8.331  1.00 76.85  ? 103 SER A C   1 
ATOM   697  O  O   . SER A 1 103 ? 12.140  17.551  -8.004  1.00 86.09  ? 103 SER A O   1 
ATOM   698  C  CB  . SER A 1 103 ? 13.144  15.484  -10.316 1.00 71.59  ? 103 SER A CB  1 
ATOM   699  O  OG  . SER A 1 103 ? 13.890  14.368  -10.771 1.00 74.66  ? 103 SER A OG  1 
ATOM   700  N  N   . SER A 1 104 ? 10.706  15.806  -8.319  1.00 75.58  ? 104 SER A N   1 
ATOM   701  C  CA  . SER A 1 104 ? 9.451   16.505  -7.938  1.00 71.62  ? 104 SER A CA  1 
ATOM   702  C  C   . SER A 1 104 ? 9.299   16.538  -6.412  1.00 73.89  ? 104 SER A C   1 
ATOM   703  O  O   . SER A 1 104 ? 8.233   16.980  -5.946  1.00 72.44  ? 104 SER A O   1 
ATOM   704  C  CB  . SER A 1 104 ? 8.251   15.859  -8.589  1.00 79.00  ? 104 SER A CB  1 
ATOM   705  O  OG  . SER A 1 104 ? 8.466   15.658  -9.978  1.00 74.13  ? 104 SER A OG  1 
ATOM   706  N  N   . GLY A 1 105 ? 10.276  16.002  -5.668  1.00 73.20  ? 105 GLY A N   1 
ATOM   707  C  CA  . GLY A 1 105 ? 10.242  15.908  -4.193  1.00 77.17  ? 105 GLY A CA  1 
ATOM   708  C  C   . GLY A 1 105 ? 9.450   14.703  -3.695  1.00 80.21  ? 105 GLY A C   1 
ATOM   709  O  O   . GLY A 1 105 ? 9.262   14.591  -2.469  1.00 86.49  ? 105 GLY A O   1 
ATOM   710  N  N   . GLY A 1 106 ? 9.000   13.831  -4.605  1.00 65.34  ? 106 GLY A N   1 
ATOM   711  C  CA  . GLY A 1 106 ? 8.395   12.522  -4.280  1.00 61.90  ? 106 GLY A CA  1 
ATOM   712  C  C   . GLY A 1 106 ? 7.445   12.036  -5.365  1.00 58.50  ? 106 GLY A C   1 
ATOM   713  O  O   . GLY A 1 106 ? 7.059   12.838  -6.235  1.00 62.82  ? 106 GLY A O   1 
ATOM   714  N  N   . TYR A 1 107 ? 7.007   10.783  -5.272  1.00 54.26  ? 107 TYR A N   1 
ATOM   715  C  CA  . TYR A 1 107 ? 5.914   10.224  -6.106  1.00 47.24  ? 107 TYR A CA  1 
ATOM   716  C  C   . TYR A 1 107 ? 4.568   10.666  -5.522  1.00 47.29  ? 107 TYR A C   1 
ATOM   717  O  O   . TYR A 1 107 ? 4.445   10.793  -4.279  1.00 47.61  ? 107 TYR A O   1 
ATOM   718  C  CB  . TYR A 1 107 ? 6.033   8.700   -6.166  1.00 46.34  ? 107 TYR A CB  1 
ATOM   719  C  CG  . TYR A 1 107 ? 7.120   8.200   -7.080  1.00 47.42  ? 107 TYR A CG  1 
ATOM   720  C  CD1 . TYR A 1 107 ? 6.997   8.309   -8.454  1.00 50.22  ? 107 TYR A CD1 1 
ATOM   721  C  CD2 . TYR A 1 107 ? 8.281   7.643   -6.574  1.00 47.98  ? 107 TYR A CD2 1 
ATOM   722  C  CE1 . TYR A 1 107 ? 7.977   7.829   -9.308  1.00 46.56  ? 107 TYR A CE1 1 
ATOM   723  C  CE2 . TYR A 1 107 ? 9.281   7.178   -7.414  1.00 50.48  ? 107 TYR A CE2 1 
ATOM   724  C  CZ  . TYR A 1 107 ? 9.121   7.259   -8.786  1.00 51.96  ? 107 TYR A CZ  1 
ATOM   725  O  OH  . TYR A 1 107 ? 10.094  6.802   -9.626  1.00 60.22  ? 107 TYR A OH  1 
ATOM   726  N  N   . ALA A 1 108 ? 3.564   10.824  -6.384  1.00 45.43  ? 108 ALA A N   1 
ATOM   727  C  CA  . ALA A 1 108 ? 2.166   11.092  -5.971  1.00 52.26  ? 108 ALA A CA  1 
ATOM   728  C  C   . ALA A 1 108 ? 1.203   10.399  -6.935  1.00 50.84  ? 108 ALA A C   1 
ATOM   729  O  O   . ALA A 1 108 ? 1.565   10.215  -8.112  1.00 47.63  ? 108 ALA A O   1 
ATOM   730  C  CB  . ALA A 1 108 ? 1.904   12.580  -5.909  1.00 53.28  ? 108 ALA A CB  1 
ATOM   731  N  N   . LEU A 1 109 ? 0.028   10.029  -6.421  1.00 54.85  ? 109 LEU A N   1 
ATOM   732  C  CA  . LEU A 1 109 ? -1.178  9.668   -7.208  1.00 53.13  ? 109 LEU A CA  1 
ATOM   733  C  C   . LEU A 1 109 ? -2.014  10.931  -7.425  1.00 57.32  ? 109 LEU A C   1 
ATOM   734  O  O   . LEU A 1 109 ? -2.368  11.571  -6.425  1.00 59.28  ? 109 LEU A O   1 
ATOM   735  C  CB  . LEU A 1 109 ? -1.961  8.603   -6.436  1.00 51.19  ? 109 LEU A CB  1 
ATOM   736  C  CG  . LEU A 1 109 ? -1.149  7.371   -6.038  1.00 44.70  ? 109 LEU A CG  1 
ATOM   737  C  CD1 . LEU A 1 109 ? -1.894  6.542   -5.012  1.00 47.18  ? 109 LEU A CD1 1 
ATOM   738  C  CD2 . LEU A 1 109 ? -0.805  6.528   -7.258  1.00 49.54  ? 109 LEU A CD2 1 
ATOM   739  N  N   . ASP A 1 110 ? -2.230  11.316  -8.684  1.00 68.75  ? 110 ASP A N   1 
ATOM   740  C  CA  . ASP A 1 110 ? -3.101  12.462  -9.053  1.00 70.45  ? 110 ASP A CA  1 
ATOM   741  C  C   . ASP A 1 110 ? -4.511  12.190  -8.533  1.00 61.94  ? 110 ASP A C   1 
ATOM   742  O  O   . ASP A 1 110 ? -5.154  13.144  -8.069  1.00 64.85  ? 110 ASP A O   1 
ATOM   743  C  CB  . ASP A 1 110 ? -3.110  12.711  -10.560 1.00 73.85  ? 110 ASP A CB  1 
ATOM   744  C  CG  . ASP A 1 110 ? -2.083  13.739  -11.005 1.00 82.42  ? 110 ASP A CG  1 
ATOM   745  O  OD1 . ASP A 1 110 ? -1.205  14.080  -10.186 1.00 82.08  ? 110 ASP A OD1 1 
ATOM   746  O  OD2 . ASP A 1 110 ? -2.181  14.201  -12.161 1.00 83.20  ? 110 ASP A OD2 1 
ATOM   747  N  N   . SER A 1 111 ? -4.973  10.944  -8.636  1.00 58.32  ? 111 SER A N   1 
ATOM   748  C  CA  . SER A 1 111 ? -6.231  10.469  -8.008  1.00 58.69  ? 111 SER A CA  1 
ATOM   749  C  C   . SER A 1 111 ? -5.882  9.464   -6.909  1.00 64.17  ? 111 SER A C   1 
ATOM   750  O  O   . SER A 1 111 ? -5.851  8.251   -7.208  1.00 56.32  ? 111 SER A O   1 
ATOM   751  C  CB  . SER A 1 111 ? -7.167  9.876   -9.022  1.00 61.06  ? 111 SER A CB  1 
ATOM   752  O  OG  . SER A 1 111 ? -8.270  9.255   -8.375  1.00 65.75  ? 111 SER A OG  1 
ATOM   753  N  N   . GLN A 1 112 ? -5.526  9.961   -5.720  1.00 52.88  ? 112 GLN A N   1 
ATOM   754  C  CA  . GLN A 1 112 ? -5.360  9.111   -4.517  1.00 54.63  ? 112 GLN A CA  1 
ATOM   755  C  C   . GLN A 1 112 ? -6.750  8.744   -3.989  1.00 58.01  ? 112 GLN A C   1 
ATOM   756  O  O   . GLN A 1 112 ? -7.451  9.641   -3.503  1.00 58.28  ? 112 GLN A O   1 
ATOM   757  C  CB  . GLN A 1 112 ? -4.521  9.790   -3.435  1.00 58.86  ? 112 GLN A CB  1 
ATOM   758  C  CG  . GLN A 1 112 ? -4.103  8.814   -2.340  1.00 59.01  ? 112 GLN A CG  1 
ATOM   759  C  CD  . GLN A 1 112 ? -2.989  9.332   -1.466  1.00 62.10  ? 112 GLN A CD  1 
ATOM   760  O  OE1 . GLN A 1 112 ? -1.852  9.501   -1.902  1.00 69.82  ? 112 GLN A OE1 1 
ATOM   761  N  NE2 . GLN A 1 112 ? -3.290  9.492   -0.190  1.00 70.27  ? 112 GLN A NE2 1 
ATOM   762  N  N   . GLU A 1 113 ? -7.143  7.479   -4.145  1.00 54.71  ? 113 GLU A N   1 
ATOM   763  C  CA  . GLU A 1 113 ? -8.454  6.956   -3.687  1.00 49.86  ? 113 GLU A CA  1 
ATOM   764  C  C   . GLU A 1 113 ? -8.379  6.683   -2.176  1.00 53.75  ? 113 GLU A C   1 
ATOM   765  O  O   . GLU A 1 113 ? -9.184  7.271   -1.427  1.00 50.94  ? 113 GLU A O   1 
ATOM   766  C  CB  . GLU A 1 113 ? -8.820  5.704   -4.482  1.00 46.86  ? 113 GLU A CB  1 
ATOM   767  C  CG  . GLU A 1 113 ? -9.041  5.958   -5.964  1.00 48.96  ? 113 GLU A CG  1 
ATOM   768  C  CD  . GLU A 1 113 ? -8.944  4.697   -6.805  1.00 56.23  ? 113 GLU A CD  1 
ATOM   769  O  OE1 . GLU A 1 113 ? -8.809  3.609   -6.211  1.00 56.76  ? 113 GLU A OE1 1 
ATOM   770  O  OE2 . GLU A 1 113 ? -8.916  4.807   -8.046  1.00 58.03  ? 113 GLU A OE2 1 
ATOM   771  N  N   . VAL A 1 114 ? -7.437  5.840   -1.745  1.00 45.88  ? 114 VAL A N   1 
ATOM   772  C  CA  . VAL A 1 114 ? -7.313  5.375   -0.332  1.00 46.66  ? 114 VAL A CA  1 
ATOM   773  C  C   . VAL A 1 114 ? -5.830  5.300   0.024   1.00 49.50  ? 114 VAL A C   1 
ATOM   774  O  O   . VAL A 1 114 ? -5.036  4.937   -0.857  1.00 46.05  ? 114 VAL A O   1 
ATOM   775  C  CB  . VAL A 1 114 ? -7.992  4.009   -0.112  1.00 47.56  ? 114 VAL A CB  1 
ATOM   776  C  CG1 . VAL A 1 114 ? -7.842  3.530   1.321   1.00 46.51  ? 114 VAL A CG1 1 
ATOM   777  C  CG2 . VAL A 1 114 ? -9.460  4.037   -0.515  1.00 50.48  ? 114 VAL A CG2 1 
ATOM   778  N  N   . SER A 1 115 ? -5.498  5.526   1.297   1.00 45.86  ? 115 SER A N   1 
ATOM   779  C  CA  . SER A 1 115 ? -4.127  5.362   1.845   1.00 44.28  ? 115 SER A CA  1 
ATOM   780  C  C   . SER A 1 115 ? -4.202  4.787   3.256   1.00 42.21  ? 115 SER A C   1 
ATOM   781  O  O   . SER A 1 115 ? -5.133  5.149   4.009   1.00 43.50  ? 115 SER A O   1 
ATOM   782  C  CB  . SER A 1 115 ? -3.349  6.656   1.812   1.00 47.06  ? 115 SER A CB  1 
ATOM   783  O  OG  . SER A 1 115 ? -3.795  7.534   2.834   1.00 51.02  ? 115 SER A OG  1 
ATOM   784  N  N   . PHE A 1 116 ? -3.238  3.932   3.589   1.00 41.97  ? 116 PHE A N   1 
ATOM   785  C  CA  . PHE A 1 116 ? -3.070  3.303   4.920   1.00 39.31  ? 116 PHE A CA  1 
ATOM   786  C  C   . PHE A 1 116 ? -1.703  3.722   5.468   1.00 47.40  ? 116 PHE A C   1 
ATOM   787  O  O   . PHE A 1 116 ? -0.699  3.546   4.753   1.00 43.51  ? 116 PHE A O   1 
ATOM   788  C  CB  . PHE A 1 116 ? -3.221  1.784   4.793   1.00 41.74  ? 116 PHE A CB  1 
ATOM   789  C  CG  . PHE A 1 116 ? -4.462  1.329   4.061   1.00 39.92  ? 116 PHE A CG  1 
ATOM   790  C  CD1 . PHE A 1 116 ? -5.643  1.090   4.749   1.00 40.95  ? 116 PHE A CD1 1 
ATOM   791  C  CD2 . PHE A 1 116 ? -4.449  1.115   2.693   1.00 39.14  ? 116 PHE A CD2 1 
ATOM   792  C  CE1 . PHE A 1 116 ? -6.776  0.653   4.085   1.00 41.70  ? 116 PHE A CE1 1 
ATOM   793  C  CE2 . PHE A 1 116 ? -5.589  0.696   2.028   1.00 44.44  ? 116 PHE A CE2 1 
ATOM   794  C  CZ  . PHE A 1 116 ? -6.747  0.456   2.725   1.00 44.34  ? 116 PHE A CZ  1 
ATOM   795  N  N   . SER A 1 117 ? -1.687  4.357   6.645   1.00 41.28  ? 117 SER A N   1 
ATOM   796  C  CA  . SER A 1 117 ? -0.474  4.911   7.291   1.00 44.41  ? 117 SER A CA  1 
ATOM   797  C  C   . SER A 1 117 ? -0.231  4.190   8.616   1.00 43.76  ? 117 SER A C   1 
ATOM   798  O  O   . SER A 1 117 ? -1.205  3.663   9.186   1.00 44.08  ? 117 SER A O   1 
ATOM   799  C  CB  . SER A 1 117 ? -0.611  6.402   7.493   1.00 47.65  ? 117 SER A CB  1 
ATOM   800  O  OG  . SER A 1 117 ? -0.621  7.074   6.245   1.00 48.28  ? 117 SER A OG  1 
ATOM   801  N  N   . ASN A 1 118 ? 1.008   4.238   9.110   1.00 43.64  ? 118 ASN A N   1 
ATOM   802  C  CA  . ASN A 1 118 ? 1.405   3.665   10.422  1.00 46.25  ? 118 ASN A CA  1 
ATOM   803  C  C   . ASN A 1 118 ? 1.196   2.148   10.397  1.00 46.91  ? 118 ASN A C   1 
ATOM   804  O  O   . ASN A 1 118 ? 0.665   1.618   11.383  1.00 45.68  ? 118 ASN A O   1 
ATOM   805  C  CB  . ASN A 1 118 ? 0.627   4.325   11.567  1.00 42.81  ? 118 ASN A CB  1 
ATOM   806  C  CG  . ASN A 1 118 ? 0.768   5.832   11.561  1.00 50.40  ? 118 ASN A CG  1 
ATOM   807  O  OD1 . ASN A 1 118 ? 1.824   6.356   11.206  1.00 53.95  ? 118 ASN A OD1 1 
ATOM   808  N  ND2 . ASN A 1 118 ? -0.307  6.537   11.867  1.00 46.38  ? 118 ASN A ND2 1 
ATOM   809  N  N   . LEU A 1 119 ? 1.526   1.494   9.278   1.00 48.55  ? 119 LEU A N   1 
ATOM   810  C  CA  . LEU A 1 119 ? 1.363   0.026   9.093   1.00 46.35  ? 119 LEU A CA  1 
ATOM   811  C  C   . LEU A 1 119 ? 2.310   -0.725  10.030  1.00 45.38  ? 119 LEU A C   1 
ATOM   812  O  O   . LEU A 1 119 ? 2.028   -1.897  10.330  1.00 47.37  ? 119 LEU A O   1 
ATOM   813  C  CB  . LEU A 1 119 ? 1.631   -0.335  7.629   1.00 44.55  ? 119 LEU A CB  1 
ATOM   814  C  CG  . LEU A 1 119 ? 0.585   0.180   6.645   1.00 42.99  ? 119 LEU A CG  1 
ATOM   815  C  CD1 . LEU A 1 119 ? 0.934   -0.209  5.215   1.00 42.87  ? 119 LEU A CD1 1 
ATOM   816  C  CD2 . LEU A 1 119 ? -0.797  -0.330  7.016   1.00 44.32  ? 119 LEU A CD2 1 
ATOM   817  N  N   . GLY A 1 120 ? 3.426   -0.093  10.388  1.00 47.77  ? 120 GLY A N   1 
ATOM   818  C  CA  . GLY A 1 120 ? 4.424   -0.622  11.334  1.00 47.86  ? 120 GLY A CA  1 
ATOM   819  C  C   . GLY A 1 120 ? 4.989   -1.962  10.901  1.00 49.17  ? 120 GLY A C   1 
ATOM   820  O  O   . GLY A 1 120 ? 5.347   -2.750  11.786  1.00 45.57  ? 120 GLY A O   1 
ATOM   821  N  N   . LEU A 1 121 ? 5.131   -2.215  9.593   1.00 50.34  ? 121 LEU A N   1 
ATOM   822  C  CA  . LEU A 1 121 ? 5.734   -3.479  9.089   1.00 49.29  ? 121 LEU A CA  1 
ATOM   823  C  C   . LEU A 1 121 ? 7.241   -3.304  8.902   1.00 50.05  ? 121 LEU A C   1 
ATOM   824  O  O   . LEU A 1 121 ? 7.662   -2.275  8.351   1.00 47.30  ? 121 LEU A O   1 
ATOM   825  C  CB  . LEU A 1 121 ? 5.072   -3.879  7.772   1.00 46.49  ? 121 LEU A CB  1 
ATOM   826  C  CG  . LEU A 1 121 ? 3.586   -4.206  7.879   1.00 49.69  ? 121 LEU A CG  1 
ATOM   827  C  CD1 . LEU A 1 121 ? 2.959   -4.260  6.495   1.00 48.83  ? 121 LEU A CD1 1 
ATOM   828  C  CD2 . LEU A 1 121 ? 3.376   -5.514  8.626   1.00 53.33  ? 121 LEU A CD2 1 
ATOM   829  N  N   . ASP A 1 122 ? 8.019   -4.311  9.297   1.00 48.20  ? 122 ASP A N   1 
ATOM   830  C  CA  . ASP A 1 122 ? 9.493   -4.317  9.126   1.00 49.58  ? 122 ASP A CA  1 
ATOM   831  C  C   . ASP A 1 122 ? 9.933   -5.747  8.823   1.00 53.07  ? 122 ASP A C   1 
ATOM   832  O  O   . ASP A 1 122 ? 9.680   -6.618  9.664   1.00 50.79  ? 122 ASP A O   1 
ATOM   833  C  CB  . ASP A 1 122 ? 10.202  -3.783  10.370  1.00 57.95  ? 122 ASP A CB  1 
ATOM   834  C  CG  . ASP A 1 122 ? 11.679  -3.523  10.143  1.00 64.86  ? 122 ASP A CG  1 
ATOM   835  O  OD1 . ASP A 1 122 ? 12.254  -4.164  9.247   1.00 64.60  ? 122 ASP A OD1 1 
ATOM   836  O  OD2 . ASP A 1 122 ? 12.224  -2.628  10.815  1.00 80.65  ? 122 ASP A OD2 1 
ATOM   837  N  N   . SER A 1 123 ? 10.450  -5.994  7.618   1.00 48.65  ? 123 SER A N   1 
ATOM   838  C  CA  . SER A 1 123 ? 11.008  -7.310  7.215   1.00 47.41  ? 123 SER A CA  1 
ATOM   839  C  C   . SER A 1 123 ? 12.507  -7.173  6.998   1.00 47.06  ? 123 SER A C   1 
ATOM   840  O  O   . SER A 1 123 ? 12.954  -6.305  6.252   1.00 47.15  ? 123 SER A O   1 
ATOM   841  C  CB  . SER A 1 123 ? 10.319  -7.859  5.995   1.00 46.56  ? 123 SER A CB  1 
ATOM   842  O  OG  . SER A 1 123 ? 8.929   -8.027  6.239   1.00 49.42  ? 123 SER A OG  1 
ATOM   843  N  N   . PRO A 1 124 ? 13.313  -8.067  7.605   1.00 48.08  ? 124 PRO A N   1 
ATOM   844  C  CA  . PRO A 1 124 ? 14.747  -8.123  7.339   1.00 45.13  ? 124 PRO A CA  1 
ATOM   845  C  C   . PRO A 1 124 ? 15.080  -8.837  6.019   1.00 45.96  ? 124 PRO A C   1 
ATOM   846  O  O   . PRO A 1 124 ? 14.275  -9.627  5.532   1.00 44.85  ? 124 PRO A O   1 
ATOM   847  C  CB  . PRO A 1 124 ? 15.236  -8.933  8.545   1.00 51.41  ? 124 PRO A CB  1 
ATOM   848  C  CG  . PRO A 1 124 ? 14.131  -9.948  8.744   1.00 51.09  ? 124 PRO A CG  1 
ATOM   849  C  CD  . PRO A 1 124 ? 12.855  -9.186  8.445   1.00 51.54  ? 124 PRO A CD  1 
ATOM   850  N  N   . ILE A 1 125 ? 16.262  -8.556  5.470   1.00 46.80  ? 125 ILE A N   1 
ATOM   851  C  CA  . ILE A 1 125 ? 16.731  -9.117  4.169   1.00 50.32  ? 125 ILE A CA  1 
ATOM   852  C  C   . ILE A 1 125 ? 16.716  -10.649 4.276   1.00 56.19  ? 125 ILE A C   1 
ATOM   853  O  O   . ILE A 1 125 ? 16.343  -11.320 3.297   1.00 47.87  ? 125 ILE A O   1 
ATOM   854  C  CB  . ILE A 1 125 ? 18.125  -8.564  3.806   1.00 49.95  ? 125 ILE A CB  1 
ATOM   855  C  CG1 . ILE A 1 125 ? 18.471  -8.844  2.340   1.00 47.62  ? 125 ILE A CG1 1 
ATOM   856  C  CG2 . ILE A 1 125 ? 19.177  -9.107  4.765   1.00 52.76  ? 125 ILE A CG2 1 
ATOM   857  C  CD1 . ILE A 1 125 ? 19.713  -8.160  1.826   1.00 44.98  ? 125 ILE A CD1 1 
ATOM   858  N  N   . ALA A 1 126 ? 17.033  -11.178 5.457   1.00 54.25  ? 126 ALA A N   1 
ATOM   859  C  CA  . ALA A 1 126 ? 17.294  -12.616 5.682   1.00 58.14  ? 126 ALA A CA  1 
ATOM   860  C  C   . ALA A 1 126 ? 16.062  -13.437 5.281   1.00 49.86  ? 126 ALA A C   1 
ATOM   861  O  O   . ALA A 1 126 ? 16.234  -14.592 4.891   1.00 56.19  ? 126 ALA A O   1 
ATOM   862  C  CB  . ALA A 1 126 ? 17.673  -12.851 7.123   1.00 61.47  ? 126 ALA A CB  1 
ATOM   863  N  N   . GLN A 1 127 ? 14.854  -12.883 5.388   1.00 54.64  ? 127 GLN A N   1 
ATOM   864  C  CA  . GLN A 1 127 ? 13.598  -13.645 5.143   1.00 48.10  ? 127 GLN A CA  1 
ATOM   865  C  C   . GLN A 1 127 ? 13.327  -13.717 3.636   1.00 47.50  ? 127 GLN A C   1 
ATOM   866  O  O   . GLN A 1 127 ? 12.439  -14.484 3.237   1.00 51.53  ? 127 GLN A O   1 
ATOM   867  C  CB  . GLN A 1 127 ? 12.417  -13.021 5.880   1.00 50.97  ? 127 GLN A CB  1 
ATOM   868  C  CG  . GLN A 1 127 ? 12.491  -13.209 7.386   1.00 52.68  ? 127 GLN A CG  1 
ATOM   869  C  CD  . GLN A 1 127 ? 11.367  -12.517 8.116   1.00 50.51  ? 127 GLN A CD  1 
ATOM   870  O  OE1 . GLN A 1 127 ? 10.529  -11.846 7.521   1.00 57.49  ? 127 GLN A OE1 1 
ATOM   871  N  NE2 . GLN A 1 127 ? 11.380  -12.628 9.434   1.00 65.70  ? 127 GLN A NE2 1 
ATOM   872  N  N   . GLY A 1 128 ? 14.099  -12.989 2.830   1.00 44.71  ? 128 GLY A N   1 
ATOM   873  C  CA  . GLY A 1 128 ? 13.938  -12.975 1.362   1.00 42.30  ? 128 GLY A CA  1 
ATOM   874  C  C   . GLY A 1 128 ? 12.504  -12.683 0.964   1.00 45.25  ? 128 GLY A C   1 
ATOM   875  O  O   . GLY A 1 128 ? 11.854  -11.859 1.645   1.00 46.07  ? 128 GLY A O   1 
ATOM   876  N  N   . ARG A 1 129 ? 11.986  -13.405 -0.037  1.00 43.92  ? 129 ARG A N   1 
ATOM   877  C  CA  . ARG A 1 129 ? 10.611  -13.220 -0.561  1.00 41.55  ? 129 ARG A CA  1 
ATOM   878  C  C   . ARG A 1 129 ? 9.564   -13.806 0.398   1.00 41.13  ? 129 ARG A C   1 
ATOM   879  O  O   . ARG A 1 129 ? 8.376   -13.605 0.118   1.00 44.97  ? 129 ARG A O   1 
ATOM   880  C  CB  . ARG A 1 129 ? 10.480  -13.843 -1.953  1.00 41.41  ? 129 ARG A CB  1 
ATOM   881  C  CG  . ARG A 1 129 ? 11.465  -13.297 -2.976  1.00 45.25  ? 129 ARG A CG  1 
ATOM   882  C  CD  . ARG A 1 129 ? 11.131  -13.660 -4.413  1.00 41.66  ? 129 ARG A CD  1 
ATOM   883  N  NE  . ARG A 1 129 ? 12.337  -13.673 -5.234  1.00 43.17  ? 129 ARG A NE  1 
ATOM   884  C  CZ  . ARG A 1 129 ? 12.575  -14.513 -6.239  1.00 47.74  ? 129 ARG A CZ  1 
ATOM   885  N  NH1 . ARG A 1 129 ? 11.636  -15.346 -6.658  1.00 45.00  ? 129 ARG A NH1 1 
ATOM   886  N  NH2 . ARG A 1 129 ? 13.737  -14.461 -6.869  1.00 42.26  ? 129 ARG A NH2 1 
ATOM   887  N  N   . ASP A 1 130 ? 9.970   -14.401 1.528   1.00 47.27  ? 130 ASP A N   1 
ATOM   888  C  CA  . ASP A 1 130 ? 9.048   -14.842 2.617   1.00 47.45  ? 130 ASP A CA  1 
ATOM   889  C  C   . ASP A 1 130 ? 8.660   -13.638 3.490   1.00 46.66  ? 130 ASP A C   1 
ATOM   890  O  O   . ASP A 1 130 ? 7.717   -13.767 4.272   1.00 44.86  ? 130 ASP A O   1 
ATOM   891  C  CB  . ASP A 1 130 ? 9.665   -15.942 3.497   1.00 52.72  ? 130 ASP A CB  1 
ATOM   892  C  CG  . ASP A 1 130 ? 9.325   -17.374 3.098   1.00 57.02  ? 130 ASP A CG  1 
ATOM   893  O  OD1 . ASP A 1 130 ? 8.588   -17.555 2.113   1.00 57.29  ? 130 ASP A OD1 1 
ATOM   894  O  OD2 . ASP A 1 130 ? 9.834   -18.308 3.765   1.00 57.42  ? 130 ASP A OD2 1 
ATOM   895  N  N   . GLY A 1 131 ? 9.394   -12.525 3.407   1.00 45.24  ? 131 GLY A N   1 
ATOM   896  C  CA  . GLY A 1 131 ? 9.146   -11.323 4.227   1.00 46.62  ? 131 GLY A CA  1 
ATOM   897  C  C   . GLY A 1 131 ? 7.748   -10.760 4.009   1.00 47.76  ? 131 GLY A C   1 
ATOM   898  O  O   . GLY A 1 131 ? 7.285   -10.737 2.845   1.00 44.56  ? 131 GLY A O   1 
ATOM   899  N  N   . THR A 1 132 ? 7.096   -10.318 5.087   1.00 42.42  ? 132 THR A N   1 
ATOM   900  C  CA  . THR A 1 132 ? 5.714   -9.767  5.077   1.00 44.81  ? 132 THR A CA  1 
ATOM   901  C  C   . THR A 1 132 ? 5.654   -8.541  4.160   1.00 42.26  ? 132 THR A C   1 
ATOM   902  O  O   . THR A 1 132 ? 4.660   -8.389  3.435   1.00 43.57  ? 132 THR A O   1 
ATOM   903  C  CB  . THR A 1 132 ? 5.238   -9.409  6.492   1.00 49.62  ? 132 THR A CB  1 
ATOM   904  O  OG1 . THR A 1 132 ? 5.276   -10.605 7.270   1.00 48.05  ? 132 THR A OG1 1 
ATOM   905  C  CG2 . THR A 1 132 ? 3.842   -8.821  6.513   1.00 48.38  ? 132 THR A CG2 1 
ATOM   906  N  N   . VAL A 1 133 ? 6.669   -7.681  4.209   1.00 46.17  ? 133 VAL A N   1 
ATOM   907  C  CA  . VAL A 1 133 ? 6.747   -6.477  3.336   1.00 42.45  ? 133 VAL A CA  1 
ATOM   908  C  C   . VAL A 1 133 ? 6.735   -6.937  1.871   1.00 38.69  ? 133 VAL A C   1 
ATOM   909  O  O   . VAL A 1 133 ? 5.916   -6.430  1.081   1.00 41.09  ? 133 VAL A O   1 
ATOM   910  C  CB  . VAL A 1 133 ? 7.989   -5.633  3.675   1.00 39.16  ? 133 VAL A CB  1 
ATOM   911  C  CG1 . VAL A 1 133 ? 8.248   -4.565  2.625   1.00 41.27  ? 133 VAL A CG1 1 
ATOM   912  C  CG2 . VAL A 1 133 ? 7.877   -5.024  5.060   1.00 46.62  ? 133 VAL A CG2 1 
ATOM   913  N  N   . HIS A 1 134 ? 7.597   -7.884  1.516   1.00 40.09  ? 134 HIS A N   1 
ATOM   914  C  CA  . HIS A 1 134 ? 7.644   -8.465  0.148   1.00 40.93  ? 134 HIS A CA  1 
ATOM   915  C  C   . HIS A 1 134 ? 6.252   -8.983  -0.232  1.00 41.86  ? 134 HIS A C   1 
ATOM   916  O  O   . HIS A 1 134 ? 5.761   -8.624  -1.316  1.00 38.92  ? 134 HIS A O   1 
ATOM   917  C  CB  . HIS A 1 134 ? 8.716   -9.557  0.050   1.00 40.47  ? 134 HIS A CB  1 
ATOM   918  C  CG  . HIS A 1 134 ? 8.874   -10.078 -1.338  1.00 40.26  ? 134 HIS A CG  1 
ATOM   919  N  ND1 . HIS A 1 134 ? 9.928   -9.704  -2.146  1.00 36.87  ? 134 HIS A ND1 1 
ATOM   920  C  CD2 . HIS A 1 134 ? 8.049   -10.835 -2.099  1.00 41.95  ? 134 HIS A CD2 1 
ATOM   921  C  CE1 . HIS A 1 134 ? 9.762   -10.229 -3.343  1.00 43.14  ? 134 HIS A CE1 1 
ATOM   922  N  NE2 . HIS A 1 134 ? 8.617   -10.945 -3.332  1.00 41.28  ? 134 HIS A NE2 1 
ATOM   923  N  N   . LYS A 1 135 ? 5.627   -9.781  0.637   1.00 42.19  ? 135 LYS A N   1 
ATOM   924  C  CA  . LYS A 1 135 ? 4.329   -10.456 0.355   1.00 41.69  ? 135 LYS A CA  1 
ATOM   925  C  C   . LYS A 1 135 ? 3.243   -9.392  0.185   1.00 40.03  ? 135 LYS A C   1 
ATOM   926  O  O   . LYS A 1 135 ? 2.446   -9.480  -0.781  1.00 39.34  ? 135 LYS A O   1 
ATOM   927  C  CB  . LYS A 1 135 ? 3.965   -11.411 1.497   1.00 50.84  ? 135 LYS A CB  1 
ATOM   928  C  CG  . LYS A 1 135 ? 4.900   -12.600 1.679   1.00 54.24  ? 135 LYS A CG  1 
ATOM   929  C  CD  . LYS A 1 135 ? 4.399   -13.855 1.007   1.00 63.63  ? 135 LYS A CD  1 
ATOM   930  C  CE  . LYS A 1 135 ? 5.509   -14.821 0.652   1.00 69.26  ? 135 LYS A CE  1 
ATOM   931  N  NZ  . LYS A 1 135 ? 5.178   -15.617 -0.553  1.00 61.63  ? 135 LYS A NZ  1 
ATOM   932  N  N   . VAL A 1 136 ? 3.217   -8.404  1.081   1.00 40.99  ? 136 VAL A N   1 
ATOM   933  C  CA  . VAL A 1 136 ? 2.168   -7.344  1.066   1.00 40.13  ? 136 VAL A CA  1 
ATOM   934  C  C   . VAL A 1 136 ? 2.263   -6.603  -0.266  1.00 40.41  ? 136 VAL A C   1 
ATOM   935  O  O   . VAL A 1 136 ? 1.240   -6.503  -0.961  1.00 44.16  ? 136 VAL A O   1 
ATOM   936  C  CB  . VAL A 1 136 ? 2.292   -6.388  2.263   1.00 41.65  ? 136 VAL A CB  1 
ATOM   937  C  CG1 . VAL A 1 136 ? 1.475   -5.118  2.053   1.00 47.56  ? 136 VAL A CG1 1 
ATOM   938  C  CG2 . VAL A 1 136 ? 1.882   -7.066  3.555   1.00 42.73  ? 136 VAL A CG2 1 
ATOM   939  N  N   . VAL A 1 137 ? 3.452   -6.101  -0.607  1.00 42.07  ? 137 VAL A N   1 
ATOM   940  C  CA  . VAL A 1 137 ? 3.650   -5.259  -1.820  1.00 39.99  ? 137 VAL A CA  1 
ATOM   941  C  C   . VAL A 1 137 ? 3.561   -6.158  -3.061  1.00 41.80  ? 137 VAL A C   1 
ATOM   942  O  O   . VAL A 1 137 ? 2.899   -5.751  -4.039  1.00 42.53  ? 137 VAL A O   1 
ATOM   943  C  CB  . VAL A 1 137 ? 4.973   -4.475  -1.762  1.00 46.53  ? 137 VAL A CB  1 
ATOM   944  C  CG1 . VAL A 1 137 ? 5.109   -3.545  -2.957  1.00 44.51  ? 137 VAL A CG1 1 
ATOM   945  C  CG2 . VAL A 1 137 ? 5.119   -3.696  -0.460  1.00 49.92  ? 137 VAL A CG2 1 
ATOM   946  N  N   . TYR A 1 138 ? 4.166   -7.350  -3.035  1.00 40.91  ? 138 TYR A N   1 
ATOM   947  C  CA  . TYR A 1 138 ? 4.105   -8.285  -4.190  1.00 45.24  ? 138 TYR A CA  1 
ATOM   948  C  C   . TYR A 1 138 ? 2.644   -8.641  -4.491  1.00 46.50  ? 138 TYR A C   1 
ATOM   949  O  O   . TYR A 1 138 ? 2.240   -8.610  -5.679  1.00 43.00  ? 138 TYR A O   1 
ATOM   950  C  CB  . TYR A 1 138 ? 4.922   -9.556  -3.969  1.00 45.90  ? 138 TYR A CB  1 
ATOM   951  C  CG  . TYR A 1 138 ? 5.018   -10.409 -5.212  1.00 50.41  ? 138 TYR A CG  1 
ATOM   952  C  CD1 . TYR A 1 138 ? 5.722   -9.964  -6.316  1.00 50.69  ? 138 TYR A CD1 1 
ATOM   953  C  CD2 . TYR A 1 138 ? 4.258   -11.559 -5.354  1.00 52.32  ? 138 TYR A CD2 1 
ATOM   954  C  CE1 . TYR A 1 138 ? 5.768   -10.699 -7.491  1.00 59.32  ? 138 TYR A CE1 1 
ATOM   955  C  CE2 . TYR A 1 138 ? 4.277   -12.299 -6.525  1.00 57.84  ? 138 TYR A CE2 1 
ATOM   956  C  CZ  . TYR A 1 138 ? 5.036   -11.867 -7.598  1.00 55.30  ? 138 TYR A CZ  1 
ATOM   957  O  OH  . TYR A 1 138 ? 5.057   -12.571 -8.760  1.00 64.08  ? 138 TYR A OH  1 
ATOM   958  N  N   . GLY A 1 139 ? 1.860   -8.865  -3.433  1.00 45.28  ? 139 GLY A N   1 
ATOM   959  C  CA  . GLY A 1 139 ? 0.393   -9.012  -3.489  1.00 42.09  ? 139 GLY A CA  1 
ATOM   960  C  C   . GLY A 1 139 ? -0.255  -7.938  -4.342  1.00 47.05  ? 139 GLY A C   1 
ATOM   961  O  O   . GLY A 1 139 ? -1.016  -8.293  -5.265  1.00 50.13  ? 139 GLY A O   1 
ATOM   962  N  N   . LEU A 1 140 ? 0.028   -6.665  -4.059  1.00 42.96  ? 140 LEU A N   1 
ATOM   963  C  CA  . LEU A 1 140 ? -0.642  -5.512  -4.720  1.00 48.55  ? 140 LEU A CA  1 
ATOM   964  C  C   . LEU A 1 140 ? -0.314  -5.520  -6.211  1.00 50.24  ? 140 LEU A C   1 
ATOM   965  O  O   . LEU A 1 140 ? -1.128  -5.027  -7.007  1.00 56.45  ? 140 LEU A O   1 
ATOM   966  C  CB  . LEU A 1 140 ? -0.171  -4.207  -4.073  1.00 52.03  ? 140 LEU A CB  1 
ATOM   967  C  CG  . LEU A 1 140 ? -0.666  -3.982  -2.649  1.00 53.53  ? 140 LEU A CG  1 
ATOM   968  C  CD1 . LEU A 1 140 ? -0.008  -2.751  -2.052  1.00 56.29  ? 140 LEU A CD1 1 
ATOM   969  C  CD2 . LEU A 1 140 ? -2.183  -3.862  -2.620  1.00 49.18  ? 140 LEU A CD2 1 
ATOM   970  N  N   . MET A 1 141 ? 0.904   -5.939  -6.539  1.00 47.80  ? 141 MET A N   1 
ATOM   971  C  CA  . MET A 1 141 ? 1.436   -5.903  -7.917  1.00 54.52  ? 141 MET A CA  1 
ATOM   972  C  C   . MET A 1 141 ? 0.850   -7.070  -8.720  1.00 56.66  ? 141 MET A C   1 
ATOM   973  O  O   . MET A 1 141 ? 0.659   -6.896  -9.927  1.00 59.74  ? 141 MET A O   1 
ATOM   974  C  CB  . MET A 1 141 ? 2.959   -5.980  -7.883  1.00 53.18  ? 141 MET A CB  1 
ATOM   975  C  CG  . MET A 1 141 ? 3.561   -6.445  -9.165  1.00 58.83  ? 141 MET A CG  1 
ATOM   976  S  SD  . MET A 1 141 ? 5.343   -6.282  -9.081  1.00 64.11  ? 141 MET A SD  1 
ATOM   977  C  CE  . MET A 1 141 ? 5.813   -8.007  -9.003  1.00 64.62  ? 141 MET A CE  1 
ATOM   978  N  N   . SER A 1 142 ? 0.450   -8.159  -8.060  1.00 49.67  ? 142 SER A N   1 
ATOM   979  C  CA  . SER A 1 142 ? -0.102  -9.369  -8.726  1.00 54.74  ? 142 SER A CA  1 
ATOM   980  C  C   . SER A 1 142 ? -1.618  -9.464  -8.502  1.00 56.30  ? 142 SER A C   1 
ATOM   981  O  O   . SER A 1 142 ? -2.166  -10.556 -8.684  1.00 58.27  ? 142 SER A O   1 
ATOM   982  C  CB  . SER A 1 142 ? 0.616   -10.622 -8.284  1.00 51.70  ? 142 SER A CB  1 
ATOM   983  O  OG  . SER A 1 142 ? 0.980   -10.562 -6.918  1.00 55.22  ? 142 SER A OG  1 
ATOM   984  N  N   . GLY A 1 143 ? -2.286  -8.325  -8.307  1.00 65.09  ? 143 GLY A N   1 
ATOM   985  C  CA  . GLY A 1 143 ? -3.752  -8.250  -8.156  1.00 66.16  ? 143 GLY A CA  1 
ATOM   986  C  C   . GLY A 1 143 ? -4.260  -9.179  -7.063  1.00 62.56  ? 143 GLY A C   1 
ATOM   987  O  O   . GLY A 1 143 ? -5.401  -9.643  -7.168  1.00 56.02  ? 143 GLY A O   1 
ATOM   988  N  N   . ASP A 1 144 ? -3.487  -9.380  -5.993  1.00 65.53  ? 144 ASP A N   1 
ATOM   989  C  CA  . ASP A 1 144 ? -3.956  -10.102 -4.781  1.00 53.66  ? 144 ASP A CA  1 
ATOM   990  C  C   . ASP A 1 144 ? -3.623  -9.289  -3.519  1.00 52.55  ? 144 ASP A C   1 
ATOM   991  O  O   . ASP A 1 144 ? -2.545  -9.507  -2.926  1.00 49.25  ? 144 ASP A O   1 
ATOM   992  C  CB  . ASP A 1 144 ? -3.374  -11.512 -4.715  1.00 57.34  ? 144 ASP A CB  1 
ATOM   993  C  CG  . ASP A 1 144 ? -3.694  -12.188 -3.399  1.00 59.69  ? 144 ASP A CG  1 
ATOM   994  O  OD1 . ASP A 1 144 ? -4.560  -11.651 -2.682  1.00 58.31  ? 144 ASP A OD1 1 
ATOM   995  O  OD2 . ASP A 1 144 ? -3.016  -13.181 -3.065  1.00 71.11  ? 144 ASP A OD2 1 
ATOM   996  N  N   . SER A 1 145 ? -4.623  -8.583  -2.993  1.00 52.81  ? 145 SER A N   1 
ATOM   997  C  CA  . SER A 1 145 ? -4.485  -7.619  -1.869  1.00 53.44  ? 145 SER A CA  1 
ATOM   998  C  C   . SER A 1 145 ? -4.659  -8.332  -0.525  1.00 49.00  ? 145 SER A C   1 
ATOM   999  O  O   . SER A 1 145 ? -4.755  -7.625  0.491   1.00 51.27  ? 145 SER A O   1 
ATOM   1000 C  CB  . SER A 1 145 ? -5.460  -6.478  -2.019  1.00 46.42  ? 145 SER A CB  1 
ATOM   1001 O  OG  . SER A 1 145 ? -6.802  -6.924  -1.886  1.00 50.01  ? 145 SER A OG  1 
ATOM   1002 N  N   . SER A 1 146 ? -4.585  -9.669  -0.497  1.00 52.29  ? 146 SER A N   1 
ATOM   1003 C  CA  . SER A 1 146 ? -5.003  -10.497 0.671   1.00 53.30  ? 146 SER A CA  1 
ATOM   1004 C  C   . SER A 1 146 ? -4.023  -10.331 1.844   1.00 48.14  ? 146 SER A C   1 
ATOM   1005 O  O   . SER A 1 146 ? -4.501  -10.173 2.980   1.00 50.13  ? 146 SER A O   1 
ATOM   1006 C  CB  . SER A 1 146 ? -5.207  -11.958 0.301   1.00 58.02  ? 146 SER A CB  1 
ATOM   1007 O  OG  . SER A 1 146 ? -4.045  -12.507 -0.306  1.00 63.18  ? 146 SER A OG  1 
ATOM   1008 N  N   . ALA A 1 147 ? -2.712  -10.296 1.595   1.00 47.16  ? 147 ALA A N   1 
ATOM   1009 C  CA  . ALA A 1 147 ? -1.683  -10.112 2.650   1.00 46.83  ? 147 ALA A CA  1 
ATOM   1010 C  C   . ALA A 1 147 ? -1.872  -8.741  3.314   1.00 45.17  ? 147 ALA A C   1 
ATOM   1011 O  O   . ALA A 1 147 ? -1.750  -8.645  4.553   1.00 45.02  ? 147 ALA A O   1 
ATOM   1012 C  CB  . ALA A 1 147 ? -0.298  -10.246 2.072   1.00 47.09  ? 147 ALA A CB  1 
ATOM   1013 N  N   . LEU A 1 148 ? -2.072  -7.701  2.505   1.00 43.66  ? 148 LEU A N   1 
ATOM   1014 C  CA  . LEU A 1 148 ? -2.312  -6.324  3.005   1.00 44.78  ? 148 LEU A CA  1 
ATOM   1015 C  C   . LEU A 1 148 ? -3.549  -6.340  3.911   1.00 45.71  ? 148 LEU A C   1 
ATOM   1016 O  O   . LEU A 1 148 ? -3.450  -5.822  5.033   1.00 46.20  ? 148 LEU A O   1 
ATOM   1017 C  CB  . LEU A 1 148 ? -2.512  -5.364  1.833   1.00 39.47  ? 148 LEU A CB  1 
ATOM   1018 C  CG  . LEU A 1 148 ? -2.911  -3.953  2.253   1.00 40.84  ? 148 LEU A CG  1 
ATOM   1019 C  CD1 . LEU A 1 148 ? -1.822  -3.329  3.111   1.00 46.80  ? 148 LEU A CD1 1 
ATOM   1020 C  CD2 . LEU A 1 148 ? -3.218  -3.078  1.045   1.00 42.67  ? 148 LEU A CD2 1 
ATOM   1021 N  N   . GLN A 1 149 ? -4.651  -6.928  3.434   1.00 48.10  ? 149 GLN A N   1 
ATOM   1022 C  CA  . GLN A 1 149 ? -5.934  -7.060  4.181   1.00 49.54  ? 149 GLN A CA  1 
ATOM   1023 C  C   . GLN A 1 149 ? -5.669  -7.700  5.544   1.00 52.91  ? 149 GLN A C   1 
ATOM   1024 O  O   . GLN A 1 149 ? -6.137  -7.144  6.558   1.00 48.82  ? 149 GLN A O   1 
ATOM   1025 C  CB  . GLN A 1 149 ? -6.953  -7.892  3.404   1.00 48.38  ? 149 GLN A CB  1 
ATOM   1026 C  CG  . GLN A 1 149 ? -7.524  -7.184  2.189   1.00 49.92  ? 149 GLN A CG  1 
ATOM   1027 C  CD  . GLN A 1 149 ? -8.709  -7.906  1.597   1.00 61.65  ? 149 GLN A CD  1 
ATOM   1028 O  OE1 . GLN A 1 149 ? -9.582  -8.402  2.307   1.00 63.21  ? 149 GLN A OE1 1 
ATOM   1029 N  NE2 . GLN A 1 149 ? -8.779  -7.919  0.275   1.00 54.67  ? 149 GLN A NE2 1 
ATOM   1030 N  N   . GLY A 1 150 ? -4.954  -8.828  5.560   1.00 49.00  ? 150 GLY A N   1 
ATOM   1031 C  CA  . GLY A 1 150 ? -4.483  -9.483  6.793   1.00 51.74  ? 150 GLY A CA  1 
ATOM   1032 C  C   . GLY A 1 150 ? -3.930  -8.476  7.785   1.00 48.80  ? 150 GLY A C   1 
ATOM   1033 O  O   . GLY A 1 150 ? -4.355  -8.486  8.955   1.00 49.49  ? 150 GLY A O   1 
ATOM   1034 N  N   . GLN A 1 151 ? -2.986  -7.647  7.345   1.00 48.78  ? 151 GLN A N   1 
ATOM   1035 C  CA  . GLN A 1 151 ? -2.210  -6.742  8.229   1.00 47.82  ? 151 GLN A CA  1 
ATOM   1036 C  C   . GLN A 1 151 ? -3.116  -5.610  8.716   1.00 46.07  ? 151 GLN A C   1 
ATOM   1037 O  O   . GLN A 1 151 ? -3.084  -5.306  9.911   1.00 46.69  ? 151 GLN A O   1 
ATOM   1038 C  CB  . GLN A 1 151 ? -1.002  -6.186  7.481   1.00 48.51  ? 151 GLN A CB  1 
ATOM   1039 C  CG  . GLN A 1 151 ? -0.012  -7.264  7.082   1.00 51.55  ? 151 GLN A CG  1 
ATOM   1040 C  CD  . GLN A 1 151 ? 0.414   -8.081  8.276   1.00 56.26  ? 151 GLN A CD  1 
ATOM   1041 O  OE1 . GLN A 1 151 ? 0.800   -7.543  9.315   1.00 51.89  ? 151 GLN A OE1 1 
ATOM   1042 N  NE2 . GLN A 1 151 ? 0.353   -9.393  8.125   1.00 47.32  ? 151 GLN A NE2 1 
ATOM   1043 N  N   . ILE A 1 152 ? -3.905  -5.025  7.813   1.00 43.47  ? 152 ILE A N   1 
ATOM   1044 C  CA  . ILE A 1 152 ? -4.883  -3.946  8.148   1.00 47.96  ? 152 ILE A CA  1 
ATOM   1045 C  C   . ILE A 1 152 ? -5.872  -4.486  9.183   1.00 51.69  ? 152 ILE A C   1 
ATOM   1046 O  O   . ILE A 1 152 ? -6.087  -3.817  10.205  1.00 47.58  ? 152 ILE A O   1 
ATOM   1047 C  CB  . ILE A 1 152 ? -5.599  -3.450  6.881   1.00 40.52  ? 152 ILE A CB  1 
ATOM   1048 C  CG1 . ILE A 1 152 ? -4.613  -2.773  5.928   1.00 42.23  ? 152 ILE A CG1 1 
ATOM   1049 C  CG2 . ILE A 1 152 ? -6.766  -2.538  7.232   1.00 46.17  ? 152 ILE A CG2 1 
ATOM   1050 C  CD1 . ILE A 1 152 ? -5.171  -2.517  4.553   1.00 43.56  ? 152 ILE A CD1 1 
ATOM   1051 N  N   . ASP A 1 153 ? -6.438  -5.665  8.921   1.00 51.74  ? 153 ASP A N   1 
ATOM   1052 C  CA  . ASP A 1 153 ? -7.464  -6.294  9.788   1.00 50.73  ? 153 ASP A CA  1 
ATOM   1053 C  C   . ASP A 1 153 ? -6.915  -6.390  11.219  1.00 47.55  ? 153 ASP A C   1 
ATOM   1054 O  O   . ASP A 1 153 ? -7.586  -5.878  12.128  1.00 51.65  ? 153 ASP A O   1 
ATOM   1055 C  CB  . ASP A 1 153 ? -7.921  -7.636  9.223   1.00 48.27  ? 153 ASP A CB  1 
ATOM   1056 C  CG  . ASP A 1 153 ? -9.217  -8.114  9.841   1.00 48.14  ? 153 ASP A CG  1 
ATOM   1057 O  OD1 . ASP A 1 153 ? -10.275 -7.554  9.506   1.00 51.85  ? 153 ASP A OD1 1 
ATOM   1058 O  OD2 . ASP A 1 153 ? -9.139  -8.977  10.711  1.00 55.47  ? 153 ASP A OD2 1 
ATOM   1059 N  N   . ALA A 1 154 ? -5.706  -6.922  11.402  1.00 46.18  ? 154 ALA A N   1 
ATOM   1060 C  CA  . ALA A 1 154 ? -5.029  -7.023  12.717  1.00 48.57  ? 154 ALA A CA  1 
ATOM   1061 C  C   . ALA A 1 154 ? -4.837  -5.621  13.318  1.00 51.46  ? 154 ALA A C   1 
ATOM   1062 O  O   . ALA A 1 154 ? -5.034  -5.459  14.531  1.00 52.34  ? 154 ALA A O   1 
ATOM   1063 C  CB  . ALA A 1 154 ? -3.717  -7.750  12.573  1.00 50.28  ? 154 ALA A CB  1 
ATOM   1064 N  N   . LEU A 1 155 ? -4.440  -4.636  12.511  1.00 47.10  ? 155 LEU A N   1 
ATOM   1065 C  CA  . LEU A 1 155 ? -4.171  -3.260  13.004  1.00 51.37  ? 155 LEU A CA  1 
ATOM   1066 C  C   . LEU A 1 155 ? -5.486  -2.629  13.481  1.00 48.79  ? 155 LEU A C   1 
ATOM   1067 O  O   . LEU A 1 155 ? -5.495  -2.025  14.562  1.00 50.03  ? 155 LEU A O   1 
ATOM   1068 C  CB  . LEU A 1 155 ? -3.501  -2.443  11.896  1.00 49.08  ? 155 LEU A CB  1 
ATOM   1069 C  CG  . LEU A 1 155 ? -2.033  -2.796  11.652  1.00 51.63  ? 155 LEU A CG  1 
ATOM   1070 C  CD1 . LEU A 1 155 ? -1.524  -2.183  10.358  1.00 48.39  ? 155 LEU A CD1 1 
ATOM   1071 C  CD2 . LEU A 1 155 ? -1.167  -2.366  12.828  1.00 51.76  ? 155 LEU A CD2 1 
ATOM   1072 N  N   . LEU A 1 156 ? -6.587  -2.886  12.785  1.00 46.34  ? 156 LEU A N   1 
ATOM   1073 C  CA  . LEU A 1 156 ? -7.906  -2.319  13.146  1.00 44.90  ? 156 LEU A CA  1 
ATOM   1074 C  C   . LEU A 1 156 ? -8.364  -2.935  14.471  1.00 57.59  ? 156 LEU A C   1 
ATOM   1075 O  O   . LEU A 1 156 ? -8.821  -2.173  15.353  1.00 50.65  ? 156 LEU A O   1 
ATOM   1076 C  CB  . LEU A 1 156 ? -8.898  -2.592  12.017  1.00 47.66  ? 156 LEU A CB  1 
ATOM   1077 C  CG  . LEU A 1 156 ? -8.637  -1.826  10.725  1.00 45.69  ? 156 LEU A CG  1 
ATOM   1078 C  CD1 . LEU A 1 156 ? -9.626  -2.243  9.647   1.00 49.15  ? 156 LEU A CD1 1 
ATOM   1079 C  CD2 . LEU A 1 156 ? -8.698  -0.325  10.954  1.00 47.80  ? 156 LEU A CD2 1 
ATOM   1080 N  N   . LYS A 1 157 ? -8.156  -4.246  14.640  1.00 52.33  ? 157 LYS A N   1 
ATOM   1081 C  CA  . LYS A 1 157 ? -8.673  -5.012  15.805  1.00 58.15  ? 157 LYS A CA  1 
ATOM   1082 C  C   . LYS A 1 157 ? -7.929  -4.562  17.063  1.00 51.17  ? 157 LYS A C   1 
ATOM   1083 O  O   . LYS A 1 157 ? -8.587  -4.411  18.098  1.00 54.26  ? 157 LYS A O   1 
ATOM   1084 C  CB  . LYS A 1 157 ? -8.558  -6.522  15.570  1.00 57.89  ? 157 LYS A CB  1 
ATOM   1085 C  CG  . LYS A 1 157 ? -9.634  -7.102  14.661  1.00 61.54  ? 157 LYS A CG  1 
ATOM   1086 C  CD  . LYS A 1 157 ? -9.633  -8.616  14.607  1.00 67.41  ? 157 LYS A CD  1 
ATOM   1087 C  CE  . LYS A 1 157 ? -10.938 -9.190  14.097  1.00 67.09  ? 157 LYS A CE  1 
ATOM   1088 N  NZ  . LYS A 1 157 ? -11.248 -8.715  12.731  1.00 61.11  ? 157 LYS A NZ  1 
ATOM   1089 N  N   . ALA A 1 158 ? -6.643  -4.233  16.940  1.00 51.70  ? 158 ALA A N   1 
ATOM   1090 C  CA  . ALA A 1 158 ? -5.785  -3.771  18.056  1.00 53.69  ? 158 ALA A CA  1 
ATOM   1091 C  C   . ALA A 1 158 ? -6.246  -2.391  18.558  1.00 58.77  ? 158 ALA A C   1 
ATOM   1092 O  O   . ALA A 1 158 ? -5.975  -2.068  19.728  1.00 55.39  ? 158 ALA A O   1 
ATOM   1093 C  CB  . ALA A 1 158 ? -4.347  -3.738  17.614  1.00 51.08  ? 158 ALA A CB  1 
ATOM   1094 N  N   . VAL A 1 159 ? -6.851  -1.569  17.697  1.00 53.53  ? 159 VAL A N   1 
ATOM   1095 C  CA  . VAL A 1 159 ? -7.474  -0.275  18.109  1.00 52.31  ? 159 VAL A CA  1 
ATOM   1096 C  C   . VAL A 1 159 ? -8.809  -0.580  18.794  1.00 49.27  ? 159 VAL A C   1 
ATOM   1097 O  O   . VAL A 1 159 ? -9.072  -0.039  19.879  1.00 52.37  ? 159 VAL A O   1 
ATOM   1098 C  CB  . VAL A 1 159 ? -7.659  0.676   16.911  1.00 57.77  ? 159 VAL A CB  1 
ATOM   1099 C  CG1 . VAL A 1 159 ? -8.517  1.881   17.271  1.00 55.56  ? 159 VAL A CG1 1 
ATOM   1100 C  CG2 . VAL A 1 159 ? -6.322  1.120   16.334  1.00 55.16  ? 159 VAL A CG2 1 
ATOM   1101 N  N   . ASP A 1 160 ? -9.632  -1.410  18.158  1.00 49.40  ? 160 ASP A N   1 
ATOM   1102 C  CA  . ASP A 1 160 ? -11.035 -1.664  18.562  1.00 46.92  ? 160 ASP A CA  1 
ATOM   1103 C  C   . ASP A 1 160 ? -11.442 -2.994  17.945  1.00 51.44  ? 160 ASP A C   1 
ATOM   1104 O  O   . ASP A 1 160 ? -11.437 -3.118  16.721  1.00 45.22  ? 160 ASP A O   1 
ATOM   1105 C  CB  . ASP A 1 160 ? -11.928 -0.500  18.127  1.00 48.32  ? 160 ASP A CB  1 
ATOM   1106 C  CG  . ASP A 1 160 ? -13.410 -0.639  18.430  1.00 43.64  ? 160 ASP A CG  1 
ATOM   1107 O  OD1 . ASP A 1 160 ? -13.865 -1.760  18.750  1.00 45.77  ? 160 ASP A OD1 1 
ATOM   1108 O  OD2 . ASP A 1 160 ? -14.119 0.366   18.235  1.00 44.60  ? 160 ASP A OD2 1 
ATOM   1109 N  N   . PRO A 1 161 ? -11.701 -4.037  18.771  1.00 59.46  ? 161 PRO A N   1 
ATOM   1110 C  CA  . PRO A 1 161 ? -11.950 -5.384  18.253  1.00 50.11  ? 161 PRO A CA  1 
ATOM   1111 C  C   . PRO A 1 161 ? -13.260 -5.511  17.462  1.00 47.36  ? 161 PRO A C   1 
ATOM   1112 O  O   . PRO A 1 161 ? -13.404 -6.460  16.753  1.00 56.39  ? 161 PRO A O   1 
ATOM   1113 C  CB  . PRO A 1 161 ? -11.951 -6.287  19.500  1.00 58.60  ? 161 PRO A CB  1 
ATOM   1114 C  CG  . PRO A 1 161 ? -12.175 -5.341  20.671  1.00 59.14  ? 161 PRO A CG  1 
ATOM   1115 C  CD  . PRO A 1 161 ? -11.598 -4.008  20.239  1.00 59.82  ? 161 PRO A CD  1 
ATOM   1116 N  N   A SER A 1 162 ? -14.116 -4.484  17.521  0.45 49.88  ? 162 SER A N   1 
ATOM   1117 N  N   B SER A 1 162 ? -14.145 -4.514  17.537  0.55 50.59  ? 162 SER A N   1 
ATOM   1118 C  CA  A SER A 1 162 ? -15.386 -4.381  16.753  0.45 50.12  ? 162 SER A CA  1 
ATOM   1119 C  CA  B SER A 1 162 ? -15.386 -4.449  16.717  0.55 51.26  ? 162 SER A CA  1 
ATOM   1120 C  C   A SER A 1 162 ? -15.101 -3.963  15.304  0.45 49.50  ? 162 SER A C   1 
ATOM   1121 C  C   B SER A 1 162 ? -15.029 -4.153  15.253  0.55 48.51  ? 162 SER A C   1 
ATOM   1122 O  O   A SER A 1 162 ? -16.058 -3.882  14.507  0.45 41.72  ? 162 SER A O   1 
ATOM   1123 O  O   B SER A 1 162 ? -15.872 -4.385  14.372  0.55 44.49  ? 162 SER A O   1 
ATOM   1124 C  CB  A SER A 1 162 ? -16.337 -3.416  17.417  0.45 51.97  ? 162 SER A CB  1 
ATOM   1125 C  CB  B SER A 1 162 ? -16.356 -3.431  17.264  0.55 53.49  ? 162 SER A CB  1 
ATOM   1126 O  OG  A SER A 1 162 ? -16.020 -2.076  17.071  0.45 51.04  ? 162 SER A OG  1 
ATOM   1127 O  OG  B SER A 1 162 ? -17.327 -4.056  18.088  0.55 54.59  ? 162 SER A OG  1 
ATOM   1128 N  N   . LEU A 1 163 ? -13.862 -3.558  15.020  1.00 53.39  ? 163 LEU A N   1 
ATOM   1129 C  CA  . LEU A 1 163 ? -13.460 -3.080  13.677  1.00 51.50  ? 163 LEU A CA  1 
ATOM   1130 C  C   . LEU A 1 163 ? -12.846 -4.262  12.926  1.00 48.74  ? 163 LEU A C   1 
ATOM   1131 O  O   . LEU A 1 163 ? -12.185 -5.097  13.564  1.00 46.08  ? 163 LEU A O   1 
ATOM   1132 C  CB  . LEU A 1 163 ? -12.474 -1.914  13.821  1.00 45.96  ? 163 LEU A CB  1 
ATOM   1133 C  CG  . LEU A 1 163 ? -12.985 -0.689  14.582  1.00 44.45  ? 163 LEU A CG  1 
ATOM   1134 C  CD1 . LEU A 1 163 ? -11.992 0.457   14.485  1.00 49.20  ? 163 LEU A CD1 1 
ATOM   1135 C  CD2 . LEU A 1 163 ? -14.351 -0.242  14.089  1.00 44.18  ? 163 LEU A CD2 1 
ATOM   1136 N  N   . SER A 1 164 ? -13.023 -4.293  11.610  1.00 46.45  ? 164 SER A N   1 
ATOM   1137 C  CA  . SER A 1 164 ? -12.378 -5.290  10.726  1.00 46.52  ? 164 SER A CA  1 
ATOM   1138 C  C   . SER A 1 164 ? -12.175 -4.683  9.333   1.00 49.16  ? 164 SER A C   1 
ATOM   1139 O  O   . SER A 1 164 ? -12.690 -3.574  9.071   1.00 41.50  ? 164 SER A O   1 
ATOM   1140 C  CB  . SER A 1 164 ? -13.204 -6.557  10.672  1.00 41.67  ? 164 SER A CB  1 
ATOM   1141 O  OG  . SER A 1 164 ? -14.442 -6.325  10.017  1.00 40.71  ? 164 SER A OG  1 
ATOM   1142 N  N   . ILE A 1 165 ? -11.613 -5.489  8.435   1.00 44.63  ? 165 ILE A N   1 
ATOM   1143 C  CA  . ILE A 1 165 ? -11.533 -5.221  6.972   1.00 45.97  ? 165 ILE A CA  1 
ATOM   1144 C  C   . ILE A 1 165 ? -12.945 -5.151  6.370   1.00 51.20  ? 165 ILE A C   1 
ATOM   1145 O  O   . ILE A 1 165 ? -13.096 -4.566  5.280   1.00 47.01  ? 165 ILE A O   1 
ATOM   1146 C  CB  . ILE A 1 165 ? -10.640 -6.298  6.326   1.00 53.26  ? 165 ILE A CB  1 
ATOM   1147 C  CG1 . ILE A 1 165 ? -9.947  -5.756  5.078   1.00 60.15  ? 165 ILE A CG1 1 
ATOM   1148 C  CG2 . ILE A 1 165 ? -11.403 -7.594  6.073   1.00 48.93  ? 165 ILE A CG2 1 
ATOM   1149 C  CD1 . ILE A 1 165 ? -8.840  -4.779  5.393   1.00 59.38  ? 165 ILE A CD1 1 
ATOM   1150 N  N   . ASN A 1 166 ? -13.966 -5.572  7.119   1.00 46.20  ? 166 ASN A N   1 
ATOM   1151 C  CA  . ASN A 1 166 ? -15.378 -5.537  6.661   1.00 47.45  ? 166 ASN A CA  1 
ATOM   1152 C  C   . ASN A 1 166 ? -16.089 -4.294  7.202   1.00 44.59  ? 166 ASN A C   1 
ATOM   1153 O  O   . ASN A 1 166 ? -17.200 -4.012  6.726   1.00 47.30  ? 166 ASN A O   1 
ATOM   1154 C  CB  . ASN A 1 166 ? -16.086 -6.843  7.011   1.00 47.13  ? 166 ASN A CB  1 
ATOM   1155 C  CG  . ASN A 1 166 ? -15.413 -8.012  6.326   1.00 55.43  ? 166 ASN A CG  1 
ATOM   1156 O  OD1 . ASN A 1 166 ? -14.992 -8.964  6.974   1.00 59.10  ? 166 ASN A OD1 1 
ATOM   1157 N  ND2 . ASN A 1 166 ? -15.144 -7.860  5.042   1.00 52.26  ? 166 ASN A ND2 1 
ATOM   1158 N  N   . SER A 1 167 ? -15.413 -3.468  8.000   1.00 46.30  ? 167 SER A N   1 
ATOM   1159 C  CA  . SER A 1 167 ? -15.903 -2.115  8.366   1.00 45.07  ? 167 SER A CA  1 
ATOM   1160 C  C   . SER A 1 167 ? -15.922 -1.254  7.099   1.00 44.47  ? 167 SER A C   1 
ATOM   1161 O  O   . SER A 1 167 ? -15.005 -1.406  6.271   1.00 40.24  ? 167 SER A O   1 
ATOM   1162 C  CB  . SER A 1 167 ? -15.067 -1.490  9.462   1.00 44.26  ? 167 SER A CB  1 
ATOM   1163 O  OG  . SER A 1 167 ? -14.965 -2.349  10.590  1.00 44.22  ? 167 SER A OG  1 
ATOM   1164 N  N   . THR A 1 168 ? -16.958 -0.434  6.910   1.00 43.26  ? 168 THR A N   1 
ATOM   1165 C  CA  . THR A 1 168 ? -16.946 0.654   5.901   1.00 45.20  ? 168 THR A CA  1 
ATOM   1166 C  C   . THR A 1 168 ? -15.974 1.746   6.352   1.00 51.06  ? 168 THR A C   1 
ATOM   1167 O  O   . THR A 1 168 ? -15.699 1.867   7.576   1.00 45.07  ? 168 THR A O   1 
ATOM   1168 C  CB  . THR A 1 168 ? -18.344 1.228   5.628   1.00 54.00  ? 168 THR A CB  1 
ATOM   1169 O  OG1 . THR A 1 168 ? -18.736 1.981   6.772   1.00 46.49  ? 168 THR A OG1 1 
ATOM   1170 C  CG2 . THR A 1 168 ? -19.380 0.168   5.325   1.00 52.34  ? 168 THR A CG2 1 
ATOM   1171 N  N   . PHE A 1 169 ? -15.492 2.532   5.396   1.00 42.30  ? 169 PHE A N   1 
ATOM   1172 C  CA  . PHE A 1 169 ? -14.643 3.719   5.647   1.00 47.64  ? 169 PHE A CA  1 
ATOM   1173 C  C   . PHE A 1 169 ? -15.361 4.665   6.617   1.00 46.99  ? 169 PHE A C   1 
ATOM   1174 O  O   . PHE A 1 169 ? -14.716 5.098   7.593   1.00 47.98  ? 169 PHE A O   1 
ATOM   1175 C  CB  . PHE A 1 169 ? -14.253 4.366   4.320   1.00 43.93  ? 169 PHE A CB  1 
ATOM   1176 C  CG  . PHE A 1 169 ? -13.245 3.560   3.538   1.00 42.90  ? 169 PHE A CG  1 
ATOM   1177 C  CD1 . PHE A 1 169 ? -11.930 3.467   3.965   1.00 43.13  ? 169 PHE A CD1 1 
ATOM   1178 C  CD2 . PHE A 1 169 ? -13.650 2.755   2.486   1.00 43.50  ? 169 PHE A CD2 1 
ATOM   1179 C  CE1 . PHE A 1 169 ? -11.008 2.709   3.261   1.00 45.38  ? 169 PHE A CE1 1 
ATOM   1180 C  CE2 . PHE A 1 169 ? -12.722 2.019   1.763   1.00 45.50  ? 169 PHE A CE2 1 
ATOM   1181 C  CZ  . PHE A 1 169 ? -11.407 1.989   2.157   1.00 42.82  ? 169 PHE A CZ  1 
ATOM   1182 N  N   . ASP A 1 170 ? -16.651 4.929   6.394   1.00 52.12  ? 170 ASP A N   1 
ATOM   1183 C  CA  . ASP A 1 170 ? -17.471 5.815   7.269   1.00 51.69  ? 170 ASP A CA  1 
ATOM   1184 C  C   . ASP A 1 170 ? -17.481 5.241   8.692   1.00 46.31  ? 170 ASP A C   1 
ATOM   1185 O  O   . ASP A 1 170 ? -17.245 6.013   9.636   1.00 49.79  ? 170 ASP A O   1 
ATOM   1186 C  CB  . ASP A 1 170 ? -18.885 6.028   6.717   1.00 53.08  ? 170 ASP A CB  1 
ATOM   1187 C  CG  . ASP A 1 170 ? -19.033 7.247   5.816   1.00 60.66  ? 170 ASP A CG  1 
ATOM   1188 O  OD1 . ASP A 1 170 ? -18.010 7.911   5.524   1.00 62.24  ? 170 ASP A OD1 1 
ATOM   1189 O  OD2 . ASP A 1 170 ? -20.165 7.503   5.378   1.00 75.68  ? 170 ASP A OD2 1 
ATOM   1190 N  N   . GLN A 1 171 ? -17.558 3.917   8.839   1.00 47.68  ? 171 GLN A N   1 
ATOM   1191 C  CA  . GLN A 1 171 ? -17.548 3.263   10.173  1.00 50.22  ? 171 GLN A CA  1 
ATOM   1192 C  C   . GLN A 1 171 ? -16.185 3.480   10.835  1.00 53.65  ? 171 GLN A C   1 
ATOM   1193 O  O   . GLN A 1 171 ? -16.159 3.749   12.059  1.00 51.18  ? 171 GLN A O   1 
ATOM   1194 C  CB  . GLN A 1 171 ? -17.906 1.779   10.073  1.00 57.37  ? 171 GLN A CB  1 
ATOM   1195 C  CG  . GLN A 1 171 ? -19.408 1.524   9.990   1.00 55.76  ? 171 GLN A CG  1 
ATOM   1196 C  CD  . GLN A 1 171 ? -19.721 0.090   9.637   1.00 58.81  ? 171 GLN A CD  1 
ATOM   1197 O  OE1 . GLN A 1 171 ? -18.947 -0.594  8.972   1.00 55.58  ? 171 GLN A OE1 1 
ATOM   1198 N  NE2 . GLN A 1 171 ? -20.868 -0.384  10.089  1.00 60.13  ? 171 GLN A NE2 1 
ATOM   1199 N  N   . LEU A 1 172 ? -15.094 3.383   10.071  1.00 47.14  ? 172 LEU A N   1 
ATOM   1200 C  CA  . LEU A 1 172 ? -13.719 3.549   10.616  1.00 45.84  ? 172 LEU A CA  1 
ATOM   1201 C  C   . LEU A 1 172 ? -13.477 5.033   10.953  1.00 42.81  ? 172 LEU A C   1 
ATOM   1202 O  O   . LEU A 1 172 ? -12.740 5.311   11.909  1.00 46.45  ? 172 LEU A O   1 
ATOM   1203 C  CB  . LEU A 1 172 ? -12.698 3.004   9.611   1.00 44.21  ? 172 LEU A CB  1 
ATOM   1204 C  CG  . LEU A 1 172 ? -12.795 1.503   9.318   1.00 44.18  ? 172 LEU A CG  1 
ATOM   1205 C  CD1 . LEU A 1 172 ? -11.812 1.101   8.227   1.00 46.38  ? 172 LEU A CD1 1 
ATOM   1206 C  CD2 . LEU A 1 172 ? -12.550 0.680   10.571  1.00 42.51  ? 172 LEU A CD2 1 
ATOM   1207 N  N   . ALA A 1 173 ? -14.073 5.963   10.211  1.00 43.74  ? 173 ALA A N   1 
ATOM   1208 C  CA  . ALA A 1 173 ? -14.031 7.410   10.533  1.00 49.09  ? 173 ALA A CA  1 
ATOM   1209 C  C   . ALA A 1 173 ? -14.745 7.643   11.867  1.00 43.84  ? 173 ALA A C   1 
ATOM   1210 O  O   . ALA A 1 173 ? -14.181 8.343   12.717  1.00 49.11  ? 173 ALA A O   1 
ATOM   1211 C  CB  . ALA A 1 173 ? -14.649 8.231   9.425   1.00 45.88  ? 173 ALA A CB  1 
ATOM   1212 N  N   . ALA A 1 174 ? -15.886 6.981   12.075  1.00 42.54  ? 174 ALA A N   1 
ATOM   1213 C  CA  . ALA A 1 174 ? -16.699 7.092   13.307  1.00 47.57  ? 174 ALA A CA  1 
ATOM   1214 C  C   . ALA A 1 174 ? -15.899 6.528   14.487  1.00 48.47  ? 174 ALA A C   1 
ATOM   1215 O  O   . ALA A 1 174 ? -16.000 7.095   15.587  1.00 45.25  ? 174 ALA A O   1 
ATOM   1216 C  CB  . ALA A 1 174 ? -18.024 6.388   13.137  1.00 53.53  ? 174 ALA A CB  1 
ATOM   1217 N  N   . ALA A 1 175 ? -14.983 5.593   14.221  1.00 43.81  ? 175 ALA A N   1 
ATOM   1218 C  CA  . ALA A 1 175 ? -14.138 4.946   15.251  1.00 44.22  ? 175 ALA A CA  1 
ATOM   1219 C  C   . ALA A 1 175 ? -12.763 5.623   15.339  1.00 43.91  ? 175 ALA A C   1 
ATOM   1220 O  O   . ALA A 1 175 ? -11.955 5.200   16.187  1.00 43.52  ? 175 ALA A O   1 
ATOM   1221 C  CB  . ALA A 1 175 ? -14.020 3.472   14.968  1.00 46.70  ? 175 ALA A CB  1 
ATOM   1222 N  N   . GLY A 1 176 ? -12.554 6.720   14.607  1.00 41.83  ? 176 GLY A N   1 
ATOM   1223 C  CA  . GLY A 1 176 ? -11.409 7.631   14.814  1.00 44.65  ? 176 GLY A CA  1 
ATOM   1224 C  C   . GLY A 1 176 ? -10.127 7.183   14.115  1.00 48.46  ? 176 GLY A C   1 
ATOM   1225 O  O   . GLY A 1 176 ? -9.067  7.762   14.408  1.00 43.18  ? 176 GLY A O   1 
ATOM   1226 N  N   . VAL A 1 177 ? -10.183 6.212   13.201  1.00 47.95  ? 177 VAL A N   1 
ATOM   1227 C  CA  . VAL A 1 177 ? -8.949  5.669   12.555  1.00 45.48  ? 177 VAL A CA  1 
ATOM   1228 C  C   . VAL A 1 177 ? -8.891  6.118   11.089  1.00 43.86  ? 177 VAL A C   1 
ATOM   1229 O  O   . VAL A 1 177 ? -7.802  6.071   10.511  1.00 51.73  ? 177 VAL A O   1 
ATOM   1230 C  CB  . VAL A 1 177 ? -8.847  4.137   12.693  1.00 50.59  ? 177 VAL A CB  1 
ATOM   1231 C  CG1 . VAL A 1 177 ? -8.819  3.702   14.148  1.00 54.56  ? 177 VAL A CG1 1 
ATOM   1232 C  CG2 . VAL A 1 177 ? -9.951  3.412   11.948  1.00 53.54  ? 177 VAL A CG2 1 
ATOM   1233 N  N   . ALA A 1 178 ? -10.022 6.521   10.506  1.00 46.53  ? 178 ALA A N   1 
ATOM   1234 C  CA  . ALA A 1 178 ? -10.112 6.967   9.096   1.00 46.56  ? 178 ALA A CA  1 
ATOM   1235 C  C   . ALA A 1 178 ? -10.556 8.432   9.023   1.00 49.36  ? 178 ALA A C   1 
ATOM   1236 O  O   . ALA A 1 178 ? -11.176 8.924   9.975   1.00 48.04  ? 178 ALA A O   1 
ATOM   1237 C  CB  . ALA A 1 178 ? -11.041 6.070   8.314   1.00 48.69  ? 178 ALA A CB  1 
ATOM   1238 N  N   A HIS A 1 179 ? -10.425 9.020   7.828   0.45 44.63  ? 179 HIS A N   1 
ATOM   1239 N  N   B HIS A 1 179 ? -10.174 9.120   7.949   0.55 44.67  ? 179 HIS A N   1 
ATOM   1240 C  CA  A HIS A 1 179 ? -10.447 10.481  7.548   0.45 46.51  ? 179 HIS A CA  1 
ATOM   1241 C  CA  B HIS A 1 179 ? -10.639 10.492  7.629   0.55 45.89  ? 179 HIS A CA  1 
ATOM   1242 C  C   A HIS A 1 179 ? -10.812 10.687  6.070   0.45 48.89  ? 179 HIS A C   1 
ATOM   1243 C  C   B HIS A 1 179 ? -10.885 10.589  6.124   0.55 47.64  ? 179 HIS A C   1 
ATOM   1244 O  O   A HIS A 1 179 ? -9.966  10.347  5.212   0.45 47.32  ? 179 HIS A O   1 
ATOM   1245 O  O   B HIS A 1 179 ? -10.098 10.016  5.341   0.55 46.30  ? 179 HIS A O   1 
ATOM   1246 C  CB  A HIS A 1 179 ? -9.081  11.113  7.894   0.45 47.12  ? 179 HIS A CB  1 
ATOM   1247 C  CB  B HIS A 1 179 ? -9.661  11.545  8.174   0.55 47.50  ? 179 HIS A CB  1 
ATOM   1248 C  CG  A HIS A 1 179 ? -8.527  10.718  9.227   0.45 45.22  ? 179 HIS A CG  1 
ATOM   1249 C  CG  B HIS A 1 179 ? -8.393  11.673  7.398   0.55 46.09  ? 179 HIS A CG  1 
ATOM   1250 N  ND1 A HIS A 1 179 ? -7.725  9.598   9.397   0.45 35.24  ? 179 HIS A ND1 1 
ATOM   1251 N  ND1 B HIS A 1 179 ? -7.221  11.053  7.791   0.55 45.26  ? 179 HIS A ND1 1 
ATOM   1252 C  CD2 A HIS A 1 179 ? -8.658  11.279  10.450  0.45 42.62  ? 179 HIS A CD2 1 
ATOM   1253 C  CD2 B HIS A 1 179 ? -8.097  12.385  6.287   0.55 45.92  ? 179 HIS A CD2 1 
ATOM   1254 C  CE1 A HIS A 1 179 ? -7.407  9.480   10.671  0.45 43.26  ? 179 HIS A CE1 1 
ATOM   1255 C  CE1 B HIS A 1 179 ? -6.255  11.379  6.952   0.55 43.87  ? 179 HIS A CE1 1 
ATOM   1256 N  NE2 A HIS A 1 179 ? -7.975  10.495  11.341  0.45 42.37  ? 179 HIS A NE2 1 
ATOM   1257 N  NE2 B HIS A 1 179 ? -6.778  12.168  6.000   0.55 41.35  ? 179 HIS A NE2 1 
ATOM   1258 N  N   . ALA A 1 180 ? -12.021 11.185  5.769   1.00 45.01  ? 180 ALA A N   1 
ATOM   1259 C  CA  . ALA A 1 180 ? -12.477 11.420  4.380   1.00 52.59  ? 180 ALA A CA  1 
ATOM   1260 C  C   . ALA A 1 180 ? -11.692 12.584  3.769   1.00 56.77  ? 180 ALA A C   1 
ATOM   1261 O  O   . ALA A 1 180 ? -11.235 13.465  4.522   1.00 56.82  ? 180 ALA A O   1 
ATOM   1262 C  CB  . ALA A 1 180 ? -13.962 11.687  4.345   1.00 53.24  ? 180 ALA A CB  1 
ATOM   1263 N  N   . THR A 1 181 ? -11.472 12.512  2.457   1.00 58.89  ? 181 THR A N   1 
ATOM   1264 C  CA  . THR A 1 181 ? -10.882 13.580  1.611   1.00 63.40  ? 181 THR A CA  1 
ATOM   1265 C  C   . THR A 1 181 ? -11.884 13.897  0.503   1.00 76.09  ? 181 THR A C   1 
ATOM   1266 O  O   . THR A 1 181 ? -12.657 13.028  0.101   1.00 61.46  ? 181 THR A O   1 
ATOM   1267 C  CB  . THR A 1 181 ? -9.514  13.135  1.079   1.00 64.17  ? 181 THR A CB  1 
ATOM   1268 O  OG1 . THR A 1 181 ? -9.710  11.989  0.252   1.00 68.79  ? 181 THR A OG1 1 
ATOM   1269 C  CG2 . THR A 1 181 ? -8.532  12.781  2.175   1.00 63.17  ? 181 THR A CG2 1 
ATOM   1270 N  N   . PRO A 1 182 ? -11.945 15.154  0.010   1.00 91.27  ? 182 PRO A N   1 
ATOM   1271 C  CA  . PRO A 1 182 ? -12.841 15.501  -1.097  1.00 97.62  ? 182 PRO A CA  1 
ATOM   1272 C  C   . PRO A 1 182 ? -12.658 14.585  -2.318  1.00 99.62  ? 182 PRO A C   1 
ATOM   1273 O  O   . PRO A 1 182 ? -11.528 14.310  -2.672  1.00 104.27 ? 182 PRO A O   1 
ATOM   1274 C  CB  . PRO A 1 182 ? -12.448 16.944  -1.451  1.00 89.54  ? 182 PRO A CB  1 
ATOM   1275 C  CG  . PRO A 1 182 ? -11.056 17.110  -0.871  1.00 91.02  ? 182 PRO A CG  1 
ATOM   1276 C  CD  . PRO A 1 182 ? -11.063 16.268  0.388   1.00 89.97  ? 182 PRO A CD  1 
ATOM   1277 N  N   . ALA A 1 183 ? -13.765 14.138  -2.925  1.00 88.67  ? 183 ALA A N   1 
ATOM   1278 C  CA  . ALA A 1 183 ? -13.803 13.489  -4.257  1.00 93.07  ? 183 ALA A CA  1 
ATOM   1279 C  C   . ALA A 1 183 ? -14.043 14.551  -5.338  1.00 81.61  ? 183 ALA A C   1 
ATOM   1280 O  O   . ALA A 1 183 ? -13.118 14.957  -6.037  1.00 75.51  ? 183 ALA A O   1 
ATOM   1281 C  CB  . ALA A 1 183 ? -14.872 12.424  -4.287  1.00 91.39  ? 183 ALA A CB  1 
HETATM 1282 C  CAZ . MQP B 2 .   ? 9.152   -7.420  -5.402  1.00 39.75  ? 201 MQP A CAZ 1 
HETATM 1283 C  CBA . MQP B 2 .   ? 8.197   -7.304  -4.395  1.00 36.18  ? 201 MQP A CBA 1 
HETATM 1284 C  CBB . MQP B 2 .   ? 7.137   -6.416  -4.539  1.00 41.17  ? 201 MQP A CBB 1 
HETATM 1285 C  CBC . MQP B 2 .   ? 7.002   -5.708  -5.736  1.00 44.14  ? 201 MQP A CBC 1 
HETATM 1286 C  CBD . MQP B 2 .   ? 7.919   -5.892  -6.763  1.00 36.46  ? 201 MQP A CBD 1 
HETATM 1287 C  CAY . MQP B 2 .   ? 9.010   -6.738  -6.601  1.00 40.44  ? 201 MQP A CAY 1 
HETATM 1288 C  CAA . MQP B 2 .   ? 9.976   -6.864  -7.622  1.00 41.76  ? 201 MQP A CAA 1 
HETATM 1289 C  CAJ . MQP B 2 .   ? 10.106  -8.097  -8.186  1.00 40.83  ? 201 MQP A CAJ 1 
HETATM 1290 C  CAK . MQP B 2 .   ? 9.481   -9.232  -7.856  1.00 46.62  ? 201 MQP A CAK 1 
HETATM 1291 C  CAL . MQP B 2 .   ? 9.947   -10.216 -8.635  1.00 46.58  ? 201 MQP A CAL 1 
HETATM 1292 C  CAM . MQP B 2 .   ? 10.881  -9.729  -9.481  1.00 41.93  ? 201 MQP A CAM 1 
HETATM 1293 N  NAN . MQP B 2 .   ? 10.949  -8.417  -9.206  1.00 40.43  ? 201 MQP A NAN 1 
HETATM 1294 C  CAH . MQP B 2 .   ? 10.650  -5.721  -7.953  1.00 40.60  ? 201 MQP A CAH 1 
HETATM 1295 N  NAI . MQP B 2 .   ? 11.534  -5.594  -8.980  1.00 40.01  ? 201 MQP A NAI 1 
HETATM 1296 C  CAG . MQP B 2 .   ? 10.562  -4.506  -7.379  1.00 42.29  ? 201 MQP A CAG 1 
HETATM 1297 C  CAF . MQP B 2 .   ? 11.350  -3.657  -8.048  1.00 42.80  ? 201 MQP A CAF 1 
HETATM 1298 C  CAE . MQP B 2 .   ? 11.964  -4.305  -9.066  1.00 40.65  ? 201 MQP A CAE 1 
HETATM 1299 C  CAD . MQP B 2 .   ? 12.861  -3.804  -9.976  1.00 38.41  ? 201 MQP A CAD 1 
HETATM 1300 C  CBQ . MQP B 2 .   ? 13.075  -2.386  -9.933  1.00 42.58  ? 201 MQP A CBQ 1 
HETATM 1301 C  CBR . MQP B 2 .   ? 14.332  -1.837  -9.633  1.00 40.35  ? 201 MQP A CBR 1 
HETATM 1302 C  CBS . MQP B 2 .   ? 14.552  -0.456  -9.612  1.00 38.94  ? 201 MQP A CBS 1 
HETATM 1303 C  CBT . MQP B 2 .   ? 13.500  0.426   -9.844  1.00 46.00  ? 201 MQP A CBT 1 
HETATM 1304 C  CBU . MQP B 2 .   ? 12.235  -0.100  -10.144 1.00 50.97  ? 201 MQP A CBU 1 
HETATM 1305 C  CBV . MQP B 2 .   ? 12.034  -1.489  -10.188 1.00 44.44  ? 201 MQP A CBV 1 
HETATM 1306 C  CAW . MQP B 2 .   ? 13.528  -4.471  -10.977 1.00 42.99  ? 201 MQP A CAW 1 
HETATM 1307 N  NAX . MQP B 2 .   ? 13.512  -5.794  -11.223 1.00 37.13  ? 201 MQP A NAX 1 
HETATM 1308 C  CAV . MQP B 2 .   ? 14.300  -3.958  -11.950 1.00 41.32  ? 201 MQP A CAV 1 
HETATM 1309 C  CAU . MQP B 2 .   ? 14.776  -4.937  -12.705 1.00 40.25  ? 201 MQP A CAU 1 
HETATM 1310 C  CAT . MQP B 2 .   ? 14.271  -6.104  -12.282 1.00 38.09  ? 201 MQP A CAT 1 
HETATM 1311 C  CAC . MQP B 2 .   ? 14.451  -7.362  -12.809 1.00 39.18  ? 201 MQP A CAC 1 
HETATM 1312 C  CBK . MQP B 2 .   ? 15.261  -7.464  -13.970 1.00 37.87  ? 201 MQP A CBK 1 
HETATM 1313 C  CBL . MQP B 2 .   ? 14.681  -7.748  -15.207 1.00 43.11  ? 201 MQP A CBL 1 
HETATM 1314 C  CBM . MQP B 2 .   ? 15.448  -7.828  -16.370 1.00 45.49  ? 201 MQP A CBM 1 
HETATM 1315 C  CBN . MQP B 2 .   ? 16.819  -7.581  -16.320 1.00 41.69  ? 201 MQP A CBN 1 
HETATM 1316 C  CBO . MQP B 2 .   ? 17.409  -7.297  -15.093 1.00 47.81  ? 201 MQP A CBO 1 
HETATM 1317 C  CBP . MQP B 2 .   ? 16.630  -7.227  -13.942 1.00 41.44  ? 201 MQP A CBP 1 
HETATM 1318 C  CAR . MQP B 2 .   ? 13.835  -8.508  -12.415 1.00 41.97  ? 201 MQP A CAR 1 
HETATM 1319 N  NAS . MQP B 2 .   ? 12.926  -8.618  -11.429 1.00 48.25  ? 201 MQP A NAS 1 
HETATM 1320 C  CAQ . MQP B 2 .   ? 14.016  -9.749  -12.879 1.00 48.48  ? 201 MQP A CAQ 1 
HETATM 1321 C  CAP . MQP B 2 .   ? 13.236  -10.588 -12.204 1.00 46.45  ? 201 MQP A CAP 1 
HETATM 1322 C  CAO . MQP B 2 .   ? 12.518  -9.910  -11.309 1.00 46.41  ? 201 MQP A CAO 1 
HETATM 1323 C  CAB . MQP B 2 .   ? 11.581  -10.401 -10.441 1.00 43.06  ? 201 MQP A CAB 1 
HETATM 1324 C  CBE . MQP B 2 .   ? 11.174  -11.751 -10.656 1.00 43.88  ? 201 MQP A CBE 1 
HETATM 1325 C  CBF . MQP B 2 .   ? 11.662  -12.805 -9.888  1.00 43.92  ? 201 MQP A CBF 1 
HETATM 1326 C  CBG . MQP B 2 .   ? 11.266  -14.132 -10.114 1.00 51.83  ? 201 MQP A CBG 1 
HETATM 1327 C  CBH . MQP B 2 .   ? 10.391  -14.441 -11.154 1.00 47.32  ? 201 MQP A CBH 1 
HETATM 1328 C  CBI . MQP B 2 .   ? 9.920   -13.401 -11.952 1.00 55.94  ? 201 MQP A CBI 1 
HETATM 1329 C  CBJ . MQP B 2 .   ? 10.290  -12.071 -11.691 1.00 47.43  ? 201 MQP A CBJ 1 
HETATM 1330 FE FE  . MQP B 2 .   ? 12.343  -7.144  -10.089 1.00 40.61  ? 201 MQP A FE  1 
HETATM 1331 O  O   . HOH C 3 .   ? 10.459  -6.450  -11.420 1.00 48.85  ? 301 HOH A O   1 
HETATM 1332 O  O   . HOH C 3 .   ? 5.001   6.459   4.587   1.00 54.17  ? 302 HOH A O   1 
HETATM 1333 O  O   . HOH C 3 .   ? -1.380  -10.609 -1.066  1.00 44.70  ? 303 HOH A O   1 
HETATM 1334 O  O   . HOH C 3 .   ? -17.939 2.660   13.463  1.00 42.58  ? 304 HOH A O   1 
HETATM 1335 O  O   . HOH C 3 .   ? -16.382 -6.709  3.179   1.00 49.53  ? 305 HOH A O   1 
HETATM 1336 O  O   . HOH C 3 .   ? 8.536   -10.089 7.662   1.00 47.80  ? 306 HOH A O   1 
HETATM 1337 O  O   . HOH C 3 .   ? -21.072 2.961   6.323   1.00 49.93  ? 307 HOH A O   1 
HETATM 1338 O  O   . HOH C 3 .   ? 7.220   0.345   9.747   1.00 49.45  ? 308 HOH A O   1 
HETATM 1339 O  O   . HOH C 3 .   ? -9.768  5.751   17.535  1.00 45.95  ? 309 HOH A O   1 
HETATM 1340 O  O   . HOH C 3 .   ? 10.232  -8.205  2.841   1.00 40.07  ? 310 HOH A O   1 
HETATM 1341 O  O   . HOH C 3 .   ? 19.888  2.194   -4.287  1.00 45.09  ? 311 HOH A O   1 
HETATM 1342 O  O   . HOH C 3 .   ? -3.359  6.966   5.431   1.00 52.28  ? 312 HOH A O   1 
HETATM 1343 O  O   . HOH C 3 .   ? 7.330   6.528   6.148   1.00 46.84  ? 313 HOH A O   1 
HETATM 1344 O  O   . HOH C 3 .   ? 1.098   8.173   4.448   1.00 51.12  ? 314 HOH A O   1 
HETATM 1345 O  O   . HOH C 3 .   ? -8.428  -7.501  -13.715 1.00 49.85  ? 315 HOH A O   1 
HETATM 1346 O  O   . HOH C 3 .   ? 2.693   5.430   0.635   1.00 42.26  ? 316 HOH A O   1 
HETATM 1347 O  O   . HOH C 3 .   ? 12.243  -10.001 3.613   1.00 43.41  ? 317 HOH A O   1 
HETATM 1348 O  O   . HOH C 3 .   ? -6.691  -11.484 3.991   1.00 53.44  ? 318 HOH A O   1 
HETATM 1349 O  O   . HOH C 3 .   ? 9.419   7.136   4.796   1.00 48.34  ? 319 HOH A O   1 
HETATM 1350 O  O   . HOH C 3 .   ? 15.222  -14.775 -3.327  1.00 41.31  ? 320 HOH A O   1 
HETATM 1351 O  O   . HOH C 3 .   ? 22.082  -7.259  -8.065  1.00 49.09  ? 321 HOH A O   1 
HETATM 1352 O  O   . HOH C 3 .   ? 18.778  -15.532 -4.481  1.00 48.81  ? 322 HOH A O   1 
HETATM 1353 O  O   . HOH C 3 .   ? 4.443   2.540   10.464  1.00 46.14  ? 323 HOH A O   1 
HETATM 1354 O  O   . HOH C 3 .   ? 19.058  -2.444  -2.151  1.00 48.47  ? 324 HOH A O   1 
HETATM 1355 O  O   . HOH C 3 .   ? 19.032  -4.894  -0.470  1.00 41.98  ? 325 HOH A O   1 
HETATM 1356 O  O   . HOH C 3 .   ? 18.208  -9.911  7.732   1.00 52.16  ? 326 HOH A O   1 
HETATM 1357 O  O   . HOH C 3 .   ? 8.812   -14.946 -6.411  1.00 44.58  ? 327 HOH A O   1 
HETATM 1358 O  O   . HOH C 3 .   ? -1.270  -7.755  -0.376  1.00 40.33  ? 328 HOH A O   1 
HETATM 1359 O  O   . HOH C 3 .   ? 14.316  3.814   -9.054  1.00 48.03  ? 329 HOH A O   1 
HETATM 1360 O  O   . HOH C 3 .   ? 2.873   6.151   7.935   1.00 45.54  ? 330 HOH A O   1 
HETATM 1361 O  O   . HOH C 3 .   ? 4.377   7.887   0.004   1.00 47.30  ? 331 HOH A O   1 
HETATM 1362 O  O   . HOH C 3 .   ? 16.607  5.234   0.207   1.00 51.90  ? 332 HOH A O   1 
# 
loop_
_pdbx_poly_seq_scheme.asym_id 
_pdbx_poly_seq_scheme.entity_id 
_pdbx_poly_seq_scheme.seq_id 
_pdbx_poly_seq_scheme.mon_id 
_pdbx_poly_seq_scheme.ndb_seq_num 
_pdbx_poly_seq_scheme.pdb_seq_num 
_pdbx_poly_seq_scheme.auth_seq_num 
_pdbx_poly_seq_scheme.pdb_mon_id 
_pdbx_poly_seq_scheme.auth_mon_id 
_pdbx_poly_seq_scheme.pdb_strand_id 
_pdbx_poly_seq_scheme.pdb_ins_code 
_pdbx_poly_seq_scheme.hetero 
A 1 1   MET 1   1   1   MET MET A . n 
A 1 2   SER 2   2   2   SER SER A . n 
A 1 3   ILE 3   3   3   ILE ILE A . n 
A 1 4   SER 4   4   4   SER SER A . n 
A 1 5   ILE 5   5   5   ILE ILE A . n 
A 1 6   SER 6   6   6   SER SER A . n 
A 1 7   TYR 7   7   7   TYR TYR A . n 
A 1 8   SER 8   8   8   SER SER A . n 
A 1 9   THR 9   9   9   THR THR A . n 
A 1 10  THR 10  10  10  THR THR A . n 
A 1 11  TYR 11  11  11  TYR TYR A . n 
A 1 12  SER 12  12  12  SER SER A . n 
A 1 13  GLY 13  13  13  GLY GLY A . n 
A 1 14  TRP 14  14  14  TRP TRP A . n 
A 1 15  THR 15  15  15  THR THR A . n 
A 1 16  VAL 16  16  16  VAL VAL A . n 
A 1 17  ALA 17  17  17  ALA ALA A . n 
A 1 18  ASP 18  18  18  ASP ASP A . n 
A 1 19  TYR 19  19  19  TYR TYR A . n 
A 1 20  LEU 20  20  20  LEU LEU A . n 
A 1 21  ALA 21  21  21  ALA ALA A . n 
A 1 22  ASP 22  22  22  ASP ASP A . n 
A 1 23  TRP 23  23  23  TRP TRP A . n 
A 1 24  SER 24  24  24  SER SER A . n 
A 1 25  ALA 25  25  25  ALA ALA A . n 
A 1 26  TYR 26  26  26  TYR TYR A . n 
A 1 27  PHE 27  27  27  PHE PHE A . n 
A 1 28  GLY 28  28  28  GLY GLY A . n 
A 1 29  ASP 29  29  29  ASP ASP A . n 
A 1 30  VAL 30  30  ?   ?   ?   A . n 
A 1 31  ASN 31  31  ?   ?   ?   A . n 
A 1 32  HIS 32  32  ?   ?   ?   A . n 
A 1 33  ARG 33  33  ?   ?   ?   A . n 
A 1 34  PRO 34  34  ?   ?   ?   A . n 
A 1 35  GLY 35  35  ?   ?   ?   A . n 
A 1 36  GLN 36  36  ?   ?   ?   A . n 
A 1 37  GLY 37  37  ?   ?   ?   A . n 
A 1 38  VAL 38  38  ?   ?   ?   A . n 
A 1 39  ASP 39  39  39  ASP ASP A . n 
A 1 40  GLY 40  40  40  GLY GLY A . n 
A 1 41  SER 41  41  41  SER SER A . n 
A 1 42  ASN 42  42  42  ASN ASN A . n 
A 1 43  THR 43  43  43  THR THR A . n 
A 1 44  GLY 44  44  44  GLY GLY A . n 
A 1 45  GLY 45  45  45  GLY GLY A . n 
A 1 46  PHE 46  46  46  PHE PHE A . n 
A 1 47  ASN 47  47  47  ASN ASN A . n 
A 1 48  PRO 48  48  48  PRO PRO A . n 
A 1 49  GLY 49  49  49  GLY GLY A . n 
A 1 50  PRO 50  50  50  PRO PRO A . n 
A 1 51  PHE 51  51  51  PHE PHE A . n 
A 1 52  ASP 52  52  52  ASP ASP A . n 
A 1 53  GLY 53  53  53  GLY GLY A . n 
A 1 54  SER 54  54  54  SER SER A . n 
A 1 55  GLN 55  55  55  GLN GLN A . n 
A 1 56  TYR 56  56  56  TYR TYR A . n 
A 1 57  ALA 57  57  57  ALA ALA A . n 
A 1 58  LEU 58  58  58  LEU LEU A . n 
A 1 59  LYS 59  59  59  LYS LYS A . n 
A 1 60  SER 60  60  60  SER SER A . n 
A 1 61  THR 61  61  61  THR THR A . n 
A 1 62  ALA 62  62  62  ALA ALA A . n 
A 1 63  SER 63  63  63  SER SER A . n 
A 1 64  ASP 64  64  64  ASP ASP A . n 
A 1 65  ALA 65  65  65  ALA ALA A . n 
A 1 66  ALA 66  66  66  ALA ALA A . n 
A 1 67  PHE 67  67  67  PHE PHE A . n 
A 1 68  ILE 68  68  68  ILE ILE A . n 
A 1 69  ALA 69  69  69  ALA ALA A . n 
A 1 70  GLY 70  70  70  GLY GLY A . n 
A 1 71  GLY 71  71  71  GLY GLY A . n 
A 1 72  ASP 72  72  72  ASP ASP A . n 
A 1 73  LEU 73  73  73  LEU LEU A . n 
A 1 74  HIS 74  74  74  HIS HIS A . n 
A 1 75  TYR 75  75  75  TYR TYR A . n 
A 1 76  THR 76  76  76  THR THR A . n 
A 1 77  LEU 77  77  77  LEU LEU A . n 
A 1 78  PHE 78  78  78  PHE PHE A . n 
A 1 79  SER 79  79  79  SER SER A . n 
A 1 80  ASN 80  80  80  ASN ASN A . n 
A 1 81  PRO 81  81  81  PRO PRO A . n 
A 1 82  SER 82  82  82  SER SER A . n 
A 1 83  HIS 83  83  83  HIS HIS A . n 
A 1 84  THR 84  84  84  THR THR A . n 
A 1 85  LEU 85  85  85  LEU LEU A . n 
A 1 86  TRP 86  86  86  TRP TRP A . n 
A 1 87  GLY 87  87  87  GLY GLY A . n 
A 1 88  LYS 88  88  88  LYS LYS A . n 
A 1 89  LEU 89  89  89  LEU LEU A . n 
A 1 90  ASP 90  90  90  ASP ASP A . n 
A 1 91  SER 91  91  91  SER SER A . n 
A 1 92  ILE 92  92  92  ILE ILE A . n 
A 1 93  ALA 93  93  93  ALA ALA A . n 
A 1 94  LEU 94  94  94  LEU LEU A . n 
A 1 95  GLY 95  95  95  GLY GLY A . n 
A 1 96  ASP 96  96  96  ASP ASP A . n 
A 1 97  THR 97  97  97  THR THR A . n 
A 1 98  LEU 98  98  98  LEU LEU A . n 
A 1 99  THR 99  99  99  THR THR A . n 
A 1 100 GLY 100 100 100 GLY GLY A . n 
A 1 101 GLY 101 101 101 GLY GLY A . n 
A 1 102 ALA 102 102 102 ALA ALA A . n 
A 1 103 SER 103 103 103 SER SER A . n 
A 1 104 SER 104 104 104 SER SER A . n 
A 1 105 GLY 105 105 105 GLY GLY A . n 
A 1 106 GLY 106 106 106 GLY GLY A . n 
A 1 107 TYR 107 107 107 TYR TYR A . n 
A 1 108 ALA 108 108 108 ALA ALA A . n 
A 1 109 LEU 109 109 109 LEU LEU A . n 
A 1 110 ASP 110 110 110 ASP ASP A . n 
A 1 111 SER 111 111 111 SER SER A . n 
A 1 112 GLN 112 112 112 GLN GLN A . n 
A 1 113 GLU 113 113 113 GLU GLU A . n 
A 1 114 VAL 114 114 114 VAL VAL A . n 
A 1 115 SER 115 115 115 SER SER A . n 
A 1 116 PHE 116 116 116 PHE PHE A . n 
A 1 117 SER 117 117 117 SER SER A . n 
A 1 118 ASN 118 118 118 ASN ASN A . n 
A 1 119 LEU 119 119 119 LEU LEU A . n 
A 1 120 GLY 120 120 120 GLY GLY A . n 
A 1 121 LEU 121 121 121 LEU LEU A . n 
A 1 122 ASP 122 122 122 ASP ASP A . n 
A 1 123 SER 123 123 123 SER SER A . n 
A 1 124 PRO 124 124 124 PRO PRO A . n 
A 1 125 ILE 125 125 125 ILE ILE A . n 
A 1 126 ALA 126 126 126 ALA ALA A . n 
A 1 127 GLN 127 127 127 GLN GLN A . n 
A 1 128 GLY 128 128 128 GLY GLY A . n 
A 1 129 ARG 129 129 129 ARG ARG A . n 
A 1 130 ASP 130 130 130 ASP ASP A . n 
A 1 131 GLY 131 131 131 GLY GLY A . n 
A 1 132 THR 132 132 132 THR THR A . n 
A 1 133 VAL 133 133 133 VAL VAL A . n 
A 1 134 HIS 134 134 134 HIS HIS A . n 
A 1 135 LYS 135 135 135 LYS LYS A . n 
A 1 136 VAL 136 136 136 VAL VAL A . n 
A 1 137 VAL 137 137 137 VAL VAL A . n 
A 1 138 TYR 138 138 138 TYR TYR A . n 
A 1 139 GLY 139 139 139 GLY GLY A . n 
A 1 140 LEU 140 140 140 LEU LEU A . n 
A 1 141 MET 141 141 141 MET MET A . n 
A 1 142 SER 142 142 142 SER SER A . n 
A 1 143 GLY 143 143 143 GLY GLY A . n 
A 1 144 ASP 144 144 144 ASP ASP A . n 
A 1 145 SER 145 145 145 SER SER A . n 
A 1 146 SER 146 146 146 SER SER A . n 
A 1 147 ALA 147 147 147 ALA ALA A . n 
A 1 148 LEU 148 148 148 LEU LEU A . n 
A 1 149 GLN 149 149 149 GLN GLN A . n 
A 1 150 GLY 150 150 150 GLY GLY A . n 
A 1 151 GLN 151 151 151 GLN GLN A . n 
A 1 152 ILE 152 152 152 ILE ILE A . n 
A 1 153 ASP 153 153 153 ASP ASP A . n 
A 1 154 ALA 154 154 154 ALA ALA A . n 
A 1 155 LEU 155 155 155 LEU LEU A . n 
A 1 156 LEU 156 156 156 LEU LEU A . n 
A 1 157 LYS 157 157 157 LYS LYS A . n 
A 1 158 ALA 158 158 158 ALA ALA A . n 
A 1 159 VAL 159 159 159 VAL VAL A . n 
A 1 160 ASP 160 160 160 ASP ASP A . n 
A 1 161 PRO 161 161 161 PRO PRO A . n 
A 1 162 SER 162 162 162 SER SER A . n 
A 1 163 LEU 163 163 163 LEU LEU A . n 
A 1 164 SER 164 164 164 SER SER A . n 
A 1 165 ILE 165 165 165 ILE ILE A . n 
A 1 166 ASN 166 166 166 ASN ASN A . n 
A 1 167 SER 167 167 167 SER SER A . n 
A 1 168 THR 168 168 168 THR THR A . n 
A 1 169 PHE 169 169 169 PHE PHE A . n 
A 1 170 ASP 170 170 170 ASP ASP A . n 
A 1 171 GLN 171 171 171 GLN GLN A . n 
A 1 172 LEU 172 172 172 LEU LEU A . n 
A 1 173 ALA 173 173 173 ALA ALA A . n 
A 1 174 ALA 174 174 174 ALA ALA A . n 
A 1 175 ALA 175 175 175 ALA ALA A . n 
A 1 176 GLY 176 176 176 GLY GLY A . n 
A 1 177 VAL 177 177 177 VAL VAL A . n 
A 1 178 ALA 178 178 178 ALA ALA A . n 
A 1 179 HIS 179 179 179 HIS HIS A . n 
A 1 180 ALA 180 180 180 ALA ALA A . n 
A 1 181 THR 181 181 181 THR THR A . n 
A 1 182 PRO 182 182 182 PRO PRO A . n 
A 1 183 ALA 183 183 183 ALA ALA A . n 
# 
loop_
_pdbx_nonpoly_scheme.asym_id 
_pdbx_nonpoly_scheme.entity_id 
_pdbx_nonpoly_scheme.mon_id 
_pdbx_nonpoly_scheme.ndb_seq_num 
_pdbx_nonpoly_scheme.pdb_seq_num 
_pdbx_nonpoly_scheme.auth_seq_num 
_pdbx_nonpoly_scheme.pdb_mon_id 
_pdbx_nonpoly_scheme.auth_mon_id 
_pdbx_nonpoly_scheme.pdb_strand_id 
_pdbx_nonpoly_scheme.pdb_ins_code 
B 2 MQP 1  201 201 MQP MQP A . 
C 3 HOH 1  301 27  HOH HOH A . 
C 3 HOH 2  302 16  HOH HOH A . 
C 3 HOH 3  303 25  HOH HOH A . 
C 3 HOH 4  304 19  HOH HOH A . 
C 3 HOH 5  305 29  HOH HOH A . 
C 3 HOH 6  306 14  HOH HOH A . 
C 3 HOH 7  307 11  HOH HOH A . 
C 3 HOH 8  308 15  HOH HOH A . 
C 3 HOH 9  309 17  HOH HOH A . 
C 3 HOH 10 310 24  HOH HOH A . 
C 3 HOH 11 311 3   HOH HOH A . 
C 3 HOH 12 312 12  HOH HOH A . 
C 3 HOH 13 313 7   HOH HOH A . 
C 3 HOH 14 314 31  HOH HOH A . 
C 3 HOH 15 315 21  HOH HOH A . 
C 3 HOH 16 316 9   HOH HOH A . 
C 3 HOH 17 317 28  HOH HOH A . 
C 3 HOH 18 318 2   HOH HOH A . 
C 3 HOH 19 319 22  HOH HOH A . 
C 3 HOH 20 320 13  HOH HOH A . 
C 3 HOH 21 321 6   HOH HOH A . 
C 3 HOH 22 322 10  HOH HOH A . 
C 3 HOH 23 323 1   HOH HOH A . 
C 3 HOH 24 324 8   HOH HOH A . 
C 3 HOH 25 325 5   HOH HOH A . 
C 3 HOH 26 326 32  HOH HOH A . 
C 3 HOH 27 327 20  HOH HOH A . 
C 3 HOH 28 328 26  HOH HOH A . 
C 3 HOH 29 329 18  HOH HOH A . 
C 3 HOH 30 330 30  HOH HOH A . 
C 3 HOH 31 331 4   HOH HOH A . 
C 3 HOH 32 332 23  HOH HOH A . 
# 
_pdbx_struct_assembly.id                   1 
_pdbx_struct_assembly.details              author_and_software_defined_assembly 
_pdbx_struct_assembly.method_details       PISA 
_pdbx_struct_assembly.oligomeric_details   monomeric 
_pdbx_struct_assembly.oligomeric_count     1 
# 
_pdbx_struct_assembly_gen.assembly_id       1 
_pdbx_struct_assembly_gen.oper_expression   1 
_pdbx_struct_assembly_gen.asym_id_list      A,B,C 
# 
loop_
_pdbx_struct_assembly_prop.biol_id 
_pdbx_struct_assembly_prop.type 
_pdbx_struct_assembly_prop.value 
_pdbx_struct_assembly_prop.details 
1 'ABSA (A^2)' 120  ? 
1 MORE         -12  ? 
1 'SSA (A^2)'  7930 ? 
# 
_pdbx_struct_oper_list.id                   1 
_pdbx_struct_oper_list.type                 'identity operation' 
_pdbx_struct_oper_list.name                 1_555 
_pdbx_struct_oper_list.symmetry_operation   x,y,z 
_pdbx_struct_oper_list.matrix[1][1]         1.0000000000 
_pdbx_struct_oper_list.matrix[1][2]         0.0000000000 
_pdbx_struct_oper_list.matrix[1][3]         0.0000000000 
_pdbx_struct_oper_list.vector[1]            0.0000000000 
_pdbx_struct_oper_list.matrix[2][1]         0.0000000000 
_pdbx_struct_oper_list.matrix[2][2]         1.0000000000 
_pdbx_struct_oper_list.matrix[2][3]         0.0000000000 
_pdbx_struct_oper_list.vector[2]            0.0000000000 
_pdbx_struct_oper_list.matrix[3][1]         0.0000000000 
_pdbx_struct_oper_list.matrix[3][2]         0.0000000000 
_pdbx_struct_oper_list.matrix[3][3]         1.0000000000 
_pdbx_struct_oper_list.vector[3]            0.0000000000 
# 
loop_
_pdbx_audit_revision_history.ordinal 
_pdbx_audit_revision_history.data_content_type 
_pdbx_audit_revision_history.major_revision 
_pdbx_audit_revision_history.minor_revision 
_pdbx_audit_revision_history.revision_date 
1 'Structure model' 1 0 2022-04-20 
2 'Structure model' 1 1 2022-08-17 
3 'Structure model' 2 0 2022-09-07 
4 'Structure model' 2 1 2023-11-29 
# 
_pdbx_audit_revision_details.ordinal             1 
_pdbx_audit_revision_details.revision_ordinal    1 
_pdbx_audit_revision_details.data_content_type   'Structure model' 
_pdbx_audit_revision_details.provider            repository 
_pdbx_audit_revision_details.type                'Initial release' 
_pdbx_audit_revision_details.description         ? 
_pdbx_audit_revision_details.details             ? 
# 
loop_
_pdbx_audit_revision_group.ordinal 
_pdbx_audit_revision_group.revision_ordinal 
_pdbx_audit_revision_group.data_content_type 
_pdbx_audit_revision_group.group 
1  2 'Structure model' 'Database references'        
2  3 'Structure model' Advisory                     
3  3 'Structure model' 'Atomic model'               
4  3 'Structure model' 'Author supporting evidence' 
5  3 'Structure model' 'Data collection'            
6  3 'Structure model' 'Derived calculations'       
7  3 'Structure model' 'Non-polymer description'    
8  3 'Structure model' 'Structure summary'          
9  4 'Structure model' 'Data collection'            
10 4 'Structure model' 'Refinement description'     
# 
loop_
_pdbx_audit_revision_category.ordinal 
_pdbx_audit_revision_category.revision_ordinal 
_pdbx_audit_revision_category.data_content_type 
_pdbx_audit_revision_category.category 
1  2 'Structure model' citation                      
2  2 'Structure model' citation_author               
3  3 'Structure model' atom_site                     
4  3 'Structure model' chem_comp                     
5  3 'Structure model' entity                        
6  3 'Structure model' pdbx_entity_instance_feature  
7  3 'Structure model' pdbx_entity_nonpoly           
8  3 'Structure model' pdbx_nonpoly_scheme           
9  3 'Structure model' pdbx_struct_assembly_gen      
10 3 'Structure model' pdbx_struct_conn_angle        
11 3 'Structure model' pdbx_validate_close_contact   
12 3 'Structure model' struct_asym                   
13 3 'Structure model' struct_conn                   
14 4 'Structure model' chem_comp_atom                
15 4 'Structure model' chem_comp_bond                
16 4 'Structure model' pdbx_initial_refinement_model 
# 
loop_
_pdbx_audit_revision_item.ordinal 
_pdbx_audit_revision_item.revision_ordinal 
_pdbx_audit_revision_item.data_content_type 
_pdbx_audit_revision_item.item 
1  2 'Structure model' '_citation.country'                      
2  2 'Structure model' '_citation.journal_abbrev'               
3  2 'Structure model' '_citation.journal_id_CSD'               
4  2 'Structure model' '_citation.journal_id_ISSN'              
5  2 'Structure model' '_citation.journal_volume'               
6  2 'Structure model' '_citation.page_first'                   
7  2 'Structure model' '_citation.page_last'                    
8  2 'Structure model' '_citation.pdbx_database_id_DOI'         
9  2 'Structure model' '_citation.pdbx_database_id_PubMed'      
10 2 'Structure model' '_citation.title'                        
11 2 'Structure model' '_citation.year'                         
12 3 'Structure model' '_atom_site.auth_comp_id'                
13 3 'Structure model' '_atom_site.auth_seq_id'                 
14 3 'Structure model' '_atom_site.label_asym_id'               
15 3 'Structure model' '_atom_site.label_comp_id'               
16 3 'Structure model' '_atom_site.label_entity_id'             
17 3 'Structure model' '_chem_comp.formula'                     
18 3 'Structure model' '_chem_comp.formula_weight'              
19 3 'Structure model' '_chem_comp.id'                          
20 3 'Structure model' '_chem_comp.mon_nstd_flag'               
21 3 'Structure model' '_chem_comp.name'                        
22 3 'Structure model' '_chem_comp.pdbx_synonyms'               
23 3 'Structure model' '_chem_comp.type'                        
24 3 'Structure model' '_pdbx_struct_assembly_gen.asym_id_list' 
# 
loop_
_software.citation_id 
_software.classification 
_software.compiler_name 
_software.compiler_version 
_software.contact_author 
_software.contact_author_email 
_software.date 
_software.description 
_software.dependencies 
_software.hardware 
_software.language 
_software.location 
_software.mods 
_software.name 
_software.os 
_software.os_version 
_software.type 
_software.version 
_software.pdbx_ordinal 
? 'data reduction'  ? ? ? ? ? ? ? ? ? ? ? XDS         ? ? ? .        1 
? 'data scaling'    ? ? ? ? ? ? ? ? ? ? ? Aimless     ? ? ? 0.7.4    2 
? refinement        ? ? ? ? ? ? ? ? ? ? ? REFMAC      ? ? ? 5.8.0257 3 
? 'data extraction' ? ? ? ? ? ? ? ? ? ? ? PDB_EXTRACT ? ? ? 3.27     4 
? phasing           ? ? ? ? ? ? ? ? ? ? ? MOLREP      ? ? ? .        5 
# 
_pdbx_entry_details.entry_id                 7EMT 
_pdbx_entry_details.has_ligand_of_interest   Y 
_pdbx_entry_details.compound_details         ? 
_pdbx_entry_details.source_details           ? 
_pdbx_entry_details.nonpolymer_details       ? 
_pdbx_entry_details.sequence_details         ? 
# 
loop_
_pdbx_validate_close_contact.id 
_pdbx_validate_close_contact.PDB_model_num 
_pdbx_validate_close_contact.auth_atom_id_1 
_pdbx_validate_close_contact.auth_asym_id_1 
_pdbx_validate_close_contact.auth_comp_id_1 
_pdbx_validate_close_contact.auth_seq_id_1 
_pdbx_validate_close_contact.PDB_ins_code_1 
_pdbx_validate_close_contact.label_alt_id_1 
_pdbx_validate_close_contact.auth_atom_id_2 
_pdbx_validate_close_contact.auth_asym_id_2 
_pdbx_validate_close_contact.auth_comp_id_2 
_pdbx_validate_close_contact.auth_seq_id_2 
_pdbx_validate_close_contact.PDB_ins_code_2 
_pdbx_validate_close_contact.label_alt_id_2 
_pdbx_validate_close_contact.dist 
1 1 OH A TYR 75 ? ? FE A MQP 201 ? ? 1.98 
2 1 O  A ASP 39 ? ? O  A HOH 301 ? ? 2.18 
# 
loop_
_pdbx_validate_torsion.id 
_pdbx_validate_torsion.PDB_model_num 
_pdbx_validate_torsion.auth_comp_id 
_pdbx_validate_torsion.auth_asym_id 
_pdbx_validate_torsion.auth_seq_id 
_pdbx_validate_torsion.PDB_ins_code 
_pdbx_validate_torsion.label_alt_id 
_pdbx_validate_torsion.phi 
_pdbx_validate_torsion.psi 
1 1 THR A 43 ? ? 57.23 8.08    
2 1 LEU A 77 ? ? 61.85 -119.79 
# 
loop_
_pdbx_unobs_or_zero_occ_residues.id 
_pdbx_unobs_or_zero_occ_residues.PDB_model_num 
_pdbx_unobs_or_zero_occ_residues.polymer_flag 
_pdbx_unobs_or_zero_occ_residues.occupancy_flag 
_pdbx_unobs_or_zero_occ_residues.auth_asym_id 
_pdbx_unobs_or_zero_occ_residues.auth_comp_id 
_pdbx_unobs_or_zero_occ_residues.auth_seq_id 
_pdbx_unobs_or_zero_occ_residues.PDB_ins_code 
_pdbx_unobs_or_zero_occ_residues.label_asym_id 
_pdbx_unobs_or_zero_occ_residues.label_comp_id 
_pdbx_unobs_or_zero_occ_residues.label_seq_id 
1 1 Y 1 A VAL 30 ? A VAL 30 
2 1 Y 1 A ASN 31 ? A ASN 31 
3 1 Y 1 A HIS 32 ? A HIS 32 
4 1 Y 1 A ARG 33 ? A ARG 33 
5 1 Y 1 A PRO 34 ? A PRO 34 
6 1 Y 1 A GLY 35 ? A GLY 35 
7 1 Y 1 A GLN 36 ? A GLN 36 
8 1 Y 1 A GLY 37 ? A GLY 37 
9 1 Y 1 A VAL 38 ? A VAL 38 
# 
loop_
_chem_comp_atom.comp_id 
_chem_comp_atom.atom_id 
_chem_comp_atom.type_symbol 
_chem_comp_atom.pdbx_aromatic_flag 
_chem_comp_atom.pdbx_stereo_config 
_chem_comp_atom.pdbx_ordinal 
ALA N    N  N N 1   
ALA CA   C  N S 2   
ALA C    C  N N 3   
ALA O    O  N N 4   
ALA CB   C  N N 5   
ALA OXT  O  N N 6   
ALA H    H  N N 7   
ALA H2   H  N N 8   
ALA HA   H  N N 9   
ALA HB1  H  N N 10  
ALA HB2  H  N N 11  
ALA HB3  H  N N 12  
ALA HXT  H  N N 13  
ARG N    N  N N 14  
ARG CA   C  N S 15  
ARG C    C  N N 16  
ARG O    O  N N 17  
ARG CB   C  N N 18  
ARG CG   C  N N 19  
ARG CD   C  N N 20  
ARG NE   N  N N 21  
ARG CZ   C  N N 22  
ARG NH1  N  N N 23  
ARG NH2  N  N N 24  
ARG OXT  O  N N 25  
ARG H    H  N N 26  
ARG H2   H  N N 27  
ARG HA   H  N N 28  
ARG HB2  H  N N 29  
ARG HB3  H  N N 30  
ARG HG2  H  N N 31  
ARG HG3  H  N N 32  
ARG HD2  H  N N 33  
ARG HD3  H  N N 34  
ARG HE   H  N N 35  
ARG HH11 H  N N 36  
ARG HH12 H  N N 37  
ARG HH21 H  N N 38  
ARG HH22 H  N N 39  
ARG HXT  H  N N 40  
ASN N    N  N N 41  
ASN CA   C  N S 42  
ASN C    C  N N 43  
ASN O    O  N N 44  
ASN CB   C  N N 45  
ASN CG   C  N N 46  
ASN OD1  O  N N 47  
ASN ND2  N  N N 48  
ASN OXT  O  N N 49  
ASN H    H  N N 50  
ASN H2   H  N N 51  
ASN HA   H  N N 52  
ASN HB2  H  N N 53  
ASN HB3  H  N N 54  
ASN HD21 H  N N 55  
ASN HD22 H  N N 56  
ASN HXT  H  N N 57  
ASP N    N  N N 58  
ASP CA   C  N S 59  
ASP C    C  N N 60  
ASP O    O  N N 61  
ASP CB   C  N N 62  
ASP CG   C  N N 63  
ASP OD1  O  N N 64  
ASP OD2  O  N N 65  
ASP OXT  O  N N 66  
ASP H    H  N N 67  
ASP H2   H  N N 68  
ASP HA   H  N N 69  
ASP HB2  H  N N 70  
ASP HB3  H  N N 71  
ASP HD2  H  N N 72  
ASP HXT  H  N N 73  
GLN N    N  N N 74  
GLN CA   C  N S 75  
GLN C    C  N N 76  
GLN O    O  N N 77  
GLN CB   C  N N 78  
GLN CG   C  N N 79  
GLN CD   C  N N 80  
GLN OE1  O  N N 81  
GLN NE2  N  N N 82  
GLN OXT  O  N N 83  
GLN H    H  N N 84  
GLN H2   H  N N 85  
GLN HA   H  N N 86  
GLN HB2  H  N N 87  
GLN HB3  H  N N 88  
GLN HG2  H  N N 89  
GLN HG3  H  N N 90  
GLN HE21 H  N N 91  
GLN HE22 H  N N 92  
GLN HXT  H  N N 93  
GLU N    N  N N 94  
GLU CA   C  N S 95  
GLU C    C  N N 96  
GLU O    O  N N 97  
GLU CB   C  N N 98  
GLU CG   C  N N 99  
GLU CD   C  N N 100 
GLU OE1  O  N N 101 
GLU OE2  O  N N 102 
GLU OXT  O  N N 103 
GLU H    H  N N 104 
GLU H2   H  N N 105 
GLU HA   H  N N 106 
GLU HB2  H  N N 107 
GLU HB3  H  N N 108 
GLU HG2  H  N N 109 
GLU HG3  H  N N 110 
GLU HE2  H  N N 111 
GLU HXT  H  N N 112 
GLY N    N  N N 113 
GLY CA   C  N N 114 
GLY C    C  N N 115 
GLY O    O  N N 116 
GLY OXT  O  N N 117 
GLY H    H  N N 118 
GLY H2   H  N N 119 
GLY HA2  H  N N 120 
GLY HA3  H  N N 121 
GLY HXT  H  N N 122 
HIS N    N  N N 123 
HIS CA   C  N S 124 
HIS C    C  N N 125 
HIS O    O  N N 126 
HIS CB   C  N N 127 
HIS CG   C  Y N 128 
HIS ND1  N  Y N 129 
HIS CD2  C  Y N 130 
HIS CE1  C  Y N 131 
HIS NE2  N  Y N 132 
HIS OXT  O  N N 133 
HIS H    H  N N 134 
HIS H2   H  N N 135 
HIS HA   H  N N 136 
HIS HB2  H  N N 137 
HIS HB3  H  N N 138 
HIS HD1  H  N N 139 
HIS HD2  H  N N 140 
HIS HE1  H  N N 141 
HIS HE2  H  N N 142 
HIS HXT  H  N N 143 
HOH O    O  N N 144 
HOH H1   H  N N 145 
HOH H2   H  N N 146 
ILE N    N  N N 147 
ILE CA   C  N S 148 
ILE C    C  N N 149 
ILE O    O  N N 150 
ILE CB   C  N S 151 
ILE CG1  C  N N 152 
ILE CG2  C  N N 153 
ILE CD1  C  N N 154 
ILE OXT  O  N N 155 
ILE H    H  N N 156 
ILE H2   H  N N 157 
ILE HA   H  N N 158 
ILE HB   H  N N 159 
ILE HG12 H  N N 160 
ILE HG13 H  N N 161 
ILE HG21 H  N N 162 
ILE HG22 H  N N 163 
ILE HG23 H  N N 164 
ILE HD11 H  N N 165 
ILE HD12 H  N N 166 
ILE HD13 H  N N 167 
ILE HXT  H  N N 168 
LEU N    N  N N 169 
LEU CA   C  N S 170 
LEU C    C  N N 171 
LEU O    O  N N 172 
LEU CB   C  N N 173 
LEU CG   C  N N 174 
LEU CD1  C  N N 175 
LEU CD2  C  N N 176 
LEU OXT  O  N N 177 
LEU H    H  N N 178 
LEU H2   H  N N 179 
LEU HA   H  N N 180 
LEU HB2  H  N N 181 
LEU HB3  H  N N 182 
LEU HG   H  N N 183 
LEU HD11 H  N N 184 
LEU HD12 H  N N 185 
LEU HD13 H  N N 186 
LEU HD21 H  N N 187 
LEU HD22 H  N N 188 
LEU HD23 H  N N 189 
LEU HXT  H  N N 190 
LYS N    N  N N 191 
LYS CA   C  N S 192 
LYS C    C  N N 193 
LYS O    O  N N 194 
LYS CB   C  N N 195 
LYS CG   C  N N 196 
LYS CD   C  N N 197 
LYS CE   C  N N 198 
LYS NZ   N  N N 199 
LYS OXT  O  N N 200 
LYS H    H  N N 201 
LYS H2   H  N N 202 
LYS HA   H  N N 203 
LYS HB2  H  N N 204 
LYS HB3  H  N N 205 
LYS HG2  H  N N 206 
LYS HG3  H  N N 207 
LYS HD2  H  N N 208 
LYS HD3  H  N N 209 
LYS HE2  H  N N 210 
LYS HE3  H  N N 211 
LYS HZ1  H  N N 212 
LYS HZ2  H  N N 213 
LYS HZ3  H  N N 214 
LYS HXT  H  N N 215 
MET N    N  N N 216 
MET CA   C  N S 217 
MET C    C  N N 218 
MET O    O  N N 219 
MET CB   C  N N 220 
MET CG   C  N N 221 
MET SD   S  N N 222 
MET CE   C  N N 223 
MET OXT  O  N N 224 
MET H    H  N N 225 
MET H2   H  N N 226 
MET HA   H  N N 227 
MET HB2  H  N N 228 
MET HB3  H  N N 229 
MET HG2  H  N N 230 
MET HG3  H  N N 231 
MET HE1  H  N N 232 
MET HE2  H  N N 233 
MET HE3  H  N N 234 
MET HXT  H  N N 235 
MQP CAZ  C  Y N 236 
MQP CBA  C  Y N 237 
MQP CBB  C  Y N 238 
MQP CBC  C  Y N 239 
MQP CBD  C  Y N 240 
MQP CAY  C  Y N 241 
MQP CAA  C  N N 242 
MQP CAJ  C  N N 243 
MQP CAK  C  N N 244 
MQP CAL  C  N N 245 
MQP CAM  C  N N 246 
MQP NAN  N  N N 247 
MQP CAH  C  N N 248 
MQP NAI  N  N N 249 
MQP CAG  C  N N 250 
MQP CAF  C  N N 251 
MQP CAE  C  N N 252 
MQP CAD  C  N N 253 
MQP CBQ  C  Y N 254 
MQP CBR  C  Y N 255 
MQP CBS  C  Y N 256 
MQP CBT  C  Y N 257 
MQP CBU  C  Y N 258 
MQP CBV  C  Y N 259 
MQP CAW  C  Y N 260 
MQP NAX  N  Y N 261 
MQP CAV  C  Y N 262 
MQP CAU  C  Y N 263 
MQP CAT  C  Y N 264 
MQP CAC  C  N N 265 
MQP CBK  C  Y N 266 
MQP CBL  C  Y N 267 
MQP CBM  C  Y N 268 
MQP CBN  C  Y N 269 
MQP CBO  C  Y N 270 
MQP CBP  C  Y N 271 
MQP CAR  C  N N 272 
MQP NAS  N  N N 273 
MQP CAQ  C  N N 274 
MQP CAP  C  N N 275 
MQP CAO  C  N N 276 
MQP CAB  C  N N 277 
MQP CBE  C  Y N 278 
MQP CBF  C  Y N 279 
MQP CBG  C  Y N 280 
MQP CBH  C  Y N 281 
MQP CBI  C  Y N 282 
MQP CBJ  C  Y N 283 
MQP FE   FE N N 284 
MQP H1   H  N N 285 
MQP H2   H  N N 286 
MQP H3   H  N N 287 
MQP H4   H  N N 288 
MQP H5   H  N N 289 
MQP H6   H  N N 290 
MQP H7   H  N N 291 
MQP H8   H  N N 292 
MQP H9   H  N N 293 
MQP H10  H  N N 294 
MQP H11  H  N N 295 
MQP H12  H  N N 296 
MQP H13  H  N N 297 
MQP H14  H  N N 298 
MQP H15  H  N N 299 
MQP H16  H  N N 300 
MQP H17  H  N N 301 
MQP H18  H  N N 302 
MQP H19  H  N N 303 
MQP H20  H  N N 304 
MQP H21  H  N N 305 
MQP H22  H  N N 306 
MQP H23  H  N N 307 
MQP H24  H  N N 308 
MQP H25  H  N N 309 
MQP H26  H  N N 310 
MQP H27  H  N N 311 
MQP H28  H  N N 312 
PHE N    N  N N 313 
PHE CA   C  N S 314 
PHE C    C  N N 315 
PHE O    O  N N 316 
PHE CB   C  N N 317 
PHE CG   C  Y N 318 
PHE CD1  C  Y N 319 
PHE CD2  C  Y N 320 
PHE CE1  C  Y N 321 
PHE CE2  C  Y N 322 
PHE CZ   C  Y N 323 
PHE OXT  O  N N 324 
PHE H    H  N N 325 
PHE H2   H  N N 326 
PHE HA   H  N N 327 
PHE HB2  H  N N 328 
PHE HB3  H  N N 329 
PHE HD1  H  N N 330 
PHE HD2  H  N N 331 
PHE HE1  H  N N 332 
PHE HE2  H  N N 333 
PHE HZ   H  N N 334 
PHE HXT  H  N N 335 
PRO N    N  N N 336 
PRO CA   C  N S 337 
PRO C    C  N N 338 
PRO O    O  N N 339 
PRO CB   C  N N 340 
PRO CG   C  N N 341 
PRO CD   C  N N 342 
PRO OXT  O  N N 343 
PRO H    H  N N 344 
PRO HA   H  N N 345 
PRO HB2  H  N N 346 
PRO HB3  H  N N 347 
PRO HG2  H  N N 348 
PRO HG3  H  N N 349 
PRO HD2  H  N N 350 
PRO HD3  H  N N 351 
PRO HXT  H  N N 352 
SER N    N  N N 353 
SER CA   C  N S 354 
SER C    C  N N 355 
SER O    O  N N 356 
SER CB   C  N N 357 
SER OG   O  N N 358 
SER OXT  O  N N 359 
SER H    H  N N 360 
SER H2   H  N N 361 
SER HA   H  N N 362 
SER HB2  H  N N 363 
SER HB3  H  N N 364 
SER HG   H  N N 365 
SER HXT  H  N N 366 
THR N    N  N N 367 
THR CA   C  N S 368 
THR C    C  N N 369 
THR O    O  N N 370 
THR CB   C  N R 371 
THR OG1  O  N N 372 
THR CG2  C  N N 373 
THR OXT  O  N N 374 
THR H    H  N N 375 
THR H2   H  N N 376 
THR HA   H  N N 377 
THR HB   H  N N 378 
THR HG1  H  N N 379 
THR HG21 H  N N 380 
THR HG22 H  N N 381 
THR HG23 H  N N 382 
THR HXT  H  N N 383 
TRP N    N  N N 384 
TRP CA   C  N S 385 
TRP C    C  N N 386 
TRP O    O  N N 387 
TRP CB   C  N N 388 
TRP CG   C  Y N 389 
TRP CD1  C  Y N 390 
TRP CD2  C  Y N 391 
TRP NE1  N  Y N 392 
TRP CE2  C  Y N 393 
TRP CE3  C  Y N 394 
TRP CZ2  C  Y N 395 
TRP CZ3  C  Y N 396 
TRP CH2  C  Y N 397 
TRP OXT  O  N N 398 
TRP H    H  N N 399 
TRP H2   H  N N 400 
TRP HA   H  N N 401 
TRP HB2  H  N N 402 
TRP HB3  H  N N 403 
TRP HD1  H  N N 404 
TRP HE1  H  N N 405 
TRP HE3  H  N N 406 
TRP HZ2  H  N N 407 
TRP HZ3  H  N N 408 
TRP HH2  H  N N 409 
TRP HXT  H  N N 410 
TYR N    N  N N 411 
TYR CA   C  N S 412 
TYR C    C  N N 413 
TYR O    O  N N 414 
TYR CB   C  N N 415 
TYR CG   C  Y N 416 
TYR CD1  C  Y N 417 
TYR CD2  C  Y N 418 
TYR CE1  C  Y N 419 
TYR CE2  C  Y N 420 
TYR CZ   C  Y N 421 
TYR OH   O  N N 422 
TYR OXT  O  N N 423 
TYR H    H  N N 424 
TYR H2   H  N N 425 
TYR HA   H  N N 426 
TYR HB2  H  N N 427 
TYR HB3  H  N N 428 
TYR HD1  H  N N 429 
TYR HD2  H  N N 430 
TYR HE1  H  N N 431 
TYR HE2  H  N N 432 
TYR HH   H  N N 433 
TYR HXT  H  N N 434 
VAL N    N  N N 435 
VAL CA   C  N S 436 
VAL C    C  N N 437 
VAL O    O  N N 438 
VAL CB   C  N N 439 
VAL CG1  C  N N 440 
VAL CG2  C  N N 441 
VAL OXT  O  N N 442 
VAL H    H  N N 443 
VAL H2   H  N N 444 
VAL HA   H  N N 445 
VAL HB   H  N N 446 
VAL HG11 H  N N 447 
VAL HG12 H  N N 448 
VAL HG13 H  N N 449 
VAL HG21 H  N N 450 
VAL HG22 H  N N 451 
VAL HG23 H  N N 452 
VAL HXT  H  N N 453 
# 
loop_
_chem_comp_bond.comp_id 
_chem_comp_bond.atom_id_1 
_chem_comp_bond.atom_id_2 
_chem_comp_bond.value_order 
_chem_comp_bond.pdbx_aromatic_flag 
_chem_comp_bond.pdbx_stereo_config 
_chem_comp_bond.pdbx_ordinal 
ALA N   CA   sing N N 1   
ALA N   H    sing N N 2   
ALA N   H2   sing N N 3   
ALA CA  C    sing N N 4   
ALA CA  CB   sing N N 5   
ALA CA  HA   sing N N 6   
ALA C   O    doub N N 7   
ALA C   OXT  sing N N 8   
ALA CB  HB1  sing N N 9   
ALA CB  HB2  sing N N 10  
ALA CB  HB3  sing N N 11  
ALA OXT HXT  sing N N 12  
ARG N   CA   sing N N 13  
ARG N   H    sing N N 14  
ARG N   H2   sing N N 15  
ARG CA  C    sing N N 16  
ARG CA  CB   sing N N 17  
ARG CA  HA   sing N N 18  
ARG C   O    doub N N 19  
ARG C   OXT  sing N N 20  
ARG CB  CG   sing N N 21  
ARG CB  HB2  sing N N 22  
ARG CB  HB3  sing N N 23  
ARG CG  CD   sing N N 24  
ARG CG  HG2  sing N N 25  
ARG CG  HG3  sing N N 26  
ARG CD  NE   sing N N 27  
ARG CD  HD2  sing N N 28  
ARG CD  HD3  sing N N 29  
ARG NE  CZ   sing N N 30  
ARG NE  HE   sing N N 31  
ARG CZ  NH1  sing N N 32  
ARG CZ  NH2  doub N N 33  
ARG NH1 HH11 sing N N 34  
ARG NH1 HH12 sing N N 35  
ARG NH2 HH21 sing N N 36  
ARG NH2 HH22 sing N N 37  
ARG OXT HXT  sing N N 38  
ASN N   CA   sing N N 39  
ASN N   H    sing N N 40  
ASN N   H2   sing N N 41  
ASN CA  C    sing N N 42  
ASN CA  CB   sing N N 43  
ASN CA  HA   sing N N 44  
ASN C   O    doub N N 45  
ASN C   OXT  sing N N 46  
ASN CB  CG   sing N N 47  
ASN CB  HB2  sing N N 48  
ASN CB  HB3  sing N N 49  
ASN CG  OD1  doub N N 50  
ASN CG  ND2  sing N N 51  
ASN ND2 HD21 sing N N 52  
ASN ND2 HD22 sing N N 53  
ASN OXT HXT  sing N N 54  
ASP N   CA   sing N N 55  
ASP N   H    sing N N 56  
ASP N   H2   sing N N 57  
ASP CA  C    sing N N 58  
ASP CA  CB   sing N N 59  
ASP CA  HA   sing N N 60  
ASP C   O    doub N N 61  
ASP C   OXT  sing N N 62  
ASP CB  CG   sing N N 63  
ASP CB  HB2  sing N N 64  
ASP CB  HB3  sing N N 65  
ASP CG  OD1  doub N N 66  
ASP CG  OD2  sing N N 67  
ASP OD2 HD2  sing N N 68  
ASP OXT HXT  sing N N 69  
GLN N   CA   sing N N 70  
GLN N   H    sing N N 71  
GLN N   H2   sing N N 72  
GLN CA  C    sing N N 73  
GLN CA  CB   sing N N 74  
GLN CA  HA   sing N N 75  
GLN C   O    doub N N 76  
GLN C   OXT  sing N N 77  
GLN CB  CG   sing N N 78  
GLN CB  HB2  sing N N 79  
GLN CB  HB3  sing N N 80  
GLN CG  CD   sing N N 81  
GLN CG  HG2  sing N N 82  
GLN CG  HG3  sing N N 83  
GLN CD  OE1  doub N N 84  
GLN CD  NE2  sing N N 85  
GLN NE2 HE21 sing N N 86  
GLN NE2 HE22 sing N N 87  
GLN OXT HXT  sing N N 88  
GLU N   CA   sing N N 89  
GLU N   H    sing N N 90  
GLU N   H2   sing N N 91  
GLU CA  C    sing N N 92  
GLU CA  CB   sing N N 93  
GLU CA  HA   sing N N 94  
GLU C   O    doub N N 95  
GLU C   OXT  sing N N 96  
GLU CB  CG   sing N N 97  
GLU CB  HB2  sing N N 98  
GLU CB  HB3  sing N N 99  
GLU CG  CD   sing N N 100 
GLU CG  HG2  sing N N 101 
GLU CG  HG3  sing N N 102 
GLU CD  OE1  doub N N 103 
GLU CD  OE2  sing N N 104 
GLU OE2 HE2  sing N N 105 
GLU OXT HXT  sing N N 106 
GLY N   CA   sing N N 107 
GLY N   H    sing N N 108 
GLY N   H2   sing N N 109 
GLY CA  C    sing N N 110 
GLY CA  HA2  sing N N 111 
GLY CA  HA3  sing N N 112 
GLY C   O    doub N N 113 
GLY C   OXT  sing N N 114 
GLY OXT HXT  sing N N 115 
HIS N   CA   sing N N 116 
HIS N   H    sing N N 117 
HIS N   H2   sing N N 118 
HIS CA  C    sing N N 119 
HIS CA  CB   sing N N 120 
HIS CA  HA   sing N N 121 
HIS C   O    doub N N 122 
HIS C   OXT  sing N N 123 
HIS CB  CG   sing N N 124 
HIS CB  HB2  sing N N 125 
HIS CB  HB3  sing N N 126 
HIS CG  ND1  sing Y N 127 
HIS CG  CD2  doub Y N 128 
HIS ND1 CE1  doub Y N 129 
HIS ND1 HD1  sing N N 130 
HIS CD2 NE2  sing Y N 131 
HIS CD2 HD2  sing N N 132 
HIS CE1 NE2  sing Y N 133 
HIS CE1 HE1  sing N N 134 
HIS NE2 HE2  sing N N 135 
HIS OXT HXT  sing N N 136 
HOH O   H1   sing N N 137 
HOH O   H2   sing N N 138 
ILE N   CA   sing N N 139 
ILE N   H    sing N N 140 
ILE N   H2   sing N N 141 
ILE CA  C    sing N N 142 
ILE CA  CB   sing N N 143 
ILE CA  HA   sing N N 144 
ILE C   O    doub N N 145 
ILE C   OXT  sing N N 146 
ILE CB  CG1  sing N N 147 
ILE CB  CG2  sing N N 148 
ILE CB  HB   sing N N 149 
ILE CG1 CD1  sing N N 150 
ILE CG1 HG12 sing N N 151 
ILE CG1 HG13 sing N N 152 
ILE CG2 HG21 sing N N 153 
ILE CG2 HG22 sing N N 154 
ILE CG2 HG23 sing N N 155 
ILE CD1 HD11 sing N N 156 
ILE CD1 HD12 sing N N 157 
ILE CD1 HD13 sing N N 158 
ILE OXT HXT  sing N N 159 
LEU N   CA   sing N N 160 
LEU N   H    sing N N 161 
LEU N   H2   sing N N 162 
LEU CA  C    sing N N 163 
LEU CA  CB   sing N N 164 
LEU CA  HA   sing N N 165 
LEU C   O    doub N N 166 
LEU C   OXT  sing N N 167 
LEU CB  CG   sing N N 168 
LEU CB  HB2  sing N N 169 
LEU CB  HB3  sing N N 170 
LEU CG  CD1  sing N N 171 
LEU CG  CD2  sing N N 172 
LEU CG  HG   sing N N 173 
LEU CD1 HD11 sing N N 174 
LEU CD1 HD12 sing N N 175 
LEU CD1 HD13 sing N N 176 
LEU CD2 HD21 sing N N 177 
LEU CD2 HD22 sing N N 178 
LEU CD2 HD23 sing N N 179 
LEU OXT HXT  sing N N 180 
LYS N   CA   sing N N 181 
LYS N   H    sing N N 182 
LYS N   H2   sing N N 183 
LYS CA  C    sing N N 184 
LYS CA  CB   sing N N 185 
LYS CA  HA   sing N N 186 
LYS C   O    doub N N 187 
LYS C   OXT  sing N N 188 
LYS CB  CG   sing N N 189 
LYS CB  HB2  sing N N 190 
LYS CB  HB3  sing N N 191 
LYS CG  CD   sing N N 192 
LYS CG  HG2  sing N N 193 
LYS CG  HG3  sing N N 194 
LYS CD  CE   sing N N 195 
LYS CD  HD2  sing N N 196 
LYS CD  HD3  sing N N 197 
LYS CE  NZ   sing N N 198 
LYS CE  HE2  sing N N 199 
LYS CE  HE3  sing N N 200 
LYS NZ  HZ1  sing N N 201 
LYS NZ  HZ2  sing N N 202 
LYS NZ  HZ3  sing N N 203 
LYS OXT HXT  sing N N 204 
MET N   CA   sing N N 205 
MET N   H    sing N N 206 
MET N   H2   sing N N 207 
MET CA  C    sing N N 208 
MET CA  CB   sing N N 209 
MET CA  HA   sing N N 210 
MET C   O    doub N N 211 
MET C   OXT  sing N N 212 
MET CB  CG   sing N N 213 
MET CB  HB2  sing N N 214 
MET CB  HB3  sing N N 215 
MET CG  SD   sing N N 216 
MET CG  HG2  sing N N 217 
MET CG  HG3  sing N N 218 
MET SD  CE   sing N N 219 
MET CE  HE1  sing N N 220 
MET CE  HE2  sing N N 221 
MET CE  HE3  sing N N 222 
MET OXT HXT  sing N N 223 
MQP CBT CBU  doub Y N 224 
MQP CBT CBS  sing Y N 225 
MQP CBU CBV  sing Y N 226 
MQP CBS CBR  doub Y N 227 
MQP CBV CBQ  doub Y N 228 
MQP CBR CBQ  sing Y N 229 
MQP CBQ CAD  sing N N 230 
MQP CAF CAG  doub N N 231 
MQP CAF CAE  sing N N 232 
MQP CAG CAH  sing N N 233 
MQP CBC CBB  doub Y N 234 
MQP CBC CBD  sing Y N 235 
MQP CBB CBA  sing Y N 236 
MQP CAE CAD  doub N N 237 
MQP CAE NAI  sing N N 238 
MQP CAD CAW  sing N N 239 
MQP CBD CAY  doub Y N 240 
MQP CBA CAZ  doub Y N 241 
MQP CAH NAI  doub N N 242 
MQP CAH CAA  sing N N 243 
MQP CAZ CAY  sing Y N 244 
MQP CAY CAA  sing N N 245 
MQP NAI FE   sing N N 246 
MQP CAW CAV  doub Y N 247 
MQP CAW NAX  sing Y N 248 
MQP CAV CAU  sing Y N 249 
MQP CAA CAJ  doub N N 250 
MQP CAU CAT  doub Y N 251 
MQP NAX FE   sing N N 252 
MQP NAX CAT  sing Y N 253 
MQP CAJ NAN  sing N N 254 
MQP CAJ CAK  sing N N 255 
MQP FE  NAN  sing N N 256 
MQP FE  NAS  sing N N 257 
MQP CAT CAC  sing N N 258 
MQP NAN CAM  sing N N 259 
MQP CAK CAL  doub N N 260 
MQP CAC CBK  sing N N 261 
MQP CAC CAR  doub N N 262 
MQP CAM CAL  sing N N 263 
MQP CAM CAB  doub N N 264 
MQP NAS CAR  sing N N 265 
MQP NAS CAO  doub N N 266 
MQP CBK CBP  doub Y N 267 
MQP CBK CBL  sing Y N 268 
MQP CAR CAQ  sing N N 269 
MQP CBP CBO  sing Y N 270 
MQP CBL CBM  doub Y N 271 
MQP CAB CAO  sing N N 272 
MQP CAB CBE  sing N N 273 
MQP CAO CAP  sing N N 274 
MQP CBO CBN  doub Y N 275 
MQP CBM CBN  sing Y N 276 
MQP CAQ CAP  doub N N 277 
MQP CBE CBJ  doub Y N 278 
MQP CBE CBF  sing Y N 279 
MQP CBJ CBI  sing Y N 280 
MQP CBF CBG  doub Y N 281 
MQP CBI CBH  doub Y N 282 
MQP CBG CBH  sing Y N 283 
MQP CAZ H1   sing N N 284 
MQP CBA H2   sing N N 285 
MQP CBB H3   sing N N 286 
MQP CBC H4   sing N N 287 
MQP CBD H5   sing N N 288 
MQP CAK H6   sing N N 289 
MQP CAL H7   sing N N 290 
MQP CAG H8   sing N N 291 
MQP CAF H9   sing N N 292 
MQP CBR H10  sing N N 293 
MQP CBS H11  sing N N 294 
MQP CBT H12  sing N N 295 
MQP CBU H13  sing N N 296 
MQP CBV H14  sing N N 297 
MQP CAV H15  sing N N 298 
MQP CAU H16  sing N N 299 
MQP CBL H17  sing N N 300 
MQP CBM H18  sing N N 301 
MQP CBN H19  sing N N 302 
MQP CBO H20  sing N N 303 
MQP CBP H21  sing N N 304 
MQP CAQ H22  sing N N 305 
MQP CAP H23  sing N N 306 
MQP CBF H24  sing N N 307 
MQP CBG H25  sing N N 308 
MQP CBH H26  sing N N 309 
MQP CBI H27  sing N N 310 
MQP CBJ H28  sing N N 311 
PHE N   CA   sing N N 312 
PHE N   H    sing N N 313 
PHE N   H2   sing N N 314 
PHE CA  C    sing N N 315 
PHE CA  CB   sing N N 316 
PHE CA  HA   sing N N 317 
PHE C   O    doub N N 318 
PHE C   OXT  sing N N 319 
PHE CB  CG   sing N N 320 
PHE CB  HB2  sing N N 321 
PHE CB  HB3  sing N N 322 
PHE CG  CD1  doub Y N 323 
PHE CG  CD2  sing Y N 324 
PHE CD1 CE1  sing Y N 325 
PHE CD1 HD1  sing N N 326 
PHE CD2 CE2  doub Y N 327 
PHE CD2 HD2  sing N N 328 
PHE CE1 CZ   doub Y N 329 
PHE CE1 HE1  sing N N 330 
PHE CE2 CZ   sing Y N 331 
PHE CE2 HE2  sing N N 332 
PHE CZ  HZ   sing N N 333 
PHE OXT HXT  sing N N 334 
PRO N   CA   sing N N 335 
PRO N   CD   sing N N 336 
PRO N   H    sing N N 337 
PRO CA  C    sing N N 338 
PRO CA  CB   sing N N 339 
PRO CA  HA   sing N N 340 
PRO C   O    doub N N 341 
PRO C   OXT  sing N N 342 
PRO CB  CG   sing N N 343 
PRO CB  HB2  sing N N 344 
PRO CB  HB3  sing N N 345 
PRO CG  CD   sing N N 346 
PRO CG  HG2  sing N N 347 
PRO CG  HG3  sing N N 348 
PRO CD  HD2  sing N N 349 
PRO CD  HD3  sing N N 350 
PRO OXT HXT  sing N N 351 
SER N   CA   sing N N 352 
SER N   H    sing N N 353 
SER N   H2   sing N N 354 
SER CA  C    sing N N 355 
SER CA  CB   sing N N 356 
SER CA  HA   sing N N 357 
SER C   O    doub N N 358 
SER C   OXT  sing N N 359 
SER CB  OG   sing N N 360 
SER CB  HB2  sing N N 361 
SER CB  HB3  sing N N 362 
SER OG  HG   sing N N 363 
SER OXT HXT  sing N N 364 
THR N   CA   sing N N 365 
THR N   H    sing N N 366 
THR N   H2   sing N N 367 
THR CA  C    sing N N 368 
THR CA  CB   sing N N 369 
THR CA  HA   sing N N 370 
THR C   O    doub N N 371 
THR C   OXT  sing N N 372 
THR CB  OG1  sing N N 373 
THR CB  CG2  sing N N 374 
THR CB  HB   sing N N 375 
THR OG1 HG1  sing N N 376 
THR CG2 HG21 sing N N 377 
THR CG2 HG22 sing N N 378 
THR CG2 HG23 sing N N 379 
THR OXT HXT  sing N N 380 
TRP N   CA   sing N N 381 
TRP N   H    sing N N 382 
TRP N   H2   sing N N 383 
TRP CA  C    sing N N 384 
TRP CA  CB   sing N N 385 
TRP CA  HA   sing N N 386 
TRP C   O    doub N N 387 
TRP C   OXT  sing N N 388 
TRP CB  CG   sing N N 389 
TRP CB  HB2  sing N N 390 
TRP CB  HB3  sing N N 391 
TRP CG  CD1  doub Y N 392 
TRP CG  CD2  sing Y N 393 
TRP CD1 NE1  sing Y N 394 
TRP CD1 HD1  sing N N 395 
TRP CD2 CE2  doub Y N 396 
TRP CD2 CE3  sing Y N 397 
TRP NE1 CE2  sing Y N 398 
TRP NE1 HE1  sing N N 399 
TRP CE2 CZ2  sing Y N 400 
TRP CE3 CZ3  doub Y N 401 
TRP CE3 HE3  sing N N 402 
TRP CZ2 CH2  doub Y N 403 
TRP CZ2 HZ2  sing N N 404 
TRP CZ3 CH2  sing Y N 405 
TRP CZ3 HZ3  sing N N 406 
TRP CH2 HH2  sing N N 407 
TRP OXT HXT  sing N N 408 
TYR N   CA   sing N N 409 
TYR N   H    sing N N 410 
TYR N   H2   sing N N 411 
TYR CA  C    sing N N 412 
TYR CA  CB   sing N N 413 
TYR CA  HA   sing N N 414 
TYR C   O    doub N N 415 
TYR C   OXT  sing N N 416 
TYR CB  CG   sing N N 417 
TYR CB  HB2  sing N N 418 
TYR CB  HB3  sing N N 419 
TYR CG  CD1  doub Y N 420 
TYR CG  CD2  sing Y N 421 
TYR CD1 CE1  sing Y N 422 
TYR CD1 HD1  sing N N 423 
TYR CD2 CE2  doub Y N 424 
TYR CD2 HD2  sing N N 425 
TYR CE1 CZ   doub Y N 426 
TYR CE1 HE1  sing N N 427 
TYR CE2 CZ   sing Y N 428 
TYR CE2 HE2  sing N N 429 
TYR CZ  OH   sing N N 430 
TYR OH  HH   sing N N 431 
TYR OXT HXT  sing N N 432 
VAL N   CA   sing N N 433 
VAL N   H    sing N N 434 
VAL N   H2   sing N N 435 
VAL CA  C    sing N N 436 
VAL CA  CB   sing N N 437 
VAL CA  HA   sing N N 438 
VAL C   O    doub N N 439 
VAL C   OXT  sing N N 440 
VAL CB  CG1  sing N N 441 
VAL CB  CG2  sing N N 442 
VAL CB  HB   sing N N 443 
VAL CG1 HG11 sing N N 444 
VAL CG1 HG12 sing N N 445 
VAL CG1 HG13 sing N N 446 
VAL CG2 HG21 sing N N 447 
VAL CG2 HG22 sing N N 448 
VAL CG2 HG23 sing N N 449 
VAL OXT HXT  sing N N 450 
# 
loop_
_pdbx_audit_support.funding_organization 
_pdbx_audit_support.country 
_pdbx_audit_support.grant_number 
_pdbx_audit_support.ordinal 
'Japan Society for the Promotion of Science (JSPS)' Japan JP18H02084 1 
'Japan Science and Technology'                      Japan JPMJCR15P3 2 
'Japan Society for the Promotion of Science (JSPS)' Japan JP18J15250 3 
# 
_pdbx_entity_instance_feature.ordinal        1 
_pdbx_entity_instance_feature.comp_id        MQP 
_pdbx_entity_instance_feature.asym_id        ? 
_pdbx_entity_instance_feature.seq_num        ? 
_pdbx_entity_instance_feature.auth_comp_id   MQP 
_pdbx_entity_instance_feature.auth_asym_id   ? 
_pdbx_entity_instance_feature.auth_seq_num   ? 
_pdbx_entity_instance_feature.feature_type   'SUBJECT OF INVESTIGATION' 
_pdbx_entity_instance_feature.details        ? 
# 
loop_
_pdbx_entity_nonpoly.entity_id 
_pdbx_entity_nonpoly.name 
_pdbx_entity_nonpoly.comp_id 
2 '[5,10,15,20-tetraphenylporphyrinato(2-)-kappa~4~N~21~,N~22~,N~23~,N~24~]iron' MQP 
3 water                                                                          HOH 
# 
_pdbx_initial_refinement_model.id               1 
_pdbx_initial_refinement_model.entity_id_list   ? 
_pdbx_initial_refinement_model.type             'experimental model' 
_pdbx_initial_refinement_model.source_name      PDB 
_pdbx_initial_refinement_model.accession_code   3ELL 
_pdbx_initial_refinement_model.details          ? 
# 
_pdbx_struct_assembly_auth_evidence.id                     1 
_pdbx_struct_assembly_auth_evidence.assembly_id            1 
_pdbx_struct_assembly_auth_evidence.experimental_support   'mass spectrometry' 
_pdbx_struct_assembly_auth_evidence.details                ? 
# 
